data_8ZEK
#
_entry.id   8ZEK
#
_cell.length_a   1.00
_cell.length_b   1.00
_cell.length_c   1.00
_cell.angle_alpha   90.00
_cell.angle_beta   90.00
_cell.angle_gamma   90.00
#
_symmetry.space_group_name_H-M   'P 1'
#
loop_
_entity.id
_entity.type
_entity.pdbx_description
1 polymer 'site-specific DNA-methyltransferase (adenine-specific)'
2 polymer 'Protein Ocr'
#
loop_
_entity_poly.entity_id
_entity_poly.type
_entity_poly.pdbx_seq_one_letter_code
_entity_poly.pdbx_strand_id
1 'polypeptide(L)'
;MNTNNIKKYAPQARNDFRDAVIQKLTTLGIAADKKGNLQIAEAETIGETVRYGQFDYPLSTLPRRERLVKRAREQGFEVL
VEHCAYTWFNRLCAIRYMELHGYLDHGFRMLSHPETPTAFEVLDHVPEVAEALLPESKAQLVEMKLSGNQDEALYRELLL
GQCHALHHAMPFLFEAVDDEAELLLPDNLTRTDSILRGLVDDIPEEDWEQVEVIGWLYQFYISEKKDAVIGKVVKSEDIP
AATQLFTPNWIVQYLVQNSVGRQWLQTYPDSPLKDKMEYYIEPAEQTPEVQAQLAAITPASIEPESIKVLDPACGSGHIL
TEAYNVLKAIYEERGYRTRDIPQLILENNIFGLDIDDRAAQLSGFAMLMLARQDDRRILGRGVRLNIVSLQESKLDIAEV
WTKLNFHQHMQRGSMGDMFTQGTALANTDSAEYKLLMRTLALFTSAKTLGSLIQVPQEDEAALKAFLEGLYRLAVEGDIQ
QKEAAAELIPYIQQAWILAQRYDAVVANPPYMGGKGMNGDLKEFAKKQFPDSKSDLFAMFMQHAFSLLKENGFNAQVNMQ
SWMFLSSYEALRGWLLDNKTFITMAHLGARAFGQISGEVVQTTAWVIKNNHSGFYKPVFFRLVDDNEEHKKNNLLNRMNC
FKNTLQNDFKKIPGSPIAYWATLAFINSFLKLPALGTRAVKGLDTNGSIDVFLRRWPEVSINSFDALGKGNSKWFPIAKG
GELRKWFGNHEYIINYENDGIELRKNKANLRNKDMYFQEGGTWTVVSTTGFSMRYMPKGFLFDQGGSAVFCENNDELSIY
NILACMNSKYINYSASLICPTLNFTTGDVRKFPVIKNNHLEDLAKKAIEISKADWNQFETSWEFSKNKLIEHKGNVAYSY
ASYCNFQDKLYEQLVNIEKNINNIIEEILGFKIETTENSELITLNSNKIYRYGQSETNDTFLNRHRSDTISELISYSVGC
QMGRYSLDREGLVYAHEGNKGFADLVAEGAYKTFPADSDGILPLMDDEWFEDDVTSRVKEFVRTVWGEEHLQENLEFIAE
SLCLYAIKPKKGESALETIRRYLSTQFWKDHMKMYKKRPIYWLFSSGKEKAFECLVYLHRYNDATLSRMRTEYVVPLLAR
YQANIDRLNDQLDEASGGEATRLKRERDSLIKKFSELRSYDDRLRHYADMRISIDLDDGVKVNYGKFGDLLADVKAITGN
APEVI
;
A
2 'polypeptide(L)'
;MAMSNMTYNNVFDHAYEMLKENIRYDDIRDTDDLHDAIHMAADNAVPHYYADIFSVMASEGIDLEFEDSGLMPDTKDVIR
ILQARIYEQLTIDLWEDAEDLLNEYLEEVEEYEEDEE
;
B,C
#
# COMPACT_ATOMS: atom_id res chain seq x y z
N MET A 1 0.70 4.17 -32.03
CA MET A 1 1.80 4.64 -31.19
C MET A 1 2.04 3.70 -30.02
N ASN A 2 3.21 3.83 -29.41
CA ASN A 2 3.56 2.99 -28.25
C ASN A 2 4.56 3.77 -27.41
N THR A 3 4.08 4.37 -26.31
CA THR A 3 4.98 4.99 -25.36
C THR A 3 5.82 3.97 -24.61
N ASN A 4 5.43 2.69 -24.66
CA ASN A 4 6.20 1.66 -23.98
C ASN A 4 7.55 1.43 -24.65
N ASN A 5 7.61 1.60 -25.97
CA ASN A 5 8.87 1.43 -26.68
C ASN A 5 9.91 2.43 -26.20
N ILE A 6 9.56 3.71 -26.19
CA ILE A 6 10.49 4.73 -25.71
C ILE A 6 10.70 4.59 -24.21
N LYS A 7 9.67 4.16 -23.47
CA LYS A 7 9.82 3.93 -22.03
C LYS A 7 10.89 2.88 -21.73
N LYS A 8 10.93 1.81 -22.52
CA LYS A 8 11.98 0.81 -22.37
C LYS A 8 13.33 1.29 -22.91
N TYR A 9 13.35 1.99 -24.04
CA TYR A 9 14.60 2.37 -24.69
C TYR A 9 15.35 3.50 -24.01
N ALA A 10 14.64 4.47 -23.40
CA ALA A 10 15.31 5.64 -22.85
C ALA A 10 16.28 5.30 -21.72
N PRO A 11 15.90 4.50 -20.71
CA PRO A 11 16.91 4.12 -19.70
C PRO A 11 18.09 3.37 -20.28
N GLN A 12 17.85 2.52 -21.28
CA GLN A 12 18.96 1.84 -21.94
C GLN A 12 19.84 2.83 -22.70
N ALA A 13 19.22 3.85 -23.31
CA ALA A 13 20.00 4.91 -23.95
C ALA A 13 20.86 5.63 -22.93
N ARG A 14 20.29 5.92 -21.76
CA ARG A 14 21.06 6.54 -20.68
C ARG A 14 22.24 5.66 -20.27
N ASN A 15 22.01 4.36 -20.13
CA ASN A 15 23.07 3.45 -19.73
C ASN A 15 24.20 3.43 -20.76
N ASP A 16 23.84 3.28 -22.04
CA ASP A 16 24.89 3.19 -23.06
C ASP A 16 25.64 4.52 -23.20
N PHE A 17 24.92 5.64 -23.08
CA PHE A 17 25.60 6.93 -23.15
C PHE A 17 26.53 7.14 -21.98
N ARG A 18 26.12 6.72 -20.77
CA ARG A 18 27.01 6.79 -19.63
C ARG A 18 28.24 5.94 -19.84
N ASP A 19 28.06 4.74 -20.39
CA ASP A 19 29.20 3.87 -20.67
C ASP A 19 30.14 4.52 -21.68
N ALA A 20 29.58 5.14 -22.73
CA ALA A 20 30.41 5.81 -23.72
C ALA A 20 31.18 6.97 -23.11
N VAL A 21 30.52 7.75 -22.25
CA VAL A 21 31.20 8.88 -21.61
C VAL A 21 32.34 8.38 -20.74
N ILE A 22 32.09 7.34 -19.95
CA ILE A 22 33.13 6.82 -19.07
C ILE A 22 34.31 6.28 -19.87
N GLN A 23 34.03 5.50 -20.92
CA GLN A 23 35.12 4.93 -21.70
C GLN A 23 35.91 6.01 -22.43
N LYS A 24 35.23 7.03 -22.97
CA LYS A 24 35.95 8.10 -23.64
C LYS A 24 36.80 8.90 -22.66
N LEU A 25 36.27 9.16 -21.46
CA LEU A 25 37.06 9.89 -20.47
C LEU A 25 38.28 9.08 -20.03
N THR A 26 38.12 7.77 -19.87
CA THR A 26 39.27 6.93 -19.55
C THR A 26 40.30 6.95 -20.68
N THR A 27 39.85 6.89 -21.93
CA THR A 27 40.77 7.00 -23.05
C THR A 27 41.38 8.40 -23.16
N LEU A 28 40.79 9.39 -22.51
CA LEU A 28 41.37 10.72 -22.43
C LEU A 28 42.35 10.87 -21.26
N GLY A 29 42.55 9.82 -20.48
CA GLY A 29 43.39 9.86 -19.32
C GLY A 29 42.69 10.23 -18.03
N ILE A 30 41.44 10.65 -18.11
CA ILE A 30 40.66 11.02 -16.93
C ILE A 30 40.03 9.77 -16.35
N ALA A 31 40.26 9.55 -15.06
CA ALA A 31 39.81 8.33 -14.40
C ALA A 31 39.13 8.68 -13.09
N ALA A 32 38.35 7.74 -12.57
CA ALA A 32 37.62 7.90 -11.32
C ALA A 32 37.99 6.76 -10.38
N ASP A 33 37.94 7.07 -9.09
CA ASP A 33 38.27 6.11 -8.04
C ASP A 33 37.01 5.42 -7.52
N LYS A 34 37.22 4.29 -6.86
CA LYS A 34 36.11 3.61 -6.20
C LYS A 34 35.56 4.43 -5.03
N LYS A 35 36.36 5.34 -4.49
CA LYS A 35 35.89 6.31 -3.51
C LYS A 35 35.32 7.56 -4.15
N GLY A 36 35.30 7.64 -5.47
CA GLY A 36 34.84 8.82 -6.18
C GLY A 36 35.92 9.84 -6.48
N ASN A 37 37.15 9.60 -6.02
CA ASN A 37 38.23 10.55 -6.27
C ASN A 37 38.55 10.62 -7.76
N LEU A 38 38.94 11.81 -8.21
CA LEU A 38 39.27 12.03 -9.60
C LEU A 38 40.76 11.79 -9.84
N GLN A 39 41.07 11.11 -10.93
CA GLN A 39 42.45 10.81 -11.31
C GLN A 39 42.76 11.48 -12.64
N ILE A 40 43.91 12.16 -12.69
CA ILE A 40 44.30 12.96 -13.85
C ILE A 40 45.61 12.40 -14.40
N ALA A 41 45.64 12.14 -15.70
CA ALA A 41 46.84 11.68 -16.38
C ALA A 41 47.51 12.85 -17.10
N GLU A 42 48.83 12.93 -16.96
CA GLU A 42 49.61 14.02 -17.54
C GLU A 42 50.21 13.56 -18.86
N ALA A 43 50.00 14.34 -19.91
CA ALA A 43 50.52 14.02 -21.24
C ALA A 43 51.85 14.75 -21.43
N GLU A 44 52.94 13.98 -21.45
CA GLU A 44 54.26 14.57 -21.68
C GLU A 44 54.37 15.06 -23.12
N THR A 45 55.15 16.13 -23.31
CA THR A 45 55.34 16.72 -24.63
C THR A 45 56.53 16.05 -25.31
N ILE A 46 56.27 14.89 -25.89
CA ILE A 46 57.32 14.15 -26.59
C ILE A 46 57.77 14.91 -27.84
N GLY A 47 56.81 15.36 -28.64
CA GLY A 47 57.10 16.05 -29.89
C GLY A 47 56.02 17.04 -30.23
N GLU A 48 55.58 17.00 -31.49
CA GLU A 48 54.51 17.91 -31.91
C GLU A 48 53.22 17.65 -31.13
N THR A 49 52.93 16.39 -30.82
CA THR A 49 51.76 16.01 -30.05
C THR A 49 52.18 15.58 -28.64
N VAL A 50 51.21 15.14 -27.86
CA VAL A 50 51.44 14.71 -26.48
C VAL A 50 50.89 13.31 -26.31
N ARG A 51 51.16 12.73 -25.14
CA ARG A 51 50.69 11.39 -24.82
C ARG A 51 50.78 11.17 -23.32
N TYR A 52 49.70 10.63 -22.75
CA TYR A 52 49.68 10.26 -21.34
C TYR A 52 50.44 8.97 -21.06
N GLY A 53 51.20 8.46 -22.03
CA GLY A 53 51.92 7.22 -21.90
C GLY A 53 51.30 6.05 -22.64
N GLN A 54 50.02 6.12 -22.97
CA GLN A 54 49.38 5.04 -23.71
C GLN A 54 48.59 5.56 -24.92
N PHE A 55 48.06 6.78 -24.81
CA PHE A 55 47.23 7.37 -25.85
C PHE A 55 47.83 8.70 -26.30
N ASP A 56 48.16 8.78 -27.59
CA ASP A 56 48.82 9.96 -28.15
C ASP A 56 47.78 11.03 -28.43
N TYR A 57 47.57 11.90 -27.45
CA TYR A 57 46.63 13.00 -27.60
C TYR A 57 47.23 14.11 -28.45
N PRO A 58 46.39 14.84 -29.20
CA PRO A 58 46.90 16.01 -29.92
C PRO A 58 47.27 17.13 -28.96
N LEU A 59 48.47 17.70 -29.16
CA LEU A 59 48.94 18.77 -28.28
C LEU A 59 48.07 20.02 -28.39
N SER A 60 47.61 20.34 -29.60
CA SER A 60 46.77 21.52 -29.79
C SER A 60 45.48 21.42 -28.98
N THR A 61 44.91 20.22 -28.91
CA THR A 61 43.68 19.99 -28.15
C THR A 61 43.93 19.74 -26.68
N LEU A 62 45.19 19.59 -26.26
CA LEU A 62 45.49 19.34 -24.85
C LEU A 62 44.98 20.41 -23.91
N PRO A 63 45.10 21.71 -24.19
CA PRO A 63 44.51 22.70 -23.26
C PRO A 63 43.01 22.54 -23.10
N ARG A 64 42.30 22.10 -24.13
CA ARG A 64 40.88 21.81 -23.98
C ARG A 64 40.67 20.67 -23.00
N ARG A 65 41.49 19.63 -23.09
CA ARG A 65 41.40 18.53 -22.14
C ARG A 65 41.71 19.01 -20.73
N GLU A 66 42.63 19.96 -20.58
CA GLU A 66 42.90 20.53 -19.26
C GLU A 66 41.70 21.32 -18.75
N ARG A 67 41.01 22.04 -19.65
CA ARG A 67 39.78 22.74 -19.25
C ARG A 67 38.72 21.75 -18.79
N LEU A 68 38.59 20.63 -19.49
CA LEU A 68 37.66 19.59 -19.06
C LEU A 68 38.06 19.02 -17.71
N VAL A 69 39.36 18.83 -17.48
CA VAL A 69 39.85 18.36 -16.20
C VAL A 69 39.50 19.36 -15.10
N LYS A 70 39.64 20.65 -15.38
CA LYS A 70 39.27 21.67 -14.40
C LYS A 70 37.77 21.65 -14.12
N ARG A 71 36.96 21.43 -15.16
CA ARG A 71 35.52 21.28 -14.95
C ARG A 71 35.22 20.10 -14.03
N ALA A 72 35.89 18.97 -14.26
CA ALA A 72 35.69 17.80 -13.42
C ALA A 72 36.11 18.07 -11.98
N ARG A 73 37.27 18.72 -11.79
CA ARG A 73 37.72 19.10 -10.46
C ARG A 73 36.78 20.06 -9.76
N GLU A 74 36.11 20.94 -10.51
CA GLU A 74 35.13 21.86 -9.96
C GLU A 74 33.82 21.20 -9.59
N GLN A 75 33.40 20.18 -10.35
CA GLN A 75 32.11 19.54 -10.14
C GLN A 75 32.22 18.13 -9.59
N GLY A 76 32.94 17.26 -10.28
CA GLY A 76 33.04 15.85 -9.92
C GLY A 76 32.94 15.01 -11.17
N PHE A 77 33.44 13.78 -11.07
CA PHE A 77 33.48 12.91 -12.25
C PHE A 77 32.07 12.48 -12.65
N GLU A 78 31.27 12.02 -11.69
CA GLU A 78 29.98 11.42 -12.02
C GLU A 78 29.01 12.47 -12.57
N VAL A 79 29.02 13.66 -11.98
CA VAL A 79 28.13 14.73 -12.43
C VAL A 79 28.49 15.15 -13.85
N LEU A 80 29.78 15.30 -14.13
CA LEU A 80 30.20 15.64 -15.49
C LEU A 80 29.81 14.55 -16.47
N VAL A 81 29.95 13.28 -16.06
CA VAL A 81 29.61 12.17 -16.93
C VAL A 81 28.12 12.21 -17.29
N GLU A 82 27.26 12.36 -16.28
CA GLU A 82 25.82 12.38 -16.56
C GLU A 82 25.45 13.59 -17.38
N HIS A 83 26.08 14.74 -17.11
CA HIS A 83 25.84 15.93 -17.92
C HIS A 83 26.13 15.68 -19.38
N CYS A 84 27.32 15.12 -19.66
CA CYS A 84 27.71 14.88 -21.05
C CYS A 84 26.78 13.88 -21.72
N ALA A 85 26.45 12.79 -21.02
CA ALA A 85 25.58 11.78 -21.62
C ALA A 85 24.20 12.34 -21.93
N TYR A 86 23.63 13.08 -20.98
CA TYR A 86 22.31 13.68 -21.18
C TYR A 86 22.33 14.66 -22.34
N THR A 87 23.37 15.51 -22.42
CA THR A 87 23.45 16.48 -23.50
C THR A 87 23.55 15.80 -24.86
N TRP A 88 24.37 14.75 -24.96
CA TRP A 88 24.51 14.04 -26.22
C TRP A 88 23.21 13.35 -26.62
N PHE A 89 22.51 12.77 -25.65
CA PHE A 89 21.22 12.16 -25.95
C PHE A 89 20.23 13.20 -26.49
N ASN A 90 20.18 14.36 -25.84
CA ASN A 90 19.29 15.42 -26.30
C ASN A 90 19.66 15.87 -27.71
N ARG A 91 20.95 16.06 -27.98
CA ARG A 91 21.39 16.50 -29.29
C ARG A 91 21.01 15.49 -30.37
N LEU A 92 21.24 14.21 -30.09
CA LEU A 92 20.91 13.17 -31.06
C LEU A 92 19.42 13.12 -31.34
N CYS A 93 18.60 13.21 -30.29
CA CYS A 93 17.16 13.23 -30.51
C CYS A 93 16.73 14.46 -31.30
N ALA A 94 17.34 15.61 -31.03
CA ALA A 94 17.00 16.82 -31.75
C ALA A 94 17.32 16.69 -33.23
N ILE A 95 18.50 16.15 -33.55
CA ILE A 95 18.87 15.99 -34.95
C ILE A 95 17.97 14.97 -35.63
N ARG A 96 17.60 13.91 -34.91
CA ARG A 96 16.69 12.91 -35.47
C ARG A 96 15.36 13.54 -35.83
N TYR A 97 14.79 14.33 -34.91
CA TYR A 97 13.53 15.01 -35.20
C TYR A 97 13.69 15.99 -36.36
N MET A 98 14.83 16.68 -36.40
CA MET A 98 15.08 17.66 -37.46
C MET A 98 15.08 16.98 -38.83
N GLU A 99 15.73 15.83 -38.93
CA GLU A 99 15.84 15.16 -40.23
C GLU A 99 14.54 14.47 -40.61
N LEU A 100 13.80 13.94 -39.63
CA LEU A 100 12.57 13.22 -39.96
C LEU A 100 11.53 14.13 -40.61
N HIS A 101 11.38 15.36 -40.11
CA HIS A 101 10.42 16.31 -40.66
C HIS A 101 10.95 17.05 -41.89
N GLY A 102 12.22 16.83 -42.25
CA GLY A 102 12.77 17.50 -43.41
C GLY A 102 12.85 19.00 -43.30
N TYR A 103 13.03 19.53 -42.10
CA TYR A 103 13.18 20.97 -41.93
C TYR A 103 14.59 21.44 -42.25
N LEU A 104 15.54 20.52 -42.35
CA LEU A 104 16.93 20.89 -42.61
C LEU A 104 17.07 21.49 -44.00
N ASP A 105 18.05 22.40 -44.14
CA ASP A 105 18.24 23.10 -45.41
C ASP A 105 18.60 22.13 -46.54
N HIS A 106 19.46 21.16 -46.25
CA HIS A 106 19.88 20.22 -47.29
C HIS A 106 18.74 19.29 -47.70
N GLY A 107 17.82 19.00 -46.78
CA GLY A 107 16.72 18.11 -47.09
C GLY A 107 17.12 16.65 -47.29
N PHE A 108 18.01 16.14 -46.45
CA PHE A 108 18.39 14.74 -46.48
C PHE A 108 18.31 14.18 -45.07
N ARG A 109 18.47 12.86 -44.96
CA ARG A 109 18.41 12.17 -43.69
C ARG A 109 19.81 11.82 -43.21
N MET A 110 20.20 12.38 -42.06
CA MET A 110 21.54 12.17 -41.52
C MET A 110 21.66 10.83 -40.79
N LEU A 111 20.82 10.60 -39.78
CA LEU A 111 20.97 9.42 -38.93
C LEU A 111 20.83 8.12 -39.71
N SER A 112 20.03 8.11 -40.76
CA SER A 112 19.83 6.90 -41.56
C SER A 112 19.49 7.28 -42.99
N HIS A 113 19.30 6.27 -43.84
CA HIS A 113 18.92 6.47 -45.22
C HIS A 113 17.50 6.01 -45.43
N PRO A 114 16.64 6.81 -46.08
CA PRO A 114 15.22 6.45 -46.16
C PRO A 114 14.96 5.13 -46.87
N GLU A 115 15.77 4.78 -47.86
CA GLU A 115 15.54 3.58 -48.64
C GLU A 115 16.42 2.41 -48.24
N THR A 116 17.65 2.66 -47.81
CA THR A 116 18.61 1.60 -47.51
C THR A 116 18.89 1.56 -46.02
N PRO A 117 18.57 0.46 -45.33
CA PRO A 117 18.91 0.34 -43.91
C PRO A 117 20.42 0.27 -43.71
N THR A 118 20.84 0.64 -42.51
CA THR A 118 22.25 0.65 -42.11
C THR A 118 23.09 1.47 -43.08
N ALA A 119 22.54 2.62 -43.48
CA ALA A 119 23.24 3.54 -44.37
C ALA A 119 22.70 4.94 -44.13
N PHE A 120 23.43 5.93 -44.62
CA PHE A 120 23.10 7.33 -44.39
C PHE A 120 22.87 8.03 -45.72
N GLU A 121 21.80 8.82 -45.80
CA GLU A 121 21.53 9.57 -47.02
C GLU A 121 22.60 10.61 -47.29
N VAL A 122 23.28 11.07 -46.24
CA VAL A 122 24.36 12.05 -46.44
C VAL A 122 25.50 11.43 -47.23
N LEU A 123 25.68 10.11 -47.12
CA LEU A 123 26.71 9.43 -47.91
C LEU A 123 26.37 9.45 -49.39
N ASP A 124 25.07 9.45 -49.71
CA ASP A 124 24.66 9.52 -51.12
C ASP A 124 25.00 10.87 -51.72
N HIS A 125 24.81 11.95 -50.96
CA HIS A 125 24.94 13.31 -51.46
C HIS A 125 26.00 14.07 -50.69
N VAL A 126 27.15 13.45 -50.47
CA VAL A 126 28.26 14.09 -49.74
C VAL A 126 28.63 15.44 -50.35
N PRO A 127 28.74 15.58 -51.68
CA PRO A 127 29.04 16.91 -52.23
C PRO A 127 28.01 17.96 -51.86
N GLU A 128 26.71 17.64 -51.98
CA GLU A 128 25.67 18.64 -51.75
C GLU A 128 25.63 19.04 -50.28
N VAL A 129 25.58 18.07 -49.38
CA VAL A 129 25.51 18.38 -47.95
C VAL A 129 26.80 19.04 -47.47
N ALA A 130 27.95 18.65 -48.02
CA ALA A 130 29.19 19.31 -47.69
C ALA A 130 29.19 20.78 -48.13
N GLU A 131 28.77 21.08 -49.35
CA GLU A 131 28.64 22.45 -49.81
C GLU A 131 27.58 23.22 -49.02
N ALA A 132 26.64 22.52 -48.42
CA ALA A 132 25.60 23.15 -47.61
C ALA A 132 26.11 23.55 -46.23
N LEU A 133 26.67 22.60 -45.47
CA LEU A 133 27.03 22.88 -44.07
C LEU A 133 28.48 23.30 -43.91
N LEU A 134 29.40 22.74 -44.68
CA LEU A 134 30.84 23.04 -44.55
C LEU A 134 31.37 23.42 -45.93
N PRO A 135 31.18 24.69 -46.33
CA PRO A 135 31.60 25.09 -47.69
C PRO A 135 33.07 24.93 -47.94
N GLU A 136 33.91 24.97 -46.91
CA GLU A 136 35.34 24.81 -47.09
C GLU A 136 35.70 23.33 -47.21
N SER A 137 36.65 23.05 -48.11
CA SER A 137 37.21 21.71 -48.29
C SER A 137 36.17 20.69 -48.75
N LYS A 138 35.19 21.15 -49.54
CA LYS A 138 34.23 20.22 -50.12
C LYS A 138 34.92 19.23 -51.05
N ALA A 139 35.86 19.72 -51.86
CA ALA A 139 36.60 18.84 -52.77
C ALA A 139 37.42 17.82 -51.99
N GLN A 140 38.01 18.24 -50.86
CA GLN A 140 38.76 17.31 -50.03
C GLN A 140 37.85 16.19 -49.52
N LEU A 141 36.65 16.54 -49.05
CA LEU A 141 35.73 15.54 -48.57
C LEU A 141 35.32 14.59 -49.70
N VAL A 142 35.10 15.14 -50.90
CA VAL A 142 34.67 14.31 -52.03
C VAL A 142 35.78 13.32 -52.41
N GLU A 143 37.02 13.81 -52.53
CA GLU A 143 38.11 12.93 -52.92
C GLU A 143 38.41 11.91 -51.84
N MET A 144 38.29 12.29 -50.56
CA MET A 144 38.48 11.32 -49.49
C MET A 144 37.38 10.27 -49.53
N LYS A 145 36.16 10.68 -49.87
CA LYS A 145 35.08 9.72 -50.05
C LYS A 145 35.40 8.72 -51.15
N LEU A 146 35.89 9.21 -52.29
CA LEU A 146 36.25 8.33 -53.40
C LEU A 146 37.63 7.72 -53.24
N SER A 147 38.34 8.05 -52.16
CA SER A 147 39.62 7.40 -51.89
C SER A 147 39.44 5.92 -51.60
N GLY A 148 38.26 5.51 -51.16
CA GLY A 148 37.94 4.12 -50.97
C GLY A 148 38.10 3.57 -49.56
N ASN A 149 38.53 4.39 -48.61
CA ASN A 149 38.67 3.95 -47.22
C ASN A 149 37.44 4.38 -46.42
N GLN A 150 37.51 4.17 -45.10
CA GLN A 150 36.37 4.44 -44.23
C GLN A 150 35.92 5.88 -44.34
N ASP A 151 34.62 6.07 -44.54
CA ASP A 151 34.01 7.40 -44.63
C ASP A 151 33.26 7.78 -43.36
N GLU A 152 33.27 6.93 -42.33
CA GLU A 152 32.57 7.26 -41.10
C GLU A 152 33.17 8.50 -40.44
N ALA A 153 34.46 8.75 -40.66
CA ALA A 153 35.06 9.99 -40.19
C ALA A 153 34.40 11.19 -40.87
N LEU A 154 34.17 11.10 -42.19
CA LEU A 154 33.48 12.17 -42.89
C LEU A 154 32.07 12.35 -42.36
N TYR A 155 31.38 11.25 -42.03
CA TYR A 155 30.05 11.35 -41.45
C TYR A 155 30.10 12.07 -40.11
N ARG A 156 31.12 11.77 -39.30
CA ARG A 156 31.27 12.46 -38.02
C ARG A 156 31.52 13.96 -38.22
N GLU A 157 32.36 14.32 -39.18
CA GLU A 157 32.61 15.75 -39.44
C GLU A 157 31.36 16.44 -39.96
N LEU A 158 30.58 15.76 -40.80
CA LEU A 158 29.33 16.34 -41.28
C LEU A 158 28.36 16.56 -40.13
N LEU A 159 28.26 15.59 -39.23
CA LEU A 159 27.42 15.76 -38.05
C LEU A 159 27.89 16.93 -37.20
N LEU A 160 29.20 17.06 -37.03
CA LEU A 160 29.74 18.16 -36.22
C LEU A 160 29.42 19.50 -36.86
N GLY A 161 29.57 19.61 -38.18
CA GLY A 161 29.24 20.85 -38.85
C GLY A 161 27.76 21.18 -38.74
N GLN A 162 26.89 20.17 -38.88
CA GLN A 162 25.46 20.39 -38.71
C GLN A 162 25.15 20.87 -37.30
N CYS A 163 25.82 20.27 -36.30
CA CYS A 163 25.62 20.70 -34.92
C CYS A 163 26.07 22.14 -34.71
N HIS A 164 27.18 22.53 -35.35
CA HIS A 164 27.64 23.91 -35.25
C HIS A 164 26.64 24.87 -35.87
N ALA A 165 26.10 24.52 -37.04
CA ALA A 165 25.08 25.35 -37.66
C ALA A 165 23.85 25.47 -36.77
N LEU A 166 23.41 24.36 -36.18
CA LEU A 166 22.26 24.41 -35.29
C LEU A 166 22.53 25.28 -34.07
N HIS A 167 23.75 25.18 -33.51
CA HIS A 167 24.10 26.05 -32.39
C HIS A 167 24.04 27.51 -32.79
N HIS A 168 24.53 27.83 -33.99
CA HIS A 168 24.38 29.18 -34.50
C HIS A 168 22.90 29.56 -34.61
N ALA A 169 22.04 28.58 -34.88
CA ALA A 169 20.60 28.86 -34.89
C ALA A 169 20.05 28.94 -33.47
N MET A 170 20.09 27.84 -32.70
CA MET A 170 19.73 27.96 -31.29
C MET A 170 20.89 27.44 -30.44
N PRO A 171 21.34 28.19 -29.44
CA PRO A 171 22.56 27.81 -28.72
C PRO A 171 22.33 26.96 -27.49
N PHE A 172 21.09 26.88 -26.99
CA PHE A 172 20.87 26.21 -25.71
C PHE A 172 21.08 24.70 -25.82
N LEU A 173 20.68 24.11 -26.93
CA LEU A 173 20.76 22.66 -27.08
C LEU A 173 22.00 22.20 -27.84
N PHE A 174 22.60 23.05 -28.65
CA PHE A 174 23.77 22.68 -29.44
C PHE A 174 24.96 23.55 -29.05
N GLU A 175 26.14 22.93 -29.04
CA GLU A 175 27.35 23.58 -28.59
C GLU A 175 28.08 24.26 -29.75
N ALA A 176 28.90 25.24 -29.40
CA ALA A 176 29.64 26.01 -30.39
C ALA A 176 30.78 25.18 -30.97
N VAL A 177 31.56 25.82 -31.85
CA VAL A 177 32.72 25.15 -32.43
C VAL A 177 33.83 25.04 -31.39
N ASP A 178 34.60 23.96 -31.47
CA ASP A 178 35.73 23.70 -30.57
C ASP A 178 35.27 23.64 -29.12
N ASP A 179 34.39 22.67 -28.85
CA ASP A 179 33.85 22.43 -27.53
C ASP A 179 34.47 21.16 -26.94
N GLU A 180 34.31 21.00 -25.62
CA GLU A 180 34.88 19.85 -24.95
C GLU A 180 34.20 18.56 -25.39
N ALA A 181 32.88 18.59 -25.60
CA ALA A 181 32.18 17.39 -26.04
C ALA A 181 32.68 16.89 -27.38
N GLU A 182 33.21 17.80 -28.21
CA GLU A 182 33.77 17.39 -29.49
C GLU A 182 34.94 16.43 -29.29
N LEU A 183 35.84 16.74 -28.36
CA LEU A 183 36.94 15.84 -28.06
C LEU A 183 36.49 14.59 -27.32
N LEU A 184 35.32 14.65 -26.65
CA LEU A 184 34.79 13.52 -25.92
C LEU A 184 33.77 12.72 -26.73
N LEU A 185 33.58 13.06 -27.99
CA LEU A 185 32.60 12.36 -28.82
C LEU A 185 32.90 10.87 -28.86
N PRO A 186 31.92 10.00 -28.66
CA PRO A 186 32.19 8.56 -28.61
C PRO A 186 32.72 8.06 -29.94
N ASP A 187 33.69 7.14 -29.87
CA ASP A 187 34.21 6.50 -31.07
C ASP A 187 33.21 5.54 -31.69
N ASN A 188 32.26 5.03 -30.90
CA ASN A 188 31.21 4.17 -31.44
C ASN A 188 30.34 4.93 -32.43
N LEU A 189 30.04 6.20 -32.13
CA LEU A 189 29.33 7.05 -33.09
C LEU A 189 30.14 7.29 -34.35
N THR A 190 31.45 7.05 -34.32
CA THR A 190 32.31 7.12 -35.49
C THR A 190 32.48 5.77 -36.15
N ARG A 191 31.65 4.79 -35.79
CA ARG A 191 31.77 3.43 -36.27
C ARG A 191 30.54 3.05 -37.09
N THR A 192 30.65 1.92 -37.80
CA THR A 192 29.53 1.42 -38.58
C THR A 192 28.33 1.13 -37.70
N ASP A 193 28.55 0.47 -36.56
CA ASP A 193 27.52 0.27 -35.56
C ASP A 193 27.66 1.36 -34.51
N SER A 194 26.56 2.04 -34.22
CA SER A 194 26.57 3.20 -33.33
C SER A 194 25.27 3.27 -32.55
N ILE A 195 25.31 4.05 -31.48
CA ILE A 195 24.09 4.31 -30.71
C ILE A 195 23.06 5.01 -31.59
N LEU A 196 23.52 5.89 -32.47
CA LEU A 196 22.62 6.57 -33.40
C LEU A 196 21.93 5.56 -34.31
N ARG A 197 22.66 4.56 -34.79
CA ARG A 197 22.05 3.50 -35.59
C ARG A 197 20.97 2.78 -34.80
N GLY A 198 21.25 2.44 -33.54
CA GLY A 198 20.27 1.73 -32.75
C GLY A 198 19.02 2.55 -32.50
N LEU A 199 19.18 3.84 -32.19
CA LEU A 199 18.01 4.67 -31.92
C LEU A 199 17.29 5.05 -33.20
N VAL A 200 17.93 4.96 -34.35
CA VAL A 200 17.24 5.30 -35.60
C VAL A 200 16.55 4.07 -36.18
N ASP A 201 17.01 2.86 -35.84
CA ASP A 201 16.33 1.67 -36.31
C ASP A 201 15.33 1.11 -35.31
N ASP A 202 15.43 1.50 -34.05
CA ASP A 202 14.54 0.95 -33.03
C ASP A 202 13.24 1.73 -32.94
N ILE A 203 13.33 3.03 -32.63
CA ILE A 203 12.14 3.86 -32.45
C ILE A 203 11.46 4.06 -33.80
N PRO A 204 10.15 3.80 -33.91
CA PRO A 204 9.49 3.98 -35.20
C PRO A 204 9.43 5.43 -35.62
N GLU A 205 9.49 5.65 -36.93
CA GLU A 205 9.41 7.01 -37.46
C GLU A 205 8.00 7.57 -37.36
N GLU A 206 6.98 6.72 -37.48
CA GLU A 206 5.61 7.18 -37.33
C GLU A 206 5.34 7.63 -35.90
N ASP A 207 5.96 6.98 -34.92
CA ASP A 207 5.86 7.40 -33.53
C ASP A 207 6.66 8.68 -33.26
N TRP A 208 7.73 8.92 -34.01
CA TRP A 208 8.58 10.08 -33.81
C TRP A 208 7.91 11.39 -34.23
N GLU A 209 6.81 11.34 -34.98
CA GLU A 209 6.23 12.55 -35.53
C GLU A 209 5.55 13.42 -34.47
N GLN A 210 5.34 12.90 -33.26
CA GLN A 210 4.61 13.62 -32.23
C GLN A 210 5.59 14.18 -31.20
N VAL A 211 5.49 15.48 -30.94
CA VAL A 211 6.35 16.13 -29.95
C VAL A 211 6.00 15.66 -28.54
N GLU A 212 4.74 15.26 -28.31
CA GLU A 212 4.39 14.70 -27.00
C GLU A 212 5.19 13.44 -26.72
N VAL A 213 5.50 12.66 -27.76
CA VAL A 213 6.39 11.52 -27.60
C VAL A 213 7.78 11.99 -27.20
N ILE A 214 8.21 13.13 -27.72
CA ILE A 214 9.51 13.68 -27.34
C ILE A 214 9.53 14.04 -25.86
N GLY A 215 8.48 14.70 -25.38
CA GLY A 215 8.39 14.98 -23.95
C GLY A 215 8.33 13.70 -23.13
N TRP A 216 7.62 12.68 -23.64
CA TRP A 216 7.51 11.41 -22.94
C TRP A 216 8.89 10.77 -22.78
N LEU A 217 9.67 10.73 -23.86
CA LEU A 217 11.00 10.12 -23.76
C LEU A 217 11.94 10.98 -22.93
N TYR A 218 11.74 12.30 -22.93
CA TYR A 218 12.49 13.14 -22.01
C TYR A 218 12.23 12.74 -20.57
N GLN A 219 10.97 12.52 -20.22
CA GLN A 219 10.64 12.07 -18.88
C GLN A 219 11.15 10.66 -18.59
N PHE A 220 11.06 9.77 -19.57
CA PHE A 220 11.53 8.39 -19.40
C PHE A 220 13.05 8.29 -19.28
N TYR A 221 13.79 9.29 -19.79
CA TYR A 221 15.24 9.26 -19.67
C TYR A 221 15.71 9.26 -18.23
N ILE A 222 14.88 9.72 -17.29
CA ILE A 222 15.19 9.61 -15.87
C ILE A 222 14.12 8.75 -15.22
N SER A 223 14.33 7.44 -15.20
CA SER A 223 13.40 6.53 -14.56
C SER A 223 14.10 5.70 -13.48
N GLU A 224 15.24 5.11 -13.83
CA GLU A 224 15.97 4.29 -12.87
C GLU A 224 16.58 5.15 -11.77
N LYS A 225 17.00 6.37 -12.10
CA LYS A 225 17.47 7.29 -11.07
C LYS A 225 16.36 7.59 -10.07
N LYS A 226 15.13 7.75 -10.56
CA LYS A 226 13.99 7.92 -9.66
C LYS A 226 13.77 6.67 -8.82
N ASP A 227 14.00 5.49 -9.41
CA ASP A 227 13.89 4.25 -8.64
C ASP A 227 14.89 4.21 -7.50
N ALA A 228 16.12 4.65 -7.74
CA ALA A 228 17.17 4.60 -6.73
C ALA A 228 17.02 5.69 -5.68
N VAL A 229 16.61 6.90 -6.07
CA VAL A 229 16.61 8.03 -5.15
C VAL A 229 15.54 7.85 -4.07
N ILE A 230 14.39 7.28 -4.43
CA ILE A 230 13.29 7.17 -3.47
C ILE A 230 13.67 6.22 -2.34
N GLY A 231 13.13 6.50 -1.16
CA GLY A 231 13.39 5.72 0.03
C GLY A 231 14.37 6.35 1.00
N LYS A 232 15.05 7.42 0.59
CA LYS A 232 16.01 8.10 1.44
C LYS A 232 15.91 9.60 1.20
N VAL A 233 16.57 10.36 2.06
CA VAL A 233 16.61 11.83 1.91
C VAL A 233 17.28 12.16 0.58
N VAL A 234 16.56 12.88 -0.27
CA VAL A 234 17.07 13.20 -1.60
C VAL A 234 18.21 14.18 -1.47
N LYS A 235 19.36 13.83 -2.05
CA LYS A 235 20.50 14.74 -2.04
C LYS A 235 20.24 15.95 -2.92
N SER A 236 20.97 17.03 -2.67
CA SER A 236 20.80 18.28 -3.41
C SER A 236 21.07 18.06 -4.89
N GLU A 237 22.10 17.27 -5.20
CA GLU A 237 22.39 16.94 -6.59
C GLU A 237 21.26 16.11 -7.21
N ASP A 238 20.56 15.33 -6.40
CA ASP A 238 19.48 14.48 -6.89
C ASP A 238 18.13 15.16 -6.82
N ILE A 239 18.05 16.37 -6.28
CA ILE A 239 16.81 17.13 -6.18
C ILE A 239 16.19 17.36 -7.56
N PRO A 240 16.94 17.79 -8.59
CA PRO A 240 16.32 17.98 -9.91
C PRO A 240 15.66 16.74 -10.46
N ALA A 241 16.17 15.55 -10.15
CA ALA A 241 15.49 14.33 -10.54
C ALA A 241 14.14 14.20 -9.87
N ALA A 242 14.07 14.52 -8.57
CA ALA A 242 12.80 14.44 -7.85
C ALA A 242 11.77 15.44 -8.36
N THR A 243 12.20 16.45 -9.12
CA THR A 243 11.29 17.46 -9.67
C THR A 243 10.86 17.12 -11.10
N GLN A 244 10.94 15.84 -11.48
CA GLN A 244 10.58 15.41 -12.83
C GLN A 244 9.19 14.80 -12.79
N LEU A 245 8.27 15.38 -13.56
CA LEU A 245 6.87 14.95 -13.58
C LEU A 245 6.32 15.10 -14.99
N PHE A 246 5.14 14.54 -15.21
CA PHE A 246 4.40 14.69 -16.45
C PHE A 246 2.94 14.98 -16.13
N THR A 247 2.30 15.78 -17.00
CA THR A 247 0.92 16.15 -16.75
C THR A 247 0.05 15.85 -17.97
N PRO A 248 -1.20 15.44 -17.76
CA PRO A 248 -2.11 15.22 -18.89
C PRO A 248 -2.49 16.52 -19.57
N ASN A 249 -2.81 16.40 -20.86
CA ASN A 249 -3.07 17.59 -21.68
C ASN A 249 -4.32 18.32 -21.21
N TRP A 250 -5.37 17.58 -20.85
CA TRP A 250 -6.66 18.20 -20.58
C TRP A 250 -6.63 19.09 -19.34
N ILE A 251 -5.94 18.65 -18.28
CA ILE A 251 -5.86 19.46 -17.08
C ILE A 251 -5.09 20.76 -17.34
N VAL A 252 -3.98 20.65 -18.07
CA VAL A 252 -3.19 21.83 -18.41
C VAL A 252 -4.03 22.80 -19.24
N GLN A 253 -4.75 22.26 -20.22
CA GLN A 253 -5.64 23.09 -21.03
C GLN A 253 -6.68 23.77 -20.16
N TYR A 254 -7.29 23.03 -19.23
CA TYR A 254 -8.28 23.61 -18.34
C TYR A 254 -7.71 24.79 -17.57
N LEU A 255 -6.54 24.59 -16.96
CA LEU A 255 -5.95 25.66 -16.14
C LEU A 255 -5.65 26.90 -16.97
N VAL A 256 -4.90 26.72 -18.06
CA VAL A 256 -4.46 27.88 -18.83
C VAL A 256 -5.65 28.57 -19.48
N GLN A 257 -6.58 27.79 -20.03
CA GLN A 257 -7.76 28.34 -20.66
C GLN A 257 -8.62 29.09 -19.67
N ASN A 258 -8.82 28.53 -18.47
CA ASN A 258 -9.64 29.21 -17.47
C ASN A 258 -9.02 30.55 -17.10
N SER A 259 -7.70 30.58 -16.86
CA SER A 259 -7.06 31.83 -16.48
C SER A 259 -7.18 32.88 -17.58
N VAL A 260 -6.76 32.52 -18.80
CA VAL A 260 -6.71 33.51 -19.87
C VAL A 260 -8.12 33.91 -20.30
N GLY A 261 -9.06 32.97 -20.24
CA GLY A 261 -10.43 33.30 -20.61
C GLY A 261 -11.14 34.12 -19.56
N ARG A 262 -10.82 33.92 -18.29
CA ARG A 262 -11.33 34.80 -17.26
C ARG A 262 -10.83 36.22 -17.50
N GLN A 263 -9.54 36.36 -17.83
CA GLN A 263 -9.01 37.68 -18.15
C GLN A 263 -9.72 38.26 -19.38
N TRP A 264 -9.94 37.44 -20.40
CA TRP A 264 -10.56 37.90 -21.64
C TRP A 264 -11.99 38.38 -21.39
N LEU A 265 -12.79 37.55 -20.73
CA LEU A 265 -14.17 37.92 -20.42
C LEU A 265 -14.21 39.15 -19.52
N GLN A 266 -13.22 39.31 -18.65
CA GLN A 266 -13.14 40.53 -17.86
C GLN A 266 -12.92 41.74 -18.76
N THR A 267 -12.02 41.61 -19.73
CA THR A 267 -11.76 42.72 -20.65
C THR A 267 -13.00 43.05 -21.48
N TYR A 268 -13.44 42.11 -22.30
CA TYR A 268 -14.64 42.29 -23.11
C TYR A 268 -15.17 40.94 -23.58
N PRO A 269 -16.47 40.68 -23.45
CA PRO A 269 -17.02 39.35 -23.73
C PRO A 269 -17.46 39.12 -25.17
N ASP A 270 -17.51 40.15 -26.01
CA ASP A 270 -18.07 39.98 -27.34
C ASP A 270 -17.13 39.22 -28.26
N SER A 271 -15.86 39.06 -27.88
CA SER A 271 -14.90 38.33 -28.70
C SER A 271 -15.35 36.88 -28.82
N PRO A 272 -15.28 36.29 -30.00
CA PRO A 272 -15.73 34.91 -30.19
C PRO A 272 -14.74 33.85 -29.72
N LEU A 273 -13.67 34.25 -29.02
CA LEU A 273 -12.69 33.29 -28.54
C LEU A 273 -13.31 32.24 -27.64
N LYS A 274 -14.23 32.63 -26.75
CA LYS A 274 -14.78 31.69 -25.78
C LYS A 274 -15.41 30.48 -26.47
N ASP A 275 -15.80 30.63 -27.73
CA ASP A 275 -16.24 29.48 -28.52
C ASP A 275 -15.04 28.62 -28.92
N LYS A 276 -13.85 29.22 -29.01
CA LYS A 276 -12.72 28.50 -29.58
C LYS A 276 -12.20 27.42 -28.64
N MET A 277 -11.75 27.78 -27.45
CA MET A 277 -11.23 26.72 -26.60
C MET A 277 -12.38 25.93 -25.97
N GLU A 278 -12.02 24.83 -25.31
CA GLU A 278 -12.97 23.84 -24.83
C GLU A 278 -13.24 23.96 -23.33
N TYR A 279 -12.18 23.96 -22.52
CA TYR A 279 -12.32 23.88 -21.06
C TYR A 279 -12.38 25.29 -20.48
N TYR A 280 -13.60 25.72 -20.18
CA TYR A 280 -13.83 26.99 -19.52
C TYR A 280 -15.23 26.97 -18.90
N ILE A 281 -15.37 27.64 -17.75
CA ILE A 281 -16.62 27.69 -17.03
C ILE A 281 -17.08 29.14 -16.93
N GLU A 282 -18.35 29.38 -17.22
CA GLU A 282 -18.91 30.72 -17.17
C GLU A 282 -19.22 31.12 -15.74
N PRO A 283 -18.68 32.23 -15.24
CA PRO A 283 -19.01 32.67 -13.89
C PRO A 283 -20.48 33.04 -13.77
N ALA A 284 -21.04 32.80 -12.59
CA ALA A 284 -22.45 33.10 -12.33
C ALA A 284 -22.56 34.45 -11.63
N GLU A 285 -23.77 34.78 -11.18
CA GLU A 285 -24.02 36.03 -10.47
C GLU A 285 -24.80 35.73 -9.19
N GLN A 286 -24.49 36.45 -8.12
CA GLN A 286 -25.20 36.31 -6.87
C GLN A 286 -25.90 37.58 -6.42
N THR A 287 -25.17 38.69 -6.32
CA THR A 287 -25.74 39.96 -5.90
C THR A 287 -25.19 41.06 -6.79
N PRO A 288 -25.97 42.12 -7.03
CA PRO A 288 -25.45 43.23 -7.84
C PRO A 288 -24.27 43.94 -7.21
N GLU A 289 -24.09 43.84 -5.90
CA GLU A 289 -23.01 44.58 -5.23
C GLU A 289 -21.64 44.05 -5.65
N VAL A 290 -21.45 42.73 -5.56
CA VAL A 290 -20.16 42.16 -5.94
C VAL A 290 -19.93 42.33 -7.44
N GLN A 291 -21.00 42.24 -8.24
CA GLN A 291 -20.87 42.45 -9.67
C GLN A 291 -20.44 43.88 -9.99
N ALA A 292 -21.00 44.85 -9.29
CA ALA A 292 -20.59 46.24 -9.46
C ALA A 292 -19.15 46.43 -9.04
N GLN A 293 -18.74 45.80 -7.94
CA GLN A 293 -17.35 45.92 -7.48
C GLN A 293 -16.39 45.36 -8.52
N LEU A 294 -16.68 44.17 -9.05
CA LEU A 294 -15.77 43.58 -10.03
C LEU A 294 -15.79 44.35 -11.35
N ALA A 295 -16.94 44.92 -11.72
CA ALA A 295 -16.96 45.79 -12.90
C ALA A 295 -16.13 47.04 -12.68
N ALA A 296 -16.12 47.55 -11.44
CA ALA A 296 -15.28 48.69 -11.12
C ALA A 296 -13.80 48.32 -11.24
N ILE A 297 -13.42 47.15 -10.74
CA ILE A 297 -12.01 46.80 -10.72
C ILE A 297 -11.51 46.22 -12.04
N THR A 298 -12.41 45.74 -12.90
CA THR A 298 -11.96 45.12 -14.14
C THR A 298 -11.44 46.18 -15.10
N PRO A 299 -10.41 45.87 -15.90
CA PRO A 299 -9.92 46.84 -16.88
C PRO A 299 -10.81 46.89 -18.12
N ALA A 300 -10.72 48.02 -18.82
CA ALA A 300 -11.49 48.18 -20.05
C ALA A 300 -10.95 47.30 -21.17
N SER A 301 -9.63 47.30 -21.38
CA SER A 301 -9.02 46.52 -22.43
C SER A 301 -7.54 46.33 -22.12
N ILE A 302 -6.93 45.35 -22.79
CA ILE A 302 -5.52 45.04 -22.61
C ILE A 302 -4.88 44.87 -23.99
N GLU A 303 -3.57 44.70 -23.99
CA GLU A 303 -2.78 44.44 -25.18
C GLU A 303 -2.10 43.09 -25.08
N PRO A 304 -1.82 42.44 -26.21
CA PRO A 304 -1.16 41.12 -26.14
C PRO A 304 0.18 41.15 -25.44
N GLU A 305 0.95 42.23 -25.61
CA GLU A 305 2.23 42.34 -24.93
C GLU A 305 2.03 42.70 -23.46
N SER A 306 0.87 43.24 -23.10
CA SER A 306 0.60 43.56 -21.70
C SER A 306 0.48 42.30 -20.86
N ILE A 307 -0.25 41.30 -21.36
CA ILE A 307 -0.41 40.05 -20.63
C ILE A 307 0.86 39.24 -20.73
N LYS A 308 1.35 38.76 -19.59
CA LYS A 308 2.56 37.96 -19.53
C LYS A 308 2.29 36.67 -18.76
N VAL A 309 3.05 35.63 -19.09
CA VAL A 309 2.86 34.29 -18.53
C VAL A 309 4.15 33.89 -17.82
N LEU A 310 4.02 33.41 -16.59
CA LEU A 310 5.15 32.95 -15.79
C LEU A 310 5.04 31.44 -15.60
N ASP A 311 6.18 30.75 -15.68
CA ASP A 311 6.26 29.32 -15.45
C ASP A 311 7.38 29.04 -14.46
N PRO A 312 7.09 29.08 -13.16
CA PRO A 312 8.12 28.78 -12.16
C PRO A 312 8.69 27.36 -12.28
N ALA A 313 7.90 26.39 -12.72
CA ALA A 313 8.36 25.03 -12.92
C ALA A 313 8.15 24.68 -14.40
N CYS A 314 9.14 25.01 -15.22
CA CYS A 314 8.98 24.85 -16.67
C CYS A 314 8.87 23.38 -17.05
N GLY A 315 9.78 22.55 -16.55
CA GLY A 315 9.76 21.13 -16.89
C GLY A 315 9.89 20.93 -18.39
N SER A 316 9.03 20.06 -18.93
CA SER A 316 9.01 19.84 -20.37
C SER A 316 8.49 21.07 -21.11
N GLY A 317 7.42 21.67 -20.60
CA GLY A 317 6.86 22.87 -21.19
C GLY A 317 5.46 22.75 -21.78
N HIS A 318 4.66 21.77 -21.35
CA HIS A 318 3.32 21.63 -21.88
C HIS A 318 2.45 22.83 -21.55
N ILE A 319 2.56 23.32 -20.32
CA ILE A 319 1.79 24.49 -19.90
C ILE A 319 2.13 25.69 -20.77
N LEU A 320 3.43 25.89 -21.01
CA LEU A 320 3.85 27.01 -21.84
C LEU A 320 3.37 26.83 -23.28
N THR A 321 3.33 25.60 -23.78
CA THR A 321 2.83 25.38 -25.14
C THR A 321 1.34 25.72 -25.25
N GLU A 322 0.55 25.32 -24.25
CA GLU A 322 -0.87 25.66 -24.28
C GLU A 322 -1.07 27.17 -24.17
N ALA A 323 -0.25 27.83 -23.34
CA ALA A 323 -0.28 29.29 -23.28
C ALA A 323 0.08 29.89 -24.62
N TYR A 324 1.04 29.27 -25.33
CA TYR A 324 1.39 29.73 -26.67
C TYR A 324 0.21 29.63 -27.61
N ASN A 325 -0.53 28.52 -27.54
CA ASN A 325 -1.68 28.35 -28.42
C ASN A 325 -2.74 29.40 -28.15
N VAL A 326 -3.11 29.60 -26.88
CA VAL A 326 -4.15 30.58 -26.58
C VAL A 326 -3.68 32.00 -26.91
N LEU A 327 -2.40 32.30 -26.70
CA LEU A 327 -1.87 33.61 -27.04
C LEU A 327 -1.89 33.82 -28.54
N LYS A 328 -1.61 32.76 -29.31
CA LYS A 328 -1.72 32.85 -30.76
C LYS A 328 -3.16 33.14 -31.17
N ALA A 329 -4.13 32.50 -30.49
CA ALA A 329 -5.52 32.81 -30.77
C ALA A 329 -5.84 34.27 -30.49
N ILE A 330 -5.32 34.80 -29.38
CA ILE A 330 -5.55 36.21 -29.05
C ILE A 330 -4.95 37.12 -30.12
N TYR A 331 -3.71 36.84 -30.51
CA TYR A 331 -3.06 37.64 -31.54
C TYR A 331 -3.82 37.58 -32.85
N GLU A 332 -4.34 36.41 -33.20
CA GLU A 332 -5.17 36.28 -34.40
C GLU A 332 -6.44 37.13 -34.28
N GLU A 333 -7.01 37.17 -33.08
CA GLU A 333 -8.15 38.06 -32.85
C GLU A 333 -7.76 39.51 -33.10
N ARG A 334 -6.55 39.90 -32.66
CA ARG A 334 -6.07 41.25 -32.95
C ARG A 334 -6.02 41.51 -34.45
N GLY A 335 -5.66 40.51 -35.23
CA GLY A 335 -5.55 40.65 -36.66
C GLY A 335 -4.19 41.05 -37.18
N TYR A 336 -3.13 40.82 -36.41
CA TYR A 336 -1.79 41.17 -36.86
C TYR A 336 -1.37 40.25 -38.00
N ARG A 337 -0.16 40.49 -38.50
CA ARG A 337 0.43 39.68 -39.56
C ARG A 337 0.49 38.22 -39.15
N THR A 338 0.18 37.33 -40.09
CA THR A 338 0.09 35.91 -39.76
C THR A 338 1.44 35.37 -39.30
N ARG A 339 2.53 35.77 -39.95
CA ARG A 339 3.85 35.24 -39.61
C ARG A 339 4.53 36.03 -38.51
N ASP A 340 4.04 37.22 -38.19
CA ASP A 340 4.60 38.01 -37.10
C ASP A 340 4.06 37.58 -35.74
N ILE A 341 2.88 36.99 -35.71
CA ILE A 341 2.23 36.55 -34.47
C ILE A 341 3.12 35.57 -33.70
N PRO A 342 3.64 34.49 -34.32
CA PRO A 342 4.54 33.62 -33.55
C PRO A 342 5.78 34.31 -33.06
N GLN A 343 6.33 35.25 -33.85
CA GLN A 343 7.50 36.00 -33.42
C GLN A 343 7.18 36.83 -32.19
N LEU A 344 6.02 37.48 -32.18
CA LEU A 344 5.63 38.29 -31.04
C LEU A 344 5.43 37.41 -29.80
N ILE A 345 4.82 36.24 -29.96
CA ILE A 345 4.66 35.36 -28.80
C ILE A 345 6.01 34.88 -28.30
N LEU A 346 6.96 34.62 -29.20
CA LEU A 346 8.28 34.21 -28.75
C LEU A 346 9.00 35.33 -28.00
N GLU A 347 8.87 36.58 -28.47
CA GLU A 347 9.59 37.68 -27.85
C GLU A 347 9.15 37.96 -26.42
N ASN A 348 7.85 37.87 -26.14
CA ASN A 348 7.36 38.26 -24.82
C ASN A 348 6.47 37.18 -24.22
N ASN A 349 5.91 37.46 -23.05
CA ASN A 349 4.87 36.65 -22.40
C ASN A 349 5.14 35.16 -22.50
N ILE A 350 6.40 34.78 -22.31
CA ILE A 350 6.74 33.36 -22.24
C ILE A 350 7.48 33.10 -20.93
N PHE A 351 8.66 33.71 -20.78
CA PHE A 351 9.50 33.60 -19.58
C PHE A 351 9.65 32.11 -19.24
N GLY A 352 9.43 31.70 -18.01
CA GLY A 352 9.53 30.29 -17.67
C GLY A 352 10.89 29.89 -17.15
N LEU A 353 10.95 29.46 -15.89
CA LEU A 353 12.20 29.08 -15.26
C LEU A 353 12.17 27.61 -14.87
N ASP A 354 13.35 26.98 -14.90
CA ASP A 354 13.49 25.56 -14.62
C ASP A 354 14.60 25.33 -13.62
N ILE A 355 14.56 24.18 -12.96
CA ILE A 355 15.58 23.77 -12.02
C ILE A 355 16.76 23.11 -12.72
N ASP A 356 16.49 22.22 -13.67
CA ASP A 356 17.52 21.56 -14.46
C ASP A 356 17.82 22.37 -15.71
N ASP A 357 19.10 22.35 -16.12
CA ASP A 357 19.50 23.06 -17.33
C ASP A 357 18.92 22.41 -18.58
N ARG A 358 19.01 21.07 -18.66
CA ARG A 358 18.62 20.40 -19.90
C ARG A 358 17.11 20.34 -20.07
N ALA A 359 16.35 20.37 -18.97
CA ALA A 359 14.91 20.53 -19.09
C ALA A 359 14.57 21.86 -19.75
N ALA A 360 15.26 22.93 -19.35
CA ALA A 360 15.07 24.22 -20.01
C ALA A 360 15.49 24.17 -21.46
N GLN A 361 16.59 23.47 -21.76
CA GLN A 361 17.03 23.32 -23.14
C GLN A 361 15.96 22.64 -23.99
N LEU A 362 15.38 21.56 -23.47
CA LEU A 362 14.35 20.84 -24.23
C LEU A 362 13.09 21.68 -24.38
N SER A 363 12.74 22.45 -23.35
CA SER A 363 11.59 23.34 -23.46
C SER A 363 11.81 24.39 -24.53
N GLY A 364 13.02 24.97 -24.57
CA GLY A 364 13.33 25.93 -25.62
C GLY A 364 13.30 25.29 -27.00
N PHE A 365 13.78 24.06 -27.11
CA PHE A 365 13.72 23.35 -28.38
C PHE A 365 12.28 23.13 -28.82
N ALA A 366 11.42 22.76 -27.88
CA ALA A 366 10.01 22.56 -28.20
C ALA A 366 9.36 23.86 -28.67
N MET A 367 9.65 24.97 -27.99
CA MET A 367 9.12 26.26 -28.42
C MET A 367 9.60 26.64 -29.80
N LEU A 368 10.91 26.48 -30.06
CA LEU A 368 11.44 26.81 -31.36
C LEU A 368 10.81 25.95 -32.45
N MET A 369 10.59 24.67 -32.18
CA MET A 369 10.02 23.80 -33.19
C MET A 369 8.54 24.09 -33.41
N LEU A 370 7.81 24.46 -32.36
CA LEU A 370 6.42 24.84 -32.53
C LEU A 370 6.33 26.10 -33.40
N ALA A 371 7.22 27.06 -33.16
CA ALA A 371 7.27 28.25 -34.01
C ALA A 371 7.63 27.87 -35.44
N ARG A 372 8.57 26.92 -35.59
CA ARG A 372 8.96 26.46 -36.93
C ARG A 372 7.79 25.84 -37.67
N GLN A 373 6.98 25.04 -36.97
CA GLN A 373 5.78 24.48 -37.57
C GLN A 373 4.82 25.60 -37.95
N ASP A 374 4.69 26.62 -37.09
CA ASP A 374 3.87 27.77 -37.44
C ASP A 374 4.44 28.52 -38.64
N ASP A 375 5.73 28.85 -38.59
CA ASP A 375 6.39 29.57 -39.67
C ASP A 375 7.77 28.96 -39.91
N ARG A 376 8.07 28.68 -41.18
CA ARG A 376 9.33 28.04 -41.53
C ARG A 376 10.49 29.02 -41.65
N ARG A 377 10.23 30.33 -41.56
CA ARG A 377 11.29 31.33 -41.65
C ARG A 377 11.83 31.75 -40.30
N ILE A 378 11.22 31.29 -39.21
CA ILE A 378 11.64 31.72 -37.87
C ILE A 378 13.03 31.18 -37.56
N LEU A 379 13.34 29.96 -38.01
CA LEU A 379 14.61 29.32 -37.69
C LEU A 379 15.79 30.18 -38.13
N GLY A 380 15.68 30.81 -39.30
CA GLY A 380 16.77 31.66 -39.78
C GLY A 380 16.97 32.90 -38.93
N ARG A 381 15.87 33.48 -38.44
CA ARG A 381 15.98 34.73 -37.69
C ARG A 381 16.75 34.54 -36.39
N GLY A 382 16.50 33.45 -35.68
CA GLY A 382 17.25 33.15 -34.47
C GLY A 382 17.00 34.12 -33.34
N VAL A 383 15.79 34.10 -32.78
CA VAL A 383 15.40 34.99 -31.69
C VAL A 383 15.65 34.29 -30.37
N ARG A 384 16.33 34.97 -29.45
CA ARG A 384 16.63 34.39 -28.14
C ARG A 384 15.35 34.16 -27.35
N LEU A 385 15.34 33.09 -26.56
CA LEU A 385 14.20 32.70 -25.76
C LEU A 385 14.44 33.00 -24.29
N ASN A 386 13.35 33.25 -23.57
CA ASN A 386 13.40 33.60 -22.16
C ASN A 386 13.41 32.38 -21.25
N ILE A 387 13.38 31.16 -21.79
CA ILE A 387 13.37 29.95 -20.98
C ILE A 387 14.81 29.64 -20.60
N VAL A 388 15.16 29.90 -19.34
CA VAL A 388 16.50 29.64 -18.82
C VAL A 388 16.38 28.94 -17.48
N SER A 389 17.48 28.31 -17.07
CA SER A 389 17.55 27.59 -15.81
C SER A 389 18.38 28.36 -14.81
N LEU A 390 18.00 28.24 -13.53
CA LEU A 390 18.68 28.97 -12.46
C LEU A 390 20.06 28.36 -12.25
N GLN A 391 21.10 29.11 -12.63
CA GLN A 391 22.47 28.63 -12.53
C GLN A 391 23.12 29.17 -11.26
N GLU A 392 23.89 28.32 -10.59
CA GLU A 392 24.58 28.74 -9.37
C GLU A 392 25.64 29.78 -9.70
N SER A 393 25.71 30.82 -8.87
CA SER A 393 26.62 31.95 -9.07
C SER A 393 27.55 32.06 -7.85
N LYS A 394 28.80 31.66 -8.03
CA LYS A 394 29.80 31.71 -6.96
C LYS A 394 31.13 32.22 -7.53
N LEU A 395 31.06 33.28 -8.34
CA LEU A 395 32.23 33.85 -8.99
C LEU A 395 32.49 35.25 -8.44
N ASP A 396 33.73 35.72 -8.63
CA ASP A 396 34.14 37.06 -8.19
C ASP A 396 33.74 38.06 -9.26
N ILE A 397 32.79 38.94 -8.92
CA ILE A 397 32.30 39.92 -9.88
C ILE A 397 33.39 40.94 -10.24
N ALA A 398 34.32 41.18 -9.33
CA ALA A 398 35.36 42.19 -9.57
C ALA A 398 36.24 41.81 -10.74
N GLU A 399 36.66 40.54 -10.80
CA GLU A 399 37.52 40.10 -11.90
C GLU A 399 36.79 40.20 -13.23
N VAL A 400 35.52 39.80 -13.27
CA VAL A 400 34.75 39.89 -14.50
C VAL A 400 34.59 41.34 -14.93
N TRP A 401 34.31 42.23 -13.98
CA TRP A 401 34.17 43.65 -14.31
C TRP A 401 35.46 44.22 -14.86
N THR A 402 36.59 43.84 -14.27
CA THR A 402 37.88 44.26 -14.83
C THR A 402 38.06 43.73 -16.24
N LYS A 403 37.68 42.47 -16.46
CA LYS A 403 37.74 41.91 -17.81
C LYS A 403 36.74 42.59 -18.75
N LEU A 404 35.58 42.99 -18.22
CA LEU A 404 34.56 43.62 -19.04
C LEU A 404 34.99 44.98 -19.58
N ASN A 405 35.98 45.61 -18.96
CA ASN A 405 36.36 47.01 -19.23
C ASN A 405 35.12 47.90 -19.27
N PHE A 406 34.10 47.51 -18.51
CA PHE A 406 32.86 48.28 -18.41
C PHE A 406 33.10 49.63 -17.75
N HIS A 407 34.14 49.73 -16.92
CA HIS A 407 34.33 50.91 -16.08
C HIS A 407 34.66 52.16 -16.89
N GLN A 408 35.19 52.01 -18.10
CA GLN A 408 35.64 53.16 -18.87
C GLN A 408 34.87 53.41 -20.15
N HIS A 409 34.19 52.41 -20.70
CA HIS A 409 33.45 52.63 -21.93
C HIS A 409 32.17 53.41 -21.69
N MET A 410 31.50 53.16 -20.56
CA MET A 410 30.27 53.86 -20.21
C MET A 410 30.43 54.80 -19.02
N GLN A 411 31.22 54.43 -18.04
CA GLN A 411 31.55 55.36 -16.95
C GLN A 411 32.98 55.86 -17.11
N THR A 423 40.63 49.39 -10.90
CA THR A 423 40.48 50.76 -11.37
C THR A 423 39.75 51.62 -10.34
N ALA A 424 39.42 52.85 -10.73
CA ALA A 424 38.65 53.75 -9.88
C ALA A 424 37.15 53.45 -10.01
N LEU A 425 36.74 52.37 -9.36
CA LEU A 425 35.36 51.89 -9.43
C LEU A 425 34.39 52.95 -8.92
N ALA A 426 33.59 53.51 -9.83
CA ALA A 426 32.59 54.51 -9.48
C ALA A 426 31.16 54.02 -9.66
N ASN A 427 30.97 52.86 -10.29
CA ASN A 427 29.63 52.30 -10.44
C ASN A 427 29.07 51.81 -9.11
N THR A 428 29.90 51.73 -8.07
CA THR A 428 29.37 51.45 -6.74
C THR A 428 28.38 52.52 -6.31
N ASP A 429 28.71 53.78 -6.59
CA ASP A 429 27.76 54.86 -6.33
C ASP A 429 26.53 54.75 -7.20
N SER A 430 26.67 54.22 -8.41
CA SER A 430 25.54 53.97 -9.29
C SER A 430 24.82 52.66 -8.96
N ALA A 431 25.17 52.02 -7.84
CA ALA A 431 24.56 50.78 -7.37
C ALA A 431 24.78 49.62 -8.32
N GLU A 432 25.55 49.81 -9.39
CA GLU A 432 25.79 48.73 -10.34
C GLU A 432 26.56 47.59 -9.68
N TYR A 433 27.68 47.91 -9.04
CA TYR A 433 28.34 46.91 -8.21
C TYR A 433 27.43 46.43 -7.09
N LYS A 434 26.62 47.33 -6.52
CA LYS A 434 25.74 46.93 -5.43
C LYS A 434 24.70 45.93 -5.89
N LEU A 435 24.04 46.20 -7.02
CA LEU A 435 23.09 45.22 -7.55
C LEU A 435 23.80 43.93 -7.96
N LEU A 436 25.03 44.04 -8.49
CA LEU A 436 25.78 42.85 -8.87
C LEU A 436 26.01 41.94 -7.67
N MET A 437 26.56 42.49 -6.59
CA MET A 437 26.88 41.61 -5.46
C MET A 437 25.62 41.22 -4.70
N ARG A 438 24.57 42.05 -4.74
CA ARG A 438 23.29 41.64 -4.17
C ARG A 438 22.75 40.40 -4.89
N THR A 439 22.74 40.44 -6.23
CA THR A 439 22.29 39.29 -7.00
C THR A 439 23.19 38.09 -6.77
N LEU A 440 24.52 38.32 -6.69
CA LEU A 440 25.45 37.23 -6.46
C LEU A 440 25.18 36.55 -5.13
N ALA A 441 24.97 37.33 -4.07
CA ALA A 441 24.66 36.76 -2.77
C ALA A 441 23.30 36.07 -2.77
N LEU A 442 22.34 36.61 -3.52
CA LEU A 442 21.00 36.03 -3.54
C LEU A 442 21.02 34.61 -4.09
N PHE A 443 21.82 34.35 -5.12
CA PHE A 443 21.89 33.05 -5.74
C PHE A 443 22.88 32.11 -5.09
N THR A 444 23.52 32.52 -4.00
CA THR A 444 24.48 31.66 -3.33
C THR A 444 23.81 30.37 -2.83
N SER A 445 24.33 29.25 -3.29
CA SER A 445 23.84 27.92 -2.93
C SER A 445 22.33 27.80 -3.17
N ALA A 446 21.89 28.39 -4.29
CA ALA A 446 20.48 28.41 -4.65
C ALA A 446 20.07 27.24 -5.53
N LYS A 447 21.02 26.41 -5.96
CA LYS A 447 20.67 25.28 -6.83
C LYS A 447 19.73 24.32 -6.11
N THR A 448 20.00 24.02 -4.84
CA THR A 448 19.09 23.18 -4.07
C THR A 448 17.85 23.97 -3.65
N LEU A 449 17.97 25.29 -3.52
CA LEU A 449 16.84 26.10 -3.08
C LEU A 449 15.72 26.10 -4.12
N GLY A 450 16.08 26.18 -5.40
CA GLY A 450 15.09 26.25 -6.45
C GLY A 450 14.75 27.67 -6.82
N SER A 451 13.49 27.91 -7.20
CA SER A 451 13.03 29.23 -7.62
C SER A 451 12.32 29.96 -6.48
N LEU A 452 12.79 29.80 -5.26
CA LEU A 452 12.15 30.38 -4.09
C LEU A 452 12.91 31.59 -3.56
N ILE A 453 13.60 32.33 -4.43
CA ILE A 453 14.35 33.52 -4.04
C ILE A 453 13.55 34.73 -4.48
N GLN A 454 13.28 35.65 -3.54
CA GLN A 454 12.49 36.83 -3.83
C GLN A 454 13.38 38.05 -4.03
N VAL A 455 13.07 38.83 -5.06
CA VAL A 455 13.85 40.02 -5.44
C VAL A 455 12.88 41.17 -5.73
N PRO A 456 13.20 42.40 -5.35
CA PRO A 456 12.31 43.52 -5.65
C PRO A 456 12.36 43.92 -7.13
N GLN A 457 11.45 44.83 -7.50
CA GLN A 457 11.26 45.17 -8.91
C GLN A 457 12.20 46.28 -9.37
N GLU A 458 12.61 47.17 -8.46
CA GLU A 458 13.64 48.14 -8.83
C GLU A 458 14.91 47.42 -9.27
N ASP A 459 15.21 46.31 -8.59
CA ASP A 459 16.37 45.51 -8.95
C ASP A 459 16.26 45.00 -10.38
N GLU A 460 15.09 44.49 -10.77
CA GLU A 460 14.97 43.96 -12.13
C GLU A 460 14.92 45.06 -13.17
N ALA A 461 14.45 46.26 -12.81
CA ALA A 461 14.56 47.38 -13.75
C ALA A 461 16.01 47.71 -14.02
N ALA A 462 16.80 47.89 -12.97
CA ALA A 462 18.23 48.14 -13.15
C ALA A 462 18.90 46.98 -13.85
N LEU A 463 18.43 45.76 -13.59
CA LEU A 463 19.02 44.57 -14.21
C LEU A 463 18.70 44.50 -15.69
N LYS A 464 17.52 44.98 -16.08
CA LYS A 464 17.21 45.08 -17.51
C LYS A 464 18.12 46.10 -18.18
N ALA A 465 18.34 47.24 -17.53
CA ALA A 465 19.25 48.22 -18.09
C ALA A 465 20.64 47.62 -18.28
N PHE A 466 21.17 47.01 -17.23
CA PHE A 466 22.50 46.39 -17.29
C PHE A 466 22.54 45.19 -18.23
N LEU A 467 21.41 44.50 -18.42
CA LEU A 467 21.33 43.39 -19.36
C LEU A 467 21.42 43.88 -20.79
N GLU A 468 20.76 44.99 -21.10
CA GLU A 468 20.92 45.58 -22.42
C GLU A 468 22.35 46.05 -22.63
N GLY A 469 22.96 46.62 -21.60
CA GLY A 469 24.37 46.98 -21.69
C GLY A 469 25.25 45.78 -21.99
N LEU A 470 25.02 44.67 -21.29
CA LEU A 470 25.77 43.45 -21.54
C LEU A 470 25.50 42.90 -22.94
N TYR A 471 24.27 43.02 -23.42
CA TYR A 471 23.96 42.58 -24.78
C TYR A 471 24.79 43.36 -25.79
N ARG A 472 24.83 44.68 -25.64
CA ARG A 472 25.63 45.49 -26.55
C ARG A 472 27.11 45.13 -26.45
N LEU A 473 27.59 44.92 -25.22
CA LEU A 473 29.00 44.55 -25.04
C LEU A 473 29.32 43.22 -25.70
N ALA A 474 28.41 42.25 -25.58
CA ALA A 474 28.67 40.92 -26.14
C ALA A 474 28.54 40.93 -27.65
N VAL A 475 27.73 41.84 -28.20
CA VAL A 475 27.59 41.92 -29.65
C VAL A 475 28.92 42.27 -30.30
N GLU A 476 29.61 43.27 -29.77
CA GLU A 476 30.91 43.66 -30.30
C GLU A 476 31.76 44.25 -29.19
N GLY A 477 33.08 44.14 -29.35
CA GLY A 477 34.01 44.68 -28.39
C GLY A 477 35.17 43.72 -28.19
N ASP A 478 35.83 43.86 -27.05
CA ASP A 478 36.99 43.01 -26.73
C ASP A 478 36.56 41.57 -26.57
N ILE A 479 37.42 40.65 -27.03
CA ILE A 479 37.12 39.24 -26.95
C ILE A 479 37.05 38.78 -25.50
N GLN A 480 37.99 39.23 -24.66
CA GLN A 480 37.94 38.88 -23.25
C GLN A 480 36.75 39.53 -22.56
N GLN A 481 36.44 40.77 -22.95
CA GLN A 481 35.21 41.39 -22.47
C GLN A 481 33.99 40.60 -22.93
N LYS A 482 34.05 40.05 -24.15
CA LYS A 482 32.97 39.18 -24.62
C LYS A 482 32.82 37.97 -23.72
N GLU A 483 33.93 37.35 -23.34
CA GLU A 483 33.87 36.20 -22.45
C GLU A 483 33.29 36.58 -21.10
N ALA A 484 33.71 37.72 -20.56
CA ALA A 484 33.19 38.18 -19.28
C ALA A 484 31.70 38.45 -19.34
N ALA A 485 31.25 39.09 -20.42
CA ALA A 485 29.83 39.36 -20.59
C ALA A 485 29.03 38.07 -20.72
N ALA A 486 29.56 37.09 -21.45
CA ALA A 486 28.89 35.80 -21.56
C ALA A 486 28.80 35.11 -20.22
N GLU A 487 29.86 35.17 -19.42
CA GLU A 487 29.84 34.59 -18.08
C GLU A 487 28.84 35.28 -17.17
N LEU A 488 28.71 36.60 -17.30
CA LEU A 488 27.86 37.38 -16.39
C LEU A 488 26.39 37.39 -16.78
N ILE A 489 26.07 37.26 -18.07
CA ILE A 489 24.72 37.44 -18.58
C ILE A 489 23.69 36.50 -17.94
N PRO A 490 23.96 35.19 -17.73
CA PRO A 490 22.88 34.34 -17.21
C PRO A 490 22.39 34.77 -15.84
N TYR A 491 23.30 35.20 -14.97
CA TYR A 491 22.89 35.66 -13.64
C TYR A 491 22.00 36.88 -13.73
N ILE A 492 22.38 37.84 -14.58
CA ILE A 492 21.58 39.07 -14.72
C ILE A 492 20.20 38.73 -15.25
N GLN A 493 20.12 37.90 -16.28
CA GLN A 493 18.82 37.61 -16.88
C GLN A 493 17.94 36.79 -15.94
N GLN A 494 18.52 35.83 -15.21
CA GLN A 494 17.71 35.06 -14.28
C GLN A 494 17.23 35.92 -13.12
N ALA A 495 18.06 36.86 -12.67
CA ALA A 495 17.63 37.78 -11.62
C ALA A 495 16.48 38.64 -12.11
N TRP A 496 16.58 39.15 -13.34
CA TRP A 496 15.50 39.97 -13.89
C TRP A 496 14.20 39.16 -13.99
N ILE A 497 14.29 37.93 -14.48
CA ILE A 497 13.09 37.10 -14.63
C ILE A 497 12.48 36.80 -13.27
N LEU A 498 13.31 36.45 -12.28
CA LEU A 498 12.82 36.12 -10.95
C LEU A 498 12.36 37.32 -10.16
N ALA A 499 12.70 38.54 -10.59
CA ALA A 499 12.28 39.73 -9.86
C ALA A 499 11.11 40.46 -10.49
N GLN A 500 10.87 40.26 -11.78
CA GLN A 500 9.76 40.94 -12.45
C GLN A 500 8.43 40.32 -12.03
N ARG A 501 7.38 41.15 -12.03
CA ARG A 501 6.03 40.71 -11.72
C ARG A 501 5.33 40.26 -13.00
N TYR A 502 4.37 39.34 -12.84
CA TYR A 502 3.72 38.71 -13.97
C TYR A 502 2.20 38.70 -13.80
N ASP A 503 1.49 38.70 -14.93
CA ASP A 503 0.03 38.75 -14.89
C ASP A 503 -0.57 37.44 -14.43
N ALA A 504 -0.06 36.32 -14.94
CA ALA A 504 -0.61 35.00 -14.63
C ALA A 504 0.52 34.02 -14.38
N VAL A 505 0.38 33.23 -13.32
CA VAL A 505 1.38 32.23 -12.94
C VAL A 505 0.66 30.89 -12.88
N VAL A 506 0.92 30.05 -13.89
CA VAL A 506 0.31 28.72 -13.98
C VAL A 506 1.44 27.71 -14.14
N ALA A 507 1.54 26.78 -13.19
CA ALA A 507 2.57 25.76 -13.24
C ALA A 507 2.21 24.63 -12.28
N ASN A 508 2.89 23.50 -12.44
CA ASN A 508 2.71 22.35 -11.58
C ASN A 508 3.86 22.26 -10.60
N PRO A 509 3.62 22.34 -9.30
CA PRO A 509 4.73 22.32 -8.33
C PRO A 509 5.36 20.94 -8.26
N PRO A 510 6.63 20.87 -7.85
CA PRO A 510 7.26 19.56 -7.67
C PRO A 510 6.63 18.78 -6.52
N TYR A 511 6.68 17.46 -6.63
CA TYR A 511 6.08 16.54 -5.66
C TYR A 511 7.20 15.99 -4.79
N MET A 512 7.18 16.33 -3.51
CA MET A 512 8.24 15.93 -2.60
C MET A 512 7.87 14.66 -1.83
N GLY A 513 8.78 14.24 -0.95
CA GLY A 513 8.50 13.22 0.04
C GLY A 513 8.69 13.77 1.43
N GLY A 514 8.12 13.10 2.44
CA GLY A 514 8.06 13.58 3.81
C GLY A 514 9.30 14.32 4.32
N LYS A 515 10.47 13.69 4.23
CA LYS A 515 11.73 14.34 4.57
C LYS A 515 12.72 14.25 3.43
N GLY A 516 12.23 14.22 2.19
CA GLY A 516 13.11 14.08 1.05
C GLY A 516 14.06 15.24 0.87
N MET A 517 13.61 16.44 1.22
CA MET A 517 14.40 17.63 0.98
C MET A 517 15.66 17.62 1.85
N ASN A 518 16.66 18.38 1.42
CA ASN A 518 17.91 18.46 2.16
C ASN A 518 17.70 19.19 3.49
N GLY A 519 18.61 18.95 4.43
CA GLY A 519 18.56 19.66 5.70
C GLY A 519 18.64 21.16 5.53
N ASP A 520 19.46 21.61 4.57
CA ASP A 520 19.51 23.04 4.26
C ASP A 520 18.15 23.56 3.82
N LEU A 521 17.44 22.78 2.99
CA LEU A 521 16.10 23.17 2.60
C LEU A 521 15.16 23.19 3.79
N LYS A 522 15.33 22.25 4.72
CA LYS A 522 14.52 22.27 5.93
C LYS A 522 14.72 23.56 6.71
N GLU A 523 15.98 23.96 6.87
CA GLU A 523 16.26 25.22 7.58
C GLU A 523 15.71 26.41 6.82
N PHE A 524 15.83 26.41 5.49
CA PHE A 524 15.31 27.50 4.68
C PHE A 524 13.81 27.66 4.87
N ALA A 525 13.08 26.54 4.80
CA ALA A 525 11.64 26.59 5.01
C ALA A 525 11.29 26.99 6.44
N LYS A 526 12.08 26.52 7.41
CA LYS A 526 11.83 26.87 8.81
C LYS A 526 11.97 28.37 9.04
N LYS A 527 12.99 28.99 8.46
CA LYS A 527 13.24 30.40 8.72
C LYS A 527 12.40 31.35 7.87
N GLN A 528 12.25 31.08 6.57
CA GLN A 528 11.65 32.07 5.69
C GLN A 528 10.15 31.88 5.49
N PHE A 529 9.57 30.81 6.01
CA PHE A 529 8.13 30.57 5.90
C PHE A 529 7.61 29.95 7.20
N PRO A 530 6.99 30.74 8.07
CA PRO A 530 6.43 30.18 9.31
C PRO A 530 5.16 29.36 9.09
N ASP A 531 4.58 29.38 7.89
CA ASP A 531 3.34 28.68 7.62
C ASP A 531 3.53 27.74 6.44
N SER A 532 2.85 26.59 6.51
CA SER A 532 2.89 25.57 5.47
C SER A 532 4.31 25.12 5.18
N LYS A 533 5.11 25.04 6.23
CA LYS A 533 6.51 24.66 6.14
C LYS A 533 6.70 23.15 6.09
N SER A 534 5.62 22.38 6.22
CA SER A 534 5.73 20.92 6.20
C SER A 534 5.79 20.34 4.80
N ASP A 535 5.61 21.15 3.76
CA ASP A 535 5.57 20.65 2.40
C ASP A 535 6.37 21.57 1.49
N LEU A 536 6.29 21.32 0.19
CA LEU A 536 6.99 22.10 -0.81
C LEU A 536 6.09 22.64 -1.92
N PHE A 537 4.98 21.98 -2.21
CA PHE A 537 4.04 22.52 -3.20
C PHE A 537 3.41 23.82 -2.69
N ALA A 538 3.07 23.88 -1.39
CA ALA A 538 2.56 25.13 -0.82
C ALA A 538 3.64 26.20 -0.85
N MET A 539 4.90 25.81 -0.68
CA MET A 539 6.00 26.75 -0.85
C MET A 539 5.93 27.41 -2.22
N PHE A 540 5.82 26.58 -3.26
CA PHE A 540 5.78 27.09 -4.63
C PHE A 540 4.58 27.98 -4.86
N MET A 541 3.41 27.57 -4.37
CA MET A 541 2.21 28.39 -4.60
C MET A 541 2.29 29.71 -3.86
N GLN A 542 2.79 29.72 -2.62
CA GLN A 542 2.95 30.99 -1.92
C GLN A 542 3.94 31.90 -2.65
N HIS A 543 5.06 31.35 -3.11
CA HIS A 543 6.03 32.19 -3.80
C HIS A 543 5.47 32.69 -5.13
N ALA A 544 4.63 31.90 -5.79
CA ALA A 544 3.96 32.35 -7.00
C ALA A 544 3.01 33.50 -6.71
N PHE A 545 2.28 33.41 -5.60
CA PHE A 545 1.46 34.54 -5.17
C PHE A 545 2.32 35.77 -4.91
N SER A 546 3.53 35.57 -4.39
CA SER A 546 4.46 36.70 -4.24
C SER A 546 4.83 37.29 -5.59
N LEU A 547 5.02 36.46 -6.62
CA LEU A 547 5.40 36.91 -7.95
C LEU A 547 4.19 37.30 -8.80
N LEU A 548 2.98 37.16 -8.27
CA LEU A 548 1.76 37.48 -9.00
C LEU A 548 1.36 38.92 -8.69
N LYS A 549 1.06 39.69 -9.73
CA LYS A 549 0.69 41.08 -9.56
C LYS A 549 -0.74 41.20 -9.04
N GLU A 550 -1.25 42.43 -8.99
CA GLU A 550 -2.60 42.66 -8.54
C GLU A 550 -3.60 42.06 -9.52
N ASN A 551 -4.65 41.44 -8.96
CA ASN A 551 -5.75 40.86 -9.73
C ASN A 551 -5.31 39.74 -10.66
N GLY A 552 -4.16 39.13 -10.39
CA GLY A 552 -3.70 38.03 -11.20
C GLY A 552 -4.39 36.73 -10.85
N PHE A 553 -4.09 35.70 -11.65
CA PHE A 553 -4.64 34.37 -11.46
C PHE A 553 -3.49 33.41 -11.22
N ASN A 554 -3.63 32.57 -10.19
CA ASN A 554 -2.62 31.55 -9.89
C ASN A 554 -3.30 30.19 -9.97
N ALA A 555 -2.96 29.41 -10.99
CA ALA A 555 -3.58 28.12 -11.24
C ALA A 555 -2.52 27.03 -11.08
N GLN A 556 -2.78 26.07 -10.19
CA GLN A 556 -1.83 24.99 -9.94
C GLN A 556 -2.57 23.70 -9.60
N VAL A 557 -1.85 22.59 -9.77
CA VAL A 557 -2.34 21.26 -9.42
C VAL A 557 -1.55 20.75 -8.21
N ASN A 558 -2.12 20.89 -7.02
CA ASN A 558 -1.44 20.49 -5.80
C ASN A 558 -2.02 19.19 -5.29
N MET A 559 -1.60 18.75 -4.10
CA MET A 559 -2.20 17.59 -3.47
C MET A 559 -3.58 17.99 -2.91
N GLN A 560 -4.38 16.98 -2.56
CA GLN A 560 -5.66 17.23 -1.91
C GLN A 560 -5.56 17.25 -0.39
N SER A 561 -4.37 16.97 0.16
CA SER A 561 -4.21 16.94 1.60
C SER A 561 -4.47 18.30 2.22
N TRP A 562 -3.89 19.35 1.63
CA TRP A 562 -4.01 20.69 2.20
C TRP A 562 -5.36 21.33 1.94
N MET A 563 -6.21 20.70 1.12
CA MET A 563 -7.60 21.16 1.03
C MET A 563 -8.35 20.87 2.33
N PHE A 564 -8.11 19.70 2.92
CA PHE A 564 -8.82 19.30 4.14
C PHE A 564 -7.83 18.61 5.06
N LEU A 565 -7.29 19.37 6.02
CA LEU A 565 -6.35 18.82 6.97
C LEU A 565 -6.30 19.72 8.19
N SER A 566 -5.98 19.13 9.35
CA SER A 566 -5.87 19.92 10.56
C SER A 566 -4.75 20.94 10.46
N SER A 567 -3.62 20.55 9.89
CA SER A 567 -2.59 21.52 9.57
C SER A 567 -3.02 22.35 8.37
N TYR A 568 -2.23 23.39 8.09
CA TYR A 568 -2.52 24.39 7.07
C TYR A 568 -3.80 25.16 7.37
N GLU A 569 -4.38 25.00 8.56
CA GLU A 569 -5.57 25.75 8.91
C GLU A 569 -5.28 27.25 8.92
N ALA A 570 -4.11 27.64 9.43
CA ALA A 570 -3.69 29.03 9.30
C ALA A 570 -3.48 29.40 7.84
N LEU A 571 -2.88 28.49 7.07
CA LEU A 571 -2.66 28.76 5.65
C LEU A 571 -3.98 28.98 4.91
N ARG A 572 -4.92 28.05 5.06
CA ARG A 572 -6.20 28.16 4.37
C ARG A 572 -6.97 29.38 4.85
N GLY A 573 -6.95 29.65 6.16
CA GLY A 573 -7.64 30.82 6.67
C GLY A 573 -7.08 32.11 6.11
N TRP A 574 -5.76 32.23 6.08
CA TRP A 574 -5.12 33.43 5.55
C TRP A 574 -5.43 33.60 4.07
N LEU A 575 -5.36 32.51 3.30
CA LEU A 575 -5.59 32.66 1.86
C LEU A 575 -7.05 32.98 1.56
N LEU A 576 -7.99 32.48 2.36
CA LEU A 576 -9.38 32.87 2.11
C LEU A 576 -9.67 34.27 2.62
N ASP A 577 -8.95 34.71 3.65
CA ASP A 577 -9.14 36.07 4.15
C ASP A 577 -8.56 37.12 3.21
N ASN A 578 -7.46 36.80 2.51
CA ASN A 578 -6.82 37.77 1.64
C ASN A 578 -7.00 37.49 0.15
N LYS A 579 -7.44 36.29 -0.23
CA LYS A 579 -7.61 35.93 -1.63
C LYS A 579 -8.95 35.24 -1.79
N THR A 580 -9.39 35.12 -3.04
CA THR A 580 -10.54 34.30 -3.39
C THR A 580 -10.19 33.41 -4.57
N PHE A 581 -10.78 32.22 -4.61
CA PHE A 581 -10.50 31.26 -5.66
C PHE A 581 -11.70 31.17 -6.60
N ILE A 582 -11.41 31.26 -7.89
CA ILE A 582 -12.48 31.29 -8.89
C ILE A 582 -12.97 29.89 -9.22
N THR A 583 -12.06 28.93 -9.33
CA THR A 583 -12.48 27.61 -9.78
C THR A 583 -11.72 26.53 -9.02
N MET A 584 -12.47 25.47 -8.72
CA MET A 584 -12.03 24.29 -7.99
C MET A 584 -12.11 23.09 -8.93
N ALA A 585 -11.29 22.08 -8.69
CA ALA A 585 -11.41 20.81 -9.38
C ALA A 585 -10.79 19.72 -8.50
N HIS A 586 -11.64 19.02 -7.76
CA HIS A 586 -11.17 18.02 -6.81
C HIS A 586 -11.10 16.67 -7.52
N LEU A 587 -9.90 16.31 -7.98
CA LEU A 587 -9.69 14.98 -8.52
C LEU A 587 -9.31 14.02 -7.39
N GLY A 588 -9.54 12.74 -7.64
CA GLY A 588 -9.26 11.73 -6.64
C GLY A 588 -7.91 11.08 -6.82
N ALA A 589 -7.87 9.75 -6.74
CA ALA A 589 -6.64 9.00 -6.92
C ALA A 589 -6.39 8.55 -8.34
N ARG A 590 -7.42 8.54 -9.19
CA ARG A 590 -7.30 8.07 -10.56
C ARG A 590 -7.68 9.11 -11.60
N ALA A 591 -8.42 10.16 -11.21
CA ALA A 591 -8.85 11.16 -12.17
C ALA A 591 -7.66 11.90 -12.78
N PHE A 592 -6.67 12.23 -11.96
CA PHE A 592 -5.48 12.91 -12.43
C PHE A 592 -4.47 11.91 -12.98
N GLY A 593 -3.73 12.35 -14.00
CA GLY A 593 -2.70 11.53 -14.60
C GLY A 593 -1.31 12.02 -14.25
N GLN A 594 -1.22 12.94 -13.30
CA GLN A 594 0.09 13.46 -12.89
C GLN A 594 0.96 12.37 -12.29
N ILE A 595 0.38 11.48 -11.49
CA ILE A 595 1.10 10.38 -10.88
C ILE A 595 0.41 9.07 -11.26
N SER A 596 1.21 8.09 -11.67
CA SER A 596 0.69 6.77 -12.03
C SER A 596 0.50 5.95 -10.77
N GLY A 597 -0.75 5.64 -10.45
CA GLY A 597 -1.10 4.94 -9.23
C GLY A 597 -2.05 5.76 -8.36
N GLU A 598 -2.68 5.05 -7.43
CA GLU A 598 -3.68 5.65 -6.55
C GLU A 598 -3.08 6.21 -5.27
N VAL A 599 -1.78 6.09 -5.07
CA VAL A 599 -1.13 6.51 -3.84
C VAL A 599 -1.31 8.01 -3.64
N VAL A 600 -1.14 8.77 -4.72
CA VAL A 600 -1.26 10.23 -4.67
C VAL A 600 -2.67 10.62 -5.08
N GLN A 601 -3.15 11.72 -4.51
CA GLN A 601 -4.46 12.28 -4.86
C GLN A 601 -4.33 13.78 -4.95
N THR A 602 -4.66 14.35 -6.11
CA THR A 602 -4.37 15.74 -6.40
C THR A 602 -5.64 16.52 -6.74
N THR A 603 -5.55 17.83 -6.58
CA THR A 603 -6.62 18.76 -6.88
C THR A 603 -6.07 19.95 -7.65
N ALA A 604 -6.82 20.39 -8.66
CA ALA A 604 -6.40 21.51 -9.50
C ALA A 604 -7.26 22.73 -9.19
N TRP A 605 -6.63 23.86 -8.93
CA TRP A 605 -7.36 25.05 -8.53
C TRP A 605 -6.80 26.26 -9.25
N VAL A 606 -7.64 27.29 -9.37
CA VAL A 606 -7.17 28.61 -9.82
C VAL A 606 -7.73 29.66 -8.87
N ILE A 607 -6.85 30.50 -8.35
CA ILE A 607 -7.17 31.46 -7.30
C ILE A 607 -6.95 32.86 -7.82
N LYS A 608 -7.91 33.74 -7.52
CA LYS A 608 -7.82 35.15 -7.86
C LYS A 608 -7.02 35.90 -6.82
N ASN A 609 -6.14 36.80 -7.29
CA ASN A 609 -5.24 37.51 -6.38
C ASN A 609 -6.00 38.43 -5.44
N ASN A 610 -7.05 39.10 -5.94
CA ASN A 610 -7.80 40.02 -5.11
C ASN A 610 -8.68 39.27 -4.11
N HIS A 611 -8.83 39.83 -2.92
CA HIS A 611 -9.73 39.23 -1.93
C HIS A 611 -11.19 39.33 -2.38
N SER A 612 -11.63 40.53 -2.76
CA SER A 612 -12.99 40.78 -3.23
C SER A 612 -14.04 40.26 -2.24
N GLY A 613 -13.68 40.26 -0.96
CA GLY A 613 -14.59 39.83 0.09
C GLY A 613 -15.16 38.44 -0.11
N PHE A 614 -16.47 38.35 -0.29
CA PHE A 614 -17.17 37.09 -0.47
C PHE A 614 -17.61 36.94 -1.91
N TYR A 615 -17.24 35.81 -2.53
CA TYR A 615 -17.63 35.50 -3.89
C TYR A 615 -17.95 34.01 -3.98
N LYS A 616 -18.91 33.67 -4.83
CA LYS A 616 -19.37 32.28 -4.94
C LYS A 616 -18.56 31.53 -6.00
N PRO A 617 -17.91 30.44 -5.63
CA PRO A 617 -17.11 29.69 -6.60
C PRO A 617 -17.91 28.57 -7.25
N VAL A 618 -17.37 28.07 -8.35
CA VAL A 618 -17.89 26.89 -9.02
C VAL A 618 -16.96 25.73 -8.73
N PHE A 619 -17.53 24.55 -8.54
CA PHE A 619 -16.79 23.39 -8.09
C PHE A 619 -17.00 22.22 -9.04
N PHE A 620 -15.98 21.37 -9.15
CA PHE A 620 -15.99 20.23 -10.06
C PHE A 620 -15.47 19.02 -9.30
N ARG A 621 -16.27 17.95 -9.25
CA ARG A 621 -15.86 16.71 -8.62
C ARG A 621 -15.34 15.74 -9.67
N LEU A 622 -14.22 15.08 -9.37
CA LEU A 622 -13.61 14.14 -10.29
C LEU A 622 -13.18 12.82 -9.67
N VAL A 623 -13.34 12.65 -8.35
CA VAL A 623 -12.84 11.44 -7.70
C VAL A 623 -13.57 10.20 -8.20
N ASP A 624 -14.77 10.39 -8.76
CA ASP A 624 -15.63 9.26 -9.11
C ASP A 624 -14.99 8.35 -10.15
N ASP A 625 -14.39 8.92 -11.19
CA ASP A 625 -13.85 8.09 -12.27
C ASP A 625 -12.45 8.53 -12.66
N ASN A 626 -11.91 7.97 -13.74
CA ASN A 626 -10.54 8.22 -14.17
C ASN A 626 -10.51 9.22 -15.33
N GLU A 627 -9.28 9.61 -15.69
CA GLU A 627 -9.06 10.71 -16.61
C GLU A 627 -9.77 10.53 -17.94
N GLU A 628 -9.68 9.33 -18.52
CA GLU A 628 -10.31 9.07 -19.81
C GLU A 628 -11.80 9.36 -19.75
N HIS A 629 -12.44 9.05 -18.63
CA HIS A 629 -13.82 9.43 -18.41
C HIS A 629 -13.95 10.86 -17.92
N LYS A 630 -13.04 11.30 -17.04
CA LYS A 630 -13.19 12.61 -16.44
C LYS A 630 -13.09 13.75 -17.44
N LYS A 631 -12.50 13.52 -18.62
CA LYS A 631 -12.49 14.58 -19.63
C LYS A 631 -13.91 14.98 -20.02
N ASN A 632 -14.66 14.04 -20.60
CA ASN A 632 -16.03 14.38 -21.02
C ASN A 632 -16.96 14.51 -19.81
N ASN A 633 -16.55 14.00 -18.65
CA ASN A 633 -17.30 14.30 -17.43
C ASN A 633 -17.17 15.77 -17.05
N LEU A 634 -15.97 16.34 -17.22
CA LEU A 634 -15.76 17.75 -16.93
C LEU A 634 -16.38 18.62 -18.02
N LEU A 635 -16.45 18.11 -19.25
CA LEU A 635 -17.13 18.85 -20.31
C LEU A 635 -18.57 19.14 -19.94
N ASN A 636 -19.25 18.16 -19.33
CA ASN A 636 -20.64 18.31 -18.86
C ASN A 636 -20.67 17.89 -17.40
N ARG A 637 -20.41 18.84 -16.51
CA ARG A 637 -20.33 18.53 -15.10
C ARG A 637 -21.72 18.49 -14.47
N MET A 638 -21.78 17.93 -13.26
CA MET A 638 -23.02 17.83 -12.49
C MET A 638 -22.78 18.14 -11.02
N ASN A 639 -21.68 18.83 -10.71
CA ASN A 639 -21.32 19.13 -9.33
C ASN A 639 -21.04 20.62 -9.12
N CYS A 640 -21.84 21.49 -9.73
CA CYS A 640 -21.56 22.92 -9.70
C CYS A 640 -21.45 23.46 -8.29
N PHE A 641 -22.42 23.14 -7.43
CA PHE A 641 -22.42 23.57 -6.03
C PHE A 641 -22.27 25.08 -5.92
N LYS A 642 -22.94 25.82 -6.79
CA LYS A 642 -22.78 27.27 -6.82
C LYS A 642 -23.34 27.93 -5.56
N ASN A 643 -24.30 27.27 -4.90
CA ASN A 643 -24.97 27.84 -3.73
C ASN A 643 -23.98 28.20 -2.63
N THR A 644 -22.89 27.44 -2.53
CA THR A 644 -21.90 27.69 -1.49
C THR A 644 -21.22 29.04 -1.70
N LEU A 645 -20.85 29.67 -0.58
CA LEU A 645 -20.27 31.01 -0.58
C LEU A 645 -19.04 31.04 0.32
N GLN A 646 -18.20 32.06 0.12
CA GLN A 646 -16.95 32.17 0.86
C GLN A 646 -17.19 32.25 2.36
N ASN A 647 -18.15 33.06 2.77
CA ASN A 647 -18.49 33.14 4.19
C ASN A 647 -19.02 31.81 4.69
N ASP A 648 -19.75 31.07 3.84
CA ASP A 648 -20.21 29.74 4.23
C ASP A 648 -19.03 28.81 4.49
N PHE A 649 -18.01 28.86 3.63
CA PHE A 649 -16.85 28.00 3.81
C PHE A 649 -16.07 28.37 5.06
N LYS A 650 -15.90 29.66 5.33
CA LYS A 650 -15.15 30.05 6.52
C LYS A 650 -15.90 29.71 7.80
N LYS A 651 -17.22 29.60 7.73
CA LYS A 651 -18.04 29.25 8.89
C LYS A 651 -18.16 27.72 8.92
N ILE A 652 -17.17 27.10 9.56
CA ILE A 652 -17.08 25.64 9.70
C ILE A 652 -15.85 25.39 10.56
N PRO A 653 -15.78 24.31 11.35
CA PRO A 653 -14.59 24.09 12.19
C PRO A 653 -13.40 23.67 11.34
N GLY A 654 -12.27 24.35 11.55
CA GLY A 654 -11.04 24.04 10.83
C GLY A 654 -11.00 24.55 9.41
N SER A 655 -12.09 25.14 8.92
CA SER A 655 -12.19 25.68 7.57
C SER A 655 -11.76 24.71 6.46
N PRO A 656 -12.34 23.52 6.38
CA PRO A 656 -12.14 22.70 5.18
C PRO A 656 -13.11 23.08 4.08
N ILE A 657 -12.65 22.90 2.85
CA ILE A 657 -13.47 23.17 1.68
C ILE A 657 -14.39 21.98 1.47
N ALA A 658 -15.68 22.16 1.71
CA ALA A 658 -16.65 21.08 1.65
C ALA A 658 -17.44 21.17 0.34
N TYR A 659 -17.36 20.10 -0.45
CA TYR A 659 -18.11 20.00 -1.70
C TYR A 659 -19.60 19.73 -1.47
N TRP A 660 -19.95 19.11 -0.36
CA TRP A 660 -21.33 18.71 -0.09
C TRP A 660 -21.87 19.49 1.09
N ALA A 661 -21.45 20.74 1.22
CA ALA A 661 -21.81 21.58 2.35
C ALA A 661 -23.25 22.07 2.18
N THR A 662 -24.03 21.97 3.25
CA THR A 662 -25.38 22.50 3.30
C THR A 662 -25.39 23.70 4.23
N LEU A 663 -25.93 24.82 3.76
CA LEU A 663 -26.02 26.00 4.62
C LEU A 663 -26.85 25.69 5.86
N ALA A 664 -27.86 24.84 5.72
CA ALA A 664 -28.60 24.39 6.90
C ALA A 664 -27.70 23.61 7.84
N PHE A 665 -26.82 22.76 7.30
CA PHE A 665 -25.91 21.98 8.13
C PHE A 665 -24.94 22.89 8.88
N ILE A 666 -24.33 23.85 8.17
CA ILE A 666 -23.37 24.73 8.81
C ILE A 666 -24.06 25.63 9.83
N ASN A 667 -25.29 26.05 9.54
CA ASN A 667 -26.06 26.80 10.51
C ASN A 667 -26.40 25.95 11.73
N SER A 668 -26.59 24.65 11.52
CA SER A 668 -26.79 23.74 12.63
C SER A 668 -25.54 23.64 13.49
N PHE A 669 -24.37 23.67 12.86
CA PHE A 669 -23.13 23.54 13.64
C PHE A 669 -22.96 24.71 14.61
N LEU A 670 -23.21 25.93 14.14
CA LEU A 670 -23.02 27.09 15.00
C LEU A 670 -24.05 27.10 16.13
N LYS A 671 -23.89 28.06 17.05
CA LYS A 671 -24.73 28.24 18.23
C LYS A 671 -25.00 26.92 18.95
N LEU A 672 -24.06 25.99 18.89
CA LEU A 672 -24.22 24.67 19.46
C LEU A 672 -23.00 24.30 20.28
N PRO A 673 -23.18 23.78 21.49
CA PRO A 673 -22.03 23.45 22.34
C PRO A 673 -21.19 22.34 21.75
N ALA A 674 -19.88 22.43 21.98
CA ALA A 674 -18.94 21.44 21.48
C ALA A 674 -17.84 21.27 22.54
N LEU A 675 -17.77 20.06 23.11
CA LEU A 675 -16.79 19.78 24.15
C LEU A 675 -15.38 19.90 23.59
N GLY A 676 -14.47 20.39 24.42
CA GLY A 676 -13.07 20.49 24.05
C GLY A 676 -12.12 20.25 25.21
N THR A 677 -12.68 19.83 26.34
CA THR A 677 -11.90 19.63 27.56
C THR A 677 -12.08 18.26 28.17
N ARG A 678 -13.29 17.70 28.11
CA ARG A 678 -13.58 16.45 28.80
C ARG A 678 -12.77 15.29 28.24
N ALA A 679 -12.62 15.22 26.92
CA ALA A 679 -11.83 14.16 26.32
C ALA A 679 -10.33 14.44 26.46
N VAL A 680 -9.57 13.39 26.74
CA VAL A 680 -8.13 13.49 26.94
C VAL A 680 -7.43 12.35 26.21
N LYS A 681 -6.11 12.33 26.33
CA LYS A 681 -5.28 11.31 25.70
C LYS A 681 -4.72 10.35 26.74
N GLY A 682 -4.34 9.16 26.28
CA GLY A 682 -3.86 8.10 27.14
C GLY A 682 -2.36 8.13 27.34
N LEU A 683 -1.85 7.04 27.92
CA LEU A 683 -0.43 6.90 28.23
C LEU A 683 0.28 6.07 27.17
N ASP A 684 1.54 6.41 26.94
CA ASP A 684 2.36 5.76 25.93
C ASP A 684 3.48 4.98 26.62
N THR A 685 3.67 3.74 26.20
CA THR A 685 4.77 2.92 26.69
C THR A 685 5.99 3.10 25.79
N ASN A 686 7.17 3.09 26.42
CA ASN A 686 8.41 3.43 25.75
C ASN A 686 9.01 2.27 24.98
N GLY A 687 8.22 1.27 24.63
CA GLY A 687 8.70 0.16 23.82
C GLY A 687 8.67 -1.21 24.48
N SER A 688 8.16 -1.32 25.71
CA SER A 688 8.04 -2.60 26.39
C SER A 688 6.61 -3.14 26.31
N ILE A 689 5.89 -2.82 25.23
CA ILE A 689 4.50 -3.25 25.11
C ILE A 689 4.41 -4.77 25.02
N ASP A 690 5.40 -5.40 24.40
CA ASP A 690 5.42 -6.85 24.30
C ASP A 690 5.51 -7.51 25.67
N VAL A 691 6.05 -6.80 26.65
CA VAL A 691 6.18 -7.34 28.00
C VAL A 691 5.22 -6.71 28.99
N PHE A 692 4.68 -5.52 28.70
CA PHE A 692 3.86 -4.81 29.67
C PHE A 692 2.36 -4.93 29.41
N LEU A 693 1.97 -5.44 28.24
CA LEU A 693 0.57 -5.64 27.90
C LEU A 693 0.38 -7.09 27.47
N ARG A 694 -0.69 -7.73 27.96
CA ARG A 694 -0.91 -9.14 27.70
C ARG A 694 -2.40 -9.41 27.58
N ARG A 695 -2.74 -10.64 27.24
CA ARG A 695 -4.12 -11.06 27.10
C ARG A 695 -4.71 -11.42 28.47
N TRP A 696 -6.00 -11.14 28.62
CA TRP A 696 -6.68 -11.26 29.91
C TRP A 696 -6.68 -12.68 30.50
N PRO A 697 -6.94 -13.75 29.73
CA PRO A 697 -6.99 -15.08 30.36
C PRO A 697 -5.64 -15.75 30.55
N GLU A 698 -4.55 -15.11 30.12
CA GLU A 698 -3.21 -15.69 30.35
C GLU A 698 -2.81 -15.58 31.82
N VAL A 699 -3.06 -14.43 32.43
CA VAL A 699 -2.70 -14.21 33.83
C VAL A 699 -3.64 -14.99 34.73
N SER A 700 -3.22 -15.21 35.97
CA SER A 700 -4.04 -15.90 36.95
C SER A 700 -5.29 -15.09 37.28
N ILE A 701 -6.45 -15.60 36.87
CA ILE A 701 -7.70 -14.89 37.07
C ILE A 701 -7.98 -14.70 38.56
N ASN A 702 -7.49 -15.62 39.40
CA ASN A 702 -7.66 -15.50 40.83
C ASN A 702 -6.95 -14.27 41.40
N SER A 703 -5.96 -13.74 40.70
CA SER A 703 -5.19 -12.61 41.18
C SER A 703 -5.60 -11.28 40.58
N PHE A 704 -6.18 -11.28 39.37
CA PHE A 704 -6.54 -10.05 38.68
C PHE A 704 -8.02 -9.71 38.81
N ASP A 705 -8.91 -10.61 38.41
CA ASP A 705 -10.34 -10.35 38.52
C ASP A 705 -10.82 -10.43 39.97
N ALA A 706 -10.39 -11.46 40.69
CA ALA A 706 -10.62 -11.58 42.12
C ALA A 706 -9.40 -11.07 42.87
N LEU A 707 -9.51 -11.00 44.19
CA LEU A 707 -8.46 -10.46 45.04
C LEU A 707 -8.08 -9.06 44.57
N GLY A 708 -9.09 -8.18 44.51
CA GLY A 708 -8.84 -6.83 44.04
C GLY A 708 -8.10 -5.97 45.05
N LYS A 709 -8.12 -6.40 46.31
CA LYS A 709 -7.43 -5.65 47.36
C LYS A 709 -5.92 -5.63 47.14
N GLY A 710 -5.36 -6.77 46.71
CA GLY A 710 -3.92 -6.82 46.51
C GLY A 710 -3.45 -5.92 45.37
N ASN A 711 -4.18 -5.96 44.25
CA ASN A 711 -3.82 -5.21 43.04
C ASN A 711 -2.44 -5.60 42.53
N SER A 712 -1.92 -6.71 43.03
CA SER A 712 -0.61 -7.20 42.62
C SER A 712 -0.59 -7.70 41.20
N LYS A 713 -1.74 -8.10 40.66
CA LYS A 713 -1.85 -8.63 39.30
C LYS A 713 -2.14 -7.45 38.36
N TRP A 714 -2.52 -7.68 37.11
CA TRP A 714 -2.67 -6.65 36.11
C TRP A 714 -4.04 -6.00 36.23
N PHE A 715 -4.31 -5.06 35.32
CA PHE A 715 -5.56 -4.33 35.30
C PHE A 715 -6.07 -4.20 33.88
N PRO A 716 -7.38 -4.09 33.68
CA PRO A 716 -7.93 -3.97 32.33
C PRO A 716 -7.42 -2.71 31.63
N ILE A 717 -7.21 -2.83 30.33
CA ILE A 717 -6.70 -1.72 29.52
C ILE A 717 -7.57 -1.60 28.27
N ALA A 718 -7.56 -0.42 27.68
CA ALA A 718 -8.31 -0.13 26.48
C ALA A 718 -7.37 0.33 25.38
N LYS A 719 -7.52 -0.24 24.19
CA LYS A 719 -6.67 0.12 23.07
C LYS A 719 -7.50 0.60 21.88
N GLY A 720 -8.66 -0.02 21.68
CA GLY A 720 -9.54 0.37 20.59
C GLY A 720 -9.35 -0.50 19.37
N GLY A 721 -10.30 -1.39 19.10
CA GLY A 721 -10.21 -2.29 17.98
C GLY A 721 -11.29 -2.09 16.94
N GLU A 722 -12.05 -3.15 16.67
CA GLU A 722 -13.13 -3.07 15.70
C GLU A 722 -14.20 -2.09 16.19
N LEU A 723 -14.81 -1.39 15.23
CA LEU A 723 -15.85 -0.41 15.54
C LEU A 723 -16.95 -1.03 16.39
N ARG A 724 -17.09 -0.53 17.61
CA ARG A 724 -18.12 -0.94 18.54
C ARG A 724 -18.90 0.29 18.99
N LYS A 725 -20.22 0.15 19.10
CA LYS A 725 -21.08 1.28 19.39
C LYS A 725 -21.28 1.52 20.89
N TRP A 726 -21.64 0.50 21.65
CA TRP A 726 -22.01 0.74 23.04
C TRP A 726 -21.11 0.00 24.02
N PHE A 727 -20.89 -1.29 23.81
CA PHE A 727 -20.12 -2.07 24.77
C PHE A 727 -19.34 -3.17 24.05
N GLY A 728 -18.15 -3.45 24.57
CA GLY A 728 -17.30 -4.50 24.07
C GLY A 728 -15.89 -4.01 23.85
N ASN A 729 -15.10 -4.82 23.16
CA ASN A 729 -13.73 -4.48 22.76
C ASN A 729 -12.87 -4.14 23.98
N HIS A 730 -12.85 -5.06 24.93
CA HIS A 730 -11.95 -4.94 26.06
C HIS A 730 -11.51 -6.31 26.56
N GLU A 731 -10.37 -6.79 26.07
CA GLU A 731 -9.85 -8.11 26.39
C GLU A 731 -8.34 -8.09 26.60
N TYR A 732 -7.79 -6.97 27.09
CA TYR A 732 -6.36 -6.83 27.28
C TYR A 732 -6.09 -6.27 28.67
N ILE A 733 -4.93 -6.64 29.24
CA ILE A 733 -4.55 -6.19 30.57
C ILE A 733 -3.12 -5.66 30.54
N ILE A 734 -2.82 -4.81 31.53
CA ILE A 734 -1.54 -4.11 31.63
C ILE A 734 -1.11 -4.12 33.09
N ASN A 735 0.20 -4.18 33.31
CA ASN A 735 0.73 -4.26 34.67
C ASN A 735 0.96 -2.86 35.22
N TYR A 736 0.39 -2.58 36.41
CA TYR A 736 0.50 -1.26 37.01
C TYR A 736 0.72 -1.36 38.52
N GLU A 737 1.38 -2.43 38.97
CA GLU A 737 1.62 -2.57 40.40
C GLU A 737 2.57 -1.50 40.91
N ASN A 738 2.34 -1.07 42.14
CA ASN A 738 3.08 0.02 42.77
C ASN A 738 3.06 1.26 41.89
N ASP A 739 1.86 1.63 41.46
CA ASP A 739 1.64 2.79 40.59
C ASP A 739 2.49 2.69 39.33
N GLY A 740 2.49 1.51 38.72
CA GLY A 740 3.28 1.28 37.52
C GLY A 740 4.76 1.45 37.74
N ILE A 741 5.29 0.74 38.75
CA ILE A 741 6.71 0.88 39.07
C ILE A 741 7.56 0.39 37.90
N GLU A 742 7.14 -0.68 37.23
CA GLU A 742 7.89 -1.19 36.09
C GLU A 742 7.89 -0.18 34.94
N LEU A 743 6.73 0.46 34.70
CA LEU A 743 6.68 1.49 33.66
C LEU A 743 7.57 2.67 34.00
N ARG A 744 7.57 3.07 35.28
CA ARG A 744 8.44 4.17 35.70
C ARG A 744 9.90 3.81 35.51
N LYS A 745 10.30 2.58 35.83
CA LYS A 745 11.64 2.11 35.55
C LYS A 745 11.91 1.95 34.06
N ASN A 746 10.86 1.83 33.26
CA ASN A 746 10.99 1.74 31.81
C ASN A 746 11.05 3.11 31.14
N LYS A 747 10.89 4.19 31.91
CA LYS A 747 10.84 5.55 31.38
C LYS A 747 9.68 5.69 30.39
N ALA A 748 8.49 5.30 30.84
CA ALA A 748 7.30 5.39 30.01
C ALA A 748 6.55 6.70 30.28
N ASN A 749 6.04 7.31 29.21
CA ASN A 749 5.30 8.55 29.31
C ASN A 749 3.91 8.27 29.85
N LEU A 750 3.58 8.87 30.99
CA LEU A 750 2.26 8.71 31.61
C LEU A 750 1.59 10.08 31.63
N ARG A 751 0.58 10.24 30.78
CA ARG A 751 -0.15 11.49 30.66
C ARG A 751 -1.55 11.33 31.23
N ASN A 752 -2.05 12.40 31.85
CA ASN A 752 -3.38 12.42 32.45
C ASN A 752 -3.53 11.31 33.49
N LYS A 753 -2.58 11.26 34.42
CA LYS A 753 -2.60 10.26 35.47
C LYS A 753 -3.79 10.40 36.40
N ASP A 754 -4.42 11.57 36.44
CA ASP A 754 -5.49 11.80 37.39
C ASP A 754 -6.79 11.07 37.02
N MET A 755 -6.97 10.74 35.75
CA MET A 755 -8.18 10.07 35.29
C MET A 755 -8.02 8.54 35.23
N TYR A 756 -6.92 8.01 35.77
CA TYR A 756 -6.69 6.58 35.73
C TYR A 756 -7.68 5.86 36.63
N PHE A 757 -8.24 4.76 36.12
CA PHE A 757 -9.29 3.99 36.79
C PHE A 757 -10.48 4.89 37.11
N GLN A 758 -11.08 5.42 36.06
CA GLN A 758 -12.21 6.33 36.20
C GLN A 758 -13.26 5.99 35.15
N GLU A 759 -14.50 6.35 35.46
CA GLU A 759 -15.65 6.03 34.61
C GLU A 759 -15.78 7.05 33.49
N GLY A 760 -16.14 6.57 32.30
CA GLY A 760 -16.34 7.48 31.18
C GLY A 760 -16.71 6.84 29.85
N GLY A 761 -16.07 7.29 28.77
CA GLY A 761 -16.29 6.71 27.46
C GLY A 761 -14.99 6.68 26.67
N THR A 762 -14.91 5.74 25.75
CA THR A 762 -13.68 5.55 24.97
C THR A 762 -14.03 5.41 23.49
N TRP A 763 -13.22 6.03 22.64
CA TRP A 763 -13.38 5.96 21.19
C TRP A 763 -12.04 5.64 20.56
N THR A 764 -12.08 4.85 19.49
CA THR A 764 -10.86 4.42 18.81
C THR A 764 -10.16 5.61 18.15
N VAL A 765 -8.85 5.74 18.40
CA VAL A 765 -8.11 6.91 17.94
C VAL A 765 -8.03 6.93 16.42
N VAL A 766 -7.64 5.80 15.82
CA VAL A 766 -7.49 5.69 14.38
C VAL A 766 -8.33 4.50 13.92
N SER A 767 -9.51 4.78 13.37
CA SER A 767 -10.42 3.75 12.90
C SER A 767 -10.34 3.63 11.37
N THR A 768 -10.99 2.59 10.85
CA THR A 768 -11.01 2.33 9.42
C THR A 768 -12.41 2.32 8.84
N THR A 769 -13.44 2.56 9.65
CA THR A 769 -14.83 2.52 9.17
C THR A 769 -15.60 3.78 9.54
N GLY A 770 -15.34 4.36 10.70
CA GLY A 770 -16.07 5.54 11.12
C GLY A 770 -15.74 5.89 12.55
N PHE A 771 -16.53 6.81 13.10
CA PHE A 771 -16.35 7.29 14.46
C PHE A 771 -17.40 6.67 15.37
N SER A 772 -16.95 6.13 16.51
CA SER A 772 -17.86 5.47 17.44
C SER A 772 -17.20 5.38 18.81
N MET A 773 -17.94 5.77 19.84
CA MET A 773 -17.46 5.74 21.21
C MET A 773 -18.37 4.86 22.04
N ARG A 774 -17.79 4.04 22.92
CA ARG A 774 -18.52 3.10 23.74
C ARG A 774 -18.26 3.39 25.22
N TYR A 775 -19.21 2.97 26.06
CA TYR A 775 -19.12 3.21 27.50
C TYR A 775 -17.91 2.52 28.09
N MET A 776 -17.16 3.27 28.91
CA MET A 776 -15.86 2.86 29.42
C MET A 776 -15.98 2.68 30.92
N PRO A 777 -16.01 1.44 31.42
CA PRO A 777 -16.46 1.19 32.79
C PRO A 777 -15.45 1.68 33.83
N LYS A 778 -15.94 1.86 35.05
CA LYS A 778 -15.12 2.34 36.15
C LYS A 778 -14.07 1.32 36.53
N GLY A 779 -12.88 1.81 36.91
CA GLY A 779 -11.81 0.93 37.35
C GLY A 779 -10.94 0.35 36.27
N PHE A 780 -11.09 0.79 35.02
CA PHE A 780 -10.26 0.32 33.93
C PHE A 780 -9.14 1.33 33.72
N LEU A 781 -7.92 0.84 33.53
CA LEU A 781 -6.82 1.71 33.19
C LEU A 781 -6.98 2.25 31.77
N PHE A 782 -6.47 3.45 31.54
CA PHE A 782 -6.66 4.16 30.28
C PHE A 782 -5.30 4.37 29.62
N ASP A 783 -5.19 3.97 28.35
CA ASP A 783 -3.93 3.99 27.62
C ASP A 783 -4.08 4.79 26.32
N GLN A 784 -2.95 5.18 25.74
CA GLN A 784 -2.98 5.82 24.44
C GLN A 784 -3.57 4.89 23.40
N GLY A 785 -4.31 5.45 22.47
CA GLY A 785 -5.11 4.62 21.59
C GLY A 785 -6.40 4.21 22.26
N GLY A 786 -7.50 4.39 21.55
CA GLY A 786 -8.79 4.25 22.20
C GLY A 786 -8.93 5.30 23.28
N SER A 787 -8.62 6.55 22.93
CA SER A 787 -8.63 7.65 23.89
C SER A 787 -10.01 7.81 24.53
N ALA A 788 -10.03 8.47 25.68
CA ALA A 788 -11.20 8.47 26.56
C ALA A 788 -11.72 9.88 26.81
N VAL A 789 -12.97 9.95 27.25
CA VAL A 789 -13.61 11.19 27.66
C VAL A 789 -14.06 11.04 29.10
N PHE A 790 -14.01 12.14 29.85
CA PHE A 790 -14.38 12.15 31.26
C PHE A 790 -15.25 13.36 31.53
N CYS A 791 -16.50 13.11 31.91
CA CYS A 791 -17.43 14.19 32.20
C CYS A 791 -16.96 15.02 33.40
N GLU A 792 -17.16 16.32 33.31
CA GLU A 792 -16.72 17.22 34.37
C GLU A 792 -17.59 17.05 35.62
N ASN A 793 -17.04 17.45 36.75
CA ASN A 793 -17.77 17.39 38.02
C ASN A 793 -18.91 18.42 38.00
N ASN A 794 -20.11 17.97 38.36
CA ASN A 794 -21.30 18.82 38.37
C ASN A 794 -21.54 19.44 37.00
N ASP A 795 -21.12 18.75 35.95
CA ASP A 795 -21.27 19.26 34.59
C ASP A 795 -22.73 19.26 34.19
N GLU A 796 -23.11 20.24 33.35
CA GLU A 796 -24.48 20.31 32.86
C GLU A 796 -24.83 19.13 31.98
N LEU A 797 -23.84 18.41 31.46
CA LEU A 797 -24.06 17.29 30.56
C LEU A 797 -23.58 16.00 31.21
N SER A 798 -24.47 15.02 31.28
CA SER A 798 -24.09 13.70 31.76
C SER A 798 -23.36 12.94 30.66
N ILE A 799 -22.58 11.93 31.08
CA ILE A 799 -21.84 11.13 30.11
C ILE A 799 -22.79 10.35 29.21
N TYR A 800 -23.92 9.91 29.76
CA TYR A 800 -24.89 9.15 28.98
C TYR A 800 -25.43 10.00 27.83
N ASN A 801 -25.77 11.25 28.13
CA ASN A 801 -26.30 12.14 27.10
C ASN A 801 -25.27 12.39 26.01
N ILE A 802 -24.00 12.59 26.40
CA ILE A 802 -22.95 12.83 25.42
C ILE A 802 -22.75 11.60 24.54
N LEU A 803 -22.79 10.41 25.14
CA LEU A 803 -22.68 9.19 24.35
C LEU A 803 -23.83 9.07 23.36
N ALA A 804 -25.05 9.37 23.82
CA ALA A 804 -26.20 9.30 22.93
C ALA A 804 -26.07 10.30 21.79
N CYS A 805 -25.64 11.53 22.08
CA CYS A 805 -25.46 12.53 21.04
C CYS A 805 -24.42 12.09 20.03
N MET A 806 -23.29 11.55 20.51
CA MET A 806 -22.22 11.17 19.60
C MET A 806 -22.60 9.94 18.78
N ASN A 807 -23.46 9.08 19.30
CA ASN A 807 -23.87 7.90 18.54
C ASN A 807 -24.81 8.26 17.39
N SER A 808 -25.31 9.49 17.35
CA SER A 808 -26.21 9.91 16.29
C SER A 808 -25.50 9.91 14.95
N LYS A 809 -26.24 9.58 13.89
CA LYS A 809 -25.66 9.57 12.56
C LYS A 809 -25.31 10.98 12.09
N TYR A 810 -25.96 12.00 12.66
CA TYR A 810 -25.58 13.38 12.37
C TYR A 810 -24.14 13.65 12.78
N ILE A 811 -23.75 13.17 13.97
CA ILE A 811 -22.39 13.34 14.42
C ILE A 811 -21.43 12.55 13.54
N ASN A 812 -21.85 11.38 13.05
CA ASN A 812 -21.00 10.62 12.14
C ASN A 812 -20.75 11.39 10.85
N TYR A 813 -21.80 11.97 10.27
CA TYR A 813 -21.64 12.76 9.05
C TYR A 813 -20.77 13.98 9.30
N SER A 814 -20.97 14.65 10.43
CA SER A 814 -20.16 15.81 10.77
C SER A 814 -18.69 15.43 10.94
N ALA A 815 -18.43 14.29 11.58
CA ALA A 815 -17.06 13.81 11.74
C ALA A 815 -16.43 13.49 10.39
N SER A 816 -17.18 12.84 9.50
CA SER A 816 -16.68 12.57 8.16
C SER A 816 -16.33 13.87 7.45
N LEU A 817 -17.16 14.90 7.64
CA LEU A 817 -16.93 16.18 6.98
C LEU A 817 -15.69 16.88 7.54
N ILE A 818 -15.58 16.98 8.86
CA ILE A 818 -14.54 17.80 9.46
C ILE A 818 -13.16 17.16 9.26
N CYS A 819 -13.07 15.83 9.37
CA CYS A 819 -11.84 15.09 9.12
C CYS A 819 -12.14 14.01 8.09
N PRO A 820 -11.91 14.28 6.80
CA PRO A 820 -12.17 13.25 5.78
C PRO A 820 -11.42 11.96 6.02
N THR A 821 -10.18 12.06 6.52
CA THR A 821 -9.44 10.86 6.88
C THR A 821 -10.14 10.16 8.04
N LEU A 822 -10.16 8.83 7.99
CA LEU A 822 -10.81 8.06 9.05
C LEU A 822 -10.08 8.20 10.38
N ASN A 823 -8.84 8.68 10.38
CA ASN A 823 -8.13 8.89 11.62
C ASN A 823 -8.70 10.10 12.37
N PHE A 824 -8.65 10.04 13.70
CA PHE A 824 -9.16 11.09 14.56
C PHE A 824 -8.11 11.42 15.61
N THR A 825 -8.29 12.57 16.27
CA THR A 825 -7.34 13.03 17.26
C THR A 825 -8.06 13.85 18.32
N THR A 826 -7.30 14.33 19.31
CA THR A 826 -7.88 15.12 20.38
C THR A 826 -8.41 16.46 19.87
N GLY A 827 -7.70 17.06 18.90
CA GLY A 827 -8.21 18.28 18.31
C GLY A 827 -9.56 18.08 17.64
N ASP A 828 -9.77 16.91 17.05
CA ASP A 828 -11.06 16.61 16.44
C ASP A 828 -12.17 16.57 17.49
N VAL A 829 -11.97 15.81 18.57
CA VAL A 829 -13.01 15.69 19.58
C VAL A 829 -13.18 17.01 20.33
N ARG A 830 -12.21 17.91 20.22
CA ARG A 830 -12.40 19.25 20.74
C ARG A 830 -13.43 20.03 19.93
N LYS A 831 -13.84 19.50 18.77
CA LYS A 831 -14.63 20.29 17.84
C LYS A 831 -16.06 19.78 17.62
N PHE A 832 -16.30 18.47 17.71
CA PHE A 832 -17.63 17.96 17.38
C PHE A 832 -18.67 18.54 18.34
N PRO A 833 -19.84 18.93 17.85
CA PRO A 833 -20.84 19.54 18.72
C PRO A 833 -21.55 18.52 19.59
N VAL A 834 -22.17 19.01 20.65
CA VAL A 834 -22.93 18.18 21.58
C VAL A 834 -24.14 18.96 22.07
N ILE A 835 -25.23 18.25 22.31
CA ILE A 835 -26.49 18.83 22.74
C ILE A 835 -26.94 18.14 24.03
N LYS A 836 -28.09 18.56 24.55
CA LYS A 836 -28.61 18.04 25.80
C LYS A 836 -30.09 17.73 25.67
N ASN A 837 -30.51 16.59 26.22
CA ASN A 837 -31.91 16.20 26.22
C ASN A 837 -32.16 15.29 27.41
N ASN A 838 -33.43 15.21 27.80
CA ASN A 838 -33.83 14.51 29.02
C ASN A 838 -34.35 13.10 28.74
N HIS A 839 -34.22 12.61 27.51
CA HIS A 839 -34.62 11.25 27.21
C HIS A 839 -33.53 10.51 26.43
N LEU A 840 -32.53 11.25 25.95
CA LEU A 840 -31.43 10.62 25.24
C LEU A 840 -30.65 9.69 26.15
N GLU A 841 -30.45 10.09 27.40
CA GLU A 841 -29.68 9.26 28.34
C GLU A 841 -30.40 7.96 28.67
N ASP A 842 -31.73 7.97 28.71
CA ASP A 842 -32.46 6.74 29.01
C ASP A 842 -32.33 5.73 27.87
N LEU A 843 -32.49 6.20 26.63
CA LEU A 843 -32.24 5.33 25.50
C LEU A 843 -30.80 4.84 25.49
N ALA A 844 -29.87 5.72 25.87
CA ALA A 844 -28.46 5.34 25.93
C ALA A 844 -28.22 4.22 26.93
N LYS A 845 -28.84 4.32 28.11
CA LYS A 845 -28.60 3.28 29.12
C LYS A 845 -29.29 1.98 28.74
N LYS A 846 -30.45 2.05 28.11
CA LYS A 846 -31.05 0.83 27.58
C LYS A 846 -30.13 0.17 26.57
N ALA A 847 -29.57 0.96 25.65
CA ALA A 847 -28.69 0.40 24.63
C ALA A 847 -27.43 -0.20 25.24
N ILE A 848 -26.85 0.48 26.23
CA ILE A 848 -25.62 -0.04 26.82
C ILE A 848 -25.89 -1.32 27.60
N GLU A 849 -27.04 -1.41 28.26
CA GLU A 849 -27.40 -2.65 28.94
C GLU A 849 -27.58 -3.80 27.95
N ILE A 850 -28.24 -3.52 26.83
CA ILE A 850 -28.43 -4.55 25.80
C ILE A 850 -27.08 -5.02 25.27
N SER A 851 -26.20 -4.08 24.95
CA SER A 851 -24.88 -4.44 24.41
C SER A 851 -24.05 -5.20 25.45
N LYS A 852 -24.18 -4.81 26.72
CA LYS A 852 -23.47 -5.51 27.79
C LYS A 852 -23.93 -6.96 27.88
N ALA A 853 -25.25 -7.18 27.81
CA ALA A 853 -25.76 -8.55 27.82
C ALA A 853 -25.22 -9.34 26.62
N ASP A 854 -25.25 -8.72 25.43
CA ASP A 854 -24.78 -9.42 24.25
C ASP A 854 -23.30 -9.79 24.36
N TRP A 855 -22.48 -8.87 24.86
CA TRP A 855 -21.06 -9.14 24.99
C TRP A 855 -20.75 -10.13 26.11
N ASN A 856 -21.57 -10.19 27.15
CA ASN A 856 -21.37 -11.15 28.23
C ASN A 856 -21.99 -12.51 27.90
N GLN A 857 -22.68 -12.60 26.76
CA GLN A 857 -23.27 -13.86 26.33
C GLN A 857 -22.23 -14.93 25.99
N PHE A 858 -20.99 -14.53 25.66
CA PHE A 858 -19.98 -15.47 25.21
C PHE A 858 -18.92 -15.69 26.27
N GLU A 859 -18.02 -16.65 25.99
CA GLU A 859 -17.06 -17.09 27.00
C GLU A 859 -15.87 -16.14 27.11
N THR A 860 -15.61 -15.37 26.06
CA THR A 860 -14.42 -14.52 26.03
C THR A 860 -14.43 -13.49 27.16
N SER A 861 -15.57 -12.85 27.38
CA SER A 861 -15.70 -11.88 28.46
C SER A 861 -15.65 -12.58 29.81
N TRP A 862 -14.98 -11.93 30.77
CA TRP A 862 -14.86 -12.52 32.10
C TRP A 862 -16.17 -12.47 32.89
N GLU A 863 -17.09 -11.59 32.51
CA GLU A 863 -18.44 -11.62 33.08
C GLU A 863 -19.29 -12.65 32.33
N PHE A 864 -18.77 -13.87 32.29
CA PHE A 864 -19.33 -14.91 31.44
C PHE A 864 -20.66 -15.42 31.99
N SER A 865 -21.66 -15.44 31.13
CA SER A 865 -22.96 -16.02 31.44
C SER A 865 -23.05 -17.40 30.82
N LYS A 866 -23.71 -18.31 31.53
CA LYS A 866 -23.65 -19.72 31.21
C LYS A 866 -24.33 -19.97 29.85
N ASN A 867 -23.93 -21.07 29.22
CA ASN A 867 -24.45 -21.41 27.89
C ASN A 867 -25.98 -21.45 27.91
N LYS A 868 -26.58 -20.73 26.97
CA LYS A 868 -28.03 -20.58 26.95
C LYS A 868 -28.75 -21.86 26.56
N LEU A 869 -28.06 -22.80 25.91
CA LEU A 869 -28.71 -24.05 25.51
C LEU A 869 -29.00 -24.94 26.72
N ILE A 870 -28.03 -25.06 27.63
CA ILE A 870 -28.23 -25.93 28.79
C ILE A 870 -29.17 -25.30 29.79
N GLU A 871 -29.41 -23.99 29.69
CA GLU A 871 -30.29 -23.32 30.63
C GLU A 871 -31.74 -23.76 30.46
N HIS A 872 -32.10 -24.23 29.27
CA HIS A 872 -33.47 -24.64 28.96
C HIS A 872 -33.55 -26.15 28.85
N LYS A 873 -34.62 -26.73 29.37
CA LYS A 873 -34.81 -28.17 29.39
C LYS A 873 -35.79 -28.60 28.29
N GLY A 874 -35.50 -29.75 27.67
CA GLY A 874 -36.30 -30.25 26.58
C GLY A 874 -35.46 -30.86 25.48
N ASN A 875 -35.61 -30.37 24.26
CA ASN A 875 -34.81 -30.82 23.13
C ASN A 875 -33.74 -29.78 22.83
N VAL A 876 -32.63 -30.24 22.25
CA VAL A 876 -31.55 -29.32 21.89
C VAL A 876 -32.02 -28.35 20.80
N ALA A 877 -32.87 -28.84 19.88
CA ALA A 877 -33.45 -27.96 18.88
C ALA A 877 -34.32 -26.89 19.53
N TYR A 878 -35.03 -27.27 20.60
CA TYR A 878 -35.82 -26.29 21.34
C TYR A 878 -34.92 -25.19 21.91
N SER A 879 -33.79 -25.56 22.48
CA SER A 879 -32.86 -24.57 23.01
C SER A 879 -32.29 -23.70 21.90
N TYR A 880 -31.99 -24.30 20.75
CA TYR A 880 -31.49 -23.53 19.62
C TYR A 880 -32.52 -22.51 19.14
N ALA A 881 -33.79 -22.93 19.06
CA ALA A 881 -34.85 -22.02 18.66
C ALA A 881 -35.00 -20.88 19.67
N SER A 882 -34.93 -21.21 20.97
CA SER A 882 -35.01 -20.17 21.98
C SER A 882 -33.85 -19.19 21.87
N TYR A 883 -32.65 -19.71 21.60
CA TYR A 883 -31.48 -18.84 21.46
C TYR A 883 -31.65 -17.90 20.28
N CYS A 884 -32.13 -18.42 19.15
CA CYS A 884 -32.35 -17.57 17.98
C CYS A 884 -33.43 -16.53 18.27
N ASN A 885 -34.47 -16.91 19.01
CA ASN A 885 -35.49 -15.96 19.41
C ASN A 885 -34.88 -14.83 20.24
N PHE A 886 -34.01 -15.19 21.17
CA PHE A 886 -33.33 -14.18 21.98
C PHE A 886 -32.50 -13.25 21.11
N GLN A 887 -31.78 -13.81 20.14
CA GLN A 887 -30.96 -13.00 19.25
C GLN A 887 -31.80 -11.98 18.49
N ASP A 888 -32.90 -12.45 17.88
CA ASP A 888 -33.69 -11.53 17.07
C ASP A 888 -34.42 -10.51 17.92
N LYS A 889 -34.86 -10.90 19.13
CA LYS A 889 -35.47 -9.94 20.03
C LYS A 889 -34.48 -8.84 20.42
N LEU A 890 -33.24 -9.23 20.72
CA LEU A 890 -32.20 -8.25 21.03
C LEU A 890 -31.99 -7.31 19.85
N TYR A 891 -31.91 -7.88 18.65
CA TYR A 891 -31.68 -7.06 17.46
C TYR A 891 -32.80 -6.06 17.24
N GLU A 892 -34.05 -6.51 17.38
CA GLU A 892 -35.19 -5.61 17.15
C GLU A 892 -35.23 -4.50 18.20
N GLN A 893 -34.99 -4.83 19.46
CA GLN A 893 -34.97 -3.79 20.48
C GLN A 893 -33.88 -2.77 20.19
N LEU A 894 -32.69 -3.25 19.81
CA LEU A 894 -31.59 -2.34 19.54
C LEU A 894 -31.90 -1.41 18.37
N VAL A 895 -32.49 -1.95 17.31
CA VAL A 895 -32.76 -1.11 16.14
C VAL A 895 -33.85 -0.09 16.46
N ASN A 896 -34.85 -0.49 17.26
CA ASN A 896 -35.87 0.48 17.67
C ASN A 896 -35.25 1.62 18.48
N ILE A 897 -34.37 1.28 19.42
CA ILE A 897 -33.75 2.32 20.24
C ILE A 897 -32.92 3.26 19.37
N GLU A 898 -32.13 2.68 18.45
CA GLU A 898 -31.30 3.50 17.57
C GLU A 898 -32.15 4.44 16.73
N LYS A 899 -33.25 3.93 16.17
CA LYS A 899 -34.11 4.76 15.35
C LYS A 899 -34.75 5.87 16.17
N ASN A 900 -35.16 5.57 17.40
CA ASN A 900 -35.74 6.60 18.26
C ASN A 900 -34.72 7.70 18.53
N ILE A 901 -33.48 7.31 18.83
CA ILE A 901 -32.44 8.30 19.11
C ILE A 901 -32.23 9.19 17.89
N ASN A 902 -32.12 8.57 16.71
CA ASN A 902 -31.89 9.35 15.50
C ASN A 902 -33.07 10.30 15.24
N ASN A 903 -34.30 9.83 15.45
CA ASN A 903 -35.45 10.67 15.18
C ASN A 903 -35.52 11.86 16.14
N ILE A 904 -35.24 11.63 17.43
CA ILE A 904 -35.32 12.74 18.37
C ILE A 904 -34.22 13.76 18.10
N ILE A 905 -33.00 13.29 17.79
CA ILE A 905 -31.94 14.24 17.49
C ILE A 905 -32.21 14.98 16.18
N GLU A 906 -32.81 14.31 15.19
CA GLU A 906 -33.19 14.99 13.95
C GLU A 906 -34.25 16.05 14.20
N GLU A 907 -35.23 15.74 15.05
CA GLU A 907 -36.25 16.72 15.40
C GLU A 907 -35.65 17.93 16.08
N ILE A 908 -34.71 17.70 17.00
CA ILE A 908 -34.04 18.82 17.66
C ILE A 908 -33.25 19.64 16.65
N LEU A 909 -32.54 18.97 15.74
CA LEU A 909 -31.74 19.68 14.74
C LEU A 909 -32.64 20.45 13.78
N GLY A 910 -33.66 19.79 13.24
CA GLY A 910 -34.57 20.41 12.32
C GLY A 910 -34.14 20.35 10.85
N PHE A 911 -32.93 19.87 10.58
CA PHE A 911 -32.42 19.77 9.22
C PHE A 911 -32.12 18.31 8.92
N LYS A 912 -32.68 17.80 7.82
CA LYS A 912 -32.54 16.39 7.50
C LYS A 912 -31.08 16.05 7.19
N ILE A 913 -30.62 14.93 7.73
CA ILE A 913 -29.27 14.43 7.51
C ILE A 913 -29.35 13.00 7.00
N GLU A 914 -28.36 12.61 6.20
CA GLU A 914 -28.30 11.30 5.60
C GLU A 914 -26.90 10.73 5.74
N THR A 915 -26.82 9.43 6.02
CA THR A 915 -25.55 8.73 6.16
C THR A 915 -25.66 7.35 5.50
N THR A 916 -24.50 6.73 5.30
CA THR A 916 -24.42 5.41 4.68
C THR A 916 -23.67 4.47 5.61
N GLU A 917 -24.30 3.35 5.95
CA GLU A 917 -23.71 2.32 6.82
C GLU A 917 -23.36 2.90 8.19
N ASN A 918 -24.09 3.93 8.59
CA ASN A 918 -23.93 4.52 9.92
C ASN A 918 -25.15 4.27 10.80
N SER A 919 -26.34 4.62 10.33
CA SER A 919 -27.57 4.35 11.07
C SER A 919 -28.21 3.04 10.67
N GLU A 920 -28.19 2.71 9.37
CA GLU A 920 -28.75 1.46 8.91
C GLU A 920 -27.94 0.26 9.39
N LEU A 921 -26.71 0.48 9.85
CA LEU A 921 -25.85 -0.58 10.34
C LEU A 921 -25.68 -0.47 11.84
N ILE A 922 -25.75 -1.60 12.52
CA ILE A 922 -25.54 -1.67 13.96
C ILE A 922 -24.47 -2.71 14.25
N THR A 923 -23.83 -2.57 15.40
CA THR A 923 -22.76 -3.45 15.83
C THR A 923 -23.31 -4.36 16.91
N LEU A 924 -23.52 -5.63 16.57
CA LEU A 924 -24.05 -6.59 17.53
C LEU A 924 -23.70 -7.99 17.03
N ASN A 925 -23.26 -8.86 17.94
CA ASN A 925 -22.91 -10.22 17.54
C ASN A 925 -24.14 -11.03 17.23
N SER A 926 -25.29 -10.66 17.80
CA SER A 926 -26.55 -11.31 17.45
C SER A 926 -26.89 -11.09 15.98
N ASN A 927 -26.65 -9.88 15.49
CA ASN A 927 -26.85 -9.57 14.08
C ASN A 927 -25.94 -10.42 13.21
N LYS A 928 -26.52 -11.30 12.40
CA LYS A 928 -25.73 -12.24 11.61
C LYS A 928 -24.85 -11.53 10.59
N ILE A 929 -25.39 -10.51 9.92
CA ILE A 929 -24.64 -9.87 8.84
C ILE A 929 -23.42 -9.13 9.38
N TYR A 930 -23.47 -8.67 10.63
CA TYR A 930 -22.34 -7.96 11.20
C TYR A 930 -21.18 -8.90 11.48
N ARG A 931 -21.46 -10.08 12.03
CA ARG A 931 -20.41 -11.03 12.38
C ARG A 931 -19.94 -11.85 11.20
N TYR A 932 -20.62 -11.78 10.06
CA TYR A 932 -20.26 -12.54 8.87
C TYR A 932 -19.99 -11.57 7.71
N GLY A 933 -19.75 -12.14 6.53
CA GLY A 933 -19.36 -11.33 5.39
C GLY A 933 -20.49 -10.47 4.86
N GLN A 934 -21.73 -10.92 5.03
CA GLN A 934 -22.98 -10.27 4.62
C GLN A 934 -23.18 -10.36 3.10
N SER A 935 -22.20 -10.82 2.34
CA SER A 935 -22.32 -10.93 0.89
C SER A 935 -22.82 -12.29 0.43
N GLU A 936 -23.05 -13.22 1.35
CA GLU A 936 -23.44 -14.59 1.02
C GLU A 936 -24.77 -14.94 1.68
N THR A 937 -25.68 -13.96 1.67
CA THR A 937 -26.98 -14.10 2.34
C THR A 937 -27.86 -15.06 1.54
N ASN A 938 -27.45 -16.33 1.58
CA ASN A 938 -28.15 -17.42 0.90
C ASN A 938 -28.80 -18.37 1.89
N ASP A 939 -28.78 -18.03 3.18
CA ASP A 939 -29.20 -18.82 4.34
C ASP A 939 -28.11 -19.83 4.71
N THR A 940 -27.04 -19.91 3.93
CA THR A 940 -25.90 -20.71 4.35
C THR A 940 -25.27 -20.17 5.63
N PHE A 941 -25.34 -18.85 5.84
CA PHE A 941 -24.83 -18.28 7.07
C PHE A 941 -25.66 -18.70 8.28
N LEU A 942 -26.94 -19.01 8.08
CA LEU A 942 -27.73 -19.60 9.16
C LEU A 942 -27.18 -20.98 9.54
N ASN A 943 -26.84 -21.80 8.54
CA ASN A 943 -26.25 -23.10 8.83
C ASN A 943 -24.90 -22.95 9.51
N ARG A 944 -24.11 -21.97 9.08
CA ARG A 944 -22.84 -21.71 9.75
C ARG A 944 -23.06 -21.29 11.19
N HIS A 945 -24.10 -20.49 11.44
CA HIS A 945 -24.46 -20.11 12.80
C HIS A 945 -24.82 -21.34 13.63
N ARG A 946 -25.59 -22.25 13.06
CA ARG A 946 -25.95 -23.48 13.77
C ARG A 946 -24.71 -24.29 14.12
N SER A 947 -23.81 -24.46 13.15
CA SER A 947 -22.61 -25.25 13.40
C SER A 947 -21.73 -24.57 14.45
N ASP A 948 -21.60 -23.25 14.39
CA ASP A 948 -20.79 -22.53 15.37
C ASP A 948 -21.38 -22.64 16.76
N THR A 949 -22.72 -22.56 16.88
CA THR A 949 -23.35 -22.70 18.17
C THR A 949 -23.11 -24.09 18.75
N ILE A 950 -23.24 -25.13 17.92
CA ILE A 950 -23.00 -26.48 18.43
C ILE A 950 -21.54 -26.65 18.82
N SER A 951 -20.62 -26.07 18.05
CA SER A 951 -19.21 -26.16 18.39
C SER A 951 -18.90 -25.45 19.70
N GLU A 952 -19.52 -24.30 19.93
CA GLU A 952 -19.34 -23.60 21.20
C GLU A 952 -19.89 -24.41 22.36
N LEU A 953 -21.03 -25.08 22.15
CA LEU A 953 -21.56 -25.96 23.18
C LEU A 953 -20.59 -27.08 23.49
N ILE A 954 -19.99 -27.68 22.45
CA ILE A 954 -19.03 -28.76 22.67
C ILE A 954 -17.81 -28.24 23.42
N SER A 955 -17.34 -27.04 23.07
CA SER A 955 -16.19 -26.46 23.76
C SER A 955 -16.49 -26.20 25.23
N TYR A 956 -17.68 -25.68 25.53
CA TYR A 956 -18.06 -25.47 26.91
C TYR A 956 -18.16 -26.80 27.65
N SER A 957 -18.66 -27.83 26.97
CA SER A 957 -18.75 -29.15 27.60
C SER A 957 -17.38 -29.70 27.95
N VAL A 958 -16.43 -29.60 27.00
CA VAL A 958 -15.10 -30.11 27.26
C VAL A 958 -14.38 -29.28 28.31
N GLY A 959 -14.67 -27.97 28.38
CA GLY A 959 -14.12 -27.17 29.46
C GLY A 959 -14.67 -27.56 30.81
N CYS A 960 -15.99 -27.75 30.89
CA CYS A 960 -16.62 -28.10 32.16
C CYS A 960 -16.21 -29.48 32.64
N GLN A 961 -15.93 -30.39 31.70
CA GLN A 961 -15.40 -31.70 32.05
C GLN A 961 -14.07 -31.62 32.76
N MET A 962 -13.29 -30.57 32.55
CA MET A 962 -11.87 -30.65 32.84
C MET A 962 -11.44 -29.79 34.02
N GLY A 963 -12.34 -28.98 34.57
CA GLY A 963 -12.10 -28.38 35.87
C GLY A 963 -12.26 -26.88 35.93
N ARG A 964 -12.20 -26.17 34.79
CA ARG A 964 -12.33 -24.72 34.85
C ARG A 964 -13.76 -24.30 35.15
N TYR A 965 -14.73 -24.94 34.51
CA TYR A 965 -16.13 -24.60 34.68
C TYR A 965 -16.87 -25.75 35.36
N SER A 966 -17.77 -25.38 36.26
CA SER A 966 -18.66 -26.33 36.91
C SER A 966 -20.09 -25.97 36.56
N LEU A 967 -20.85 -26.96 36.07
CA LEU A 967 -22.20 -26.67 35.58
C LEU A 967 -23.15 -26.29 36.71
N ASP A 968 -22.92 -26.79 37.92
CA ASP A 968 -23.79 -26.47 39.04
C ASP A 968 -23.59 -25.06 39.58
N ARG A 969 -22.38 -24.53 39.51
CA ARG A 969 -22.09 -23.17 39.94
C ARG A 969 -22.17 -22.21 38.76
N GLU A 970 -21.79 -20.97 39.00
CA GLU A 970 -21.81 -19.92 37.98
C GLU A 970 -20.39 -19.45 37.71
N GLY A 971 -20.00 -19.44 36.45
CA GLY A 971 -18.71 -18.94 36.04
C GLY A 971 -17.59 -19.94 36.27
N LEU A 972 -16.37 -19.46 36.04
CA LEU A 972 -15.19 -20.29 36.27
C LEU A 972 -15.02 -20.53 37.77
N VAL A 973 -14.79 -21.79 38.12
CA VAL A 973 -14.69 -22.16 39.53
C VAL A 973 -13.25 -22.35 39.98
N TYR A 974 -12.35 -22.74 39.07
CA TYR A 974 -10.93 -22.86 39.39
C TYR A 974 -10.15 -21.97 38.43
N ALA A 975 -9.33 -21.08 38.98
CA ALA A 975 -8.49 -20.20 38.18
C ALA A 975 -7.10 -20.02 38.78
N HIS A 976 -6.76 -20.78 39.82
CA HIS A 976 -5.45 -20.67 40.44
C HIS A 976 -4.39 -21.33 39.55
N GLU A 977 -3.13 -21.21 39.96
CA GLU A 977 -1.99 -21.70 39.21
C GLU A 977 -1.30 -22.83 39.96
N GLY A 978 -0.75 -23.78 39.22
CA GLY A 978 0.02 -24.86 39.82
C GLY A 978 -0.79 -26.00 40.40
N ASN A 979 -2.06 -26.13 40.02
CA ASN A 979 -2.94 -27.18 40.56
C ASN A 979 -3.00 -27.11 42.09
N LYS A 980 -2.99 -25.89 42.61
CA LYS A 980 -3.06 -25.64 44.05
C LYS A 980 -4.44 -25.10 44.38
N GLY A 981 -5.09 -25.70 45.36
CA GLY A 981 -6.42 -25.28 45.74
C GLY A 981 -7.54 -25.89 44.94
N PHE A 982 -7.41 -27.15 44.52
CA PHE A 982 -8.45 -27.85 43.78
C PHE A 982 -9.11 -28.95 44.58
N ALA A 983 -8.35 -29.62 45.46
CA ALA A 983 -8.94 -30.66 46.29
C ALA A 983 -9.99 -30.10 47.24
N ASP A 984 -9.72 -28.93 47.81
CA ASP A 984 -10.66 -28.31 48.73
C ASP A 984 -11.99 -28.02 48.06
N LEU A 985 -11.96 -27.56 46.81
CA LEU A 985 -13.20 -27.33 46.07
C LEU A 985 -13.96 -28.63 45.87
N VAL A 986 -13.24 -29.71 45.59
CA VAL A 986 -13.89 -31.01 45.42
C VAL A 986 -14.57 -31.44 46.72
N ALA A 987 -13.87 -31.29 47.84
CA ALA A 987 -14.43 -31.68 49.13
C ALA A 987 -15.62 -30.80 49.49
N GLU A 988 -15.55 -29.51 49.17
CA GLU A 988 -16.65 -28.60 49.48
C GLU A 988 -17.91 -28.96 48.69
N GLY A 989 -17.76 -29.39 47.45
CA GLY A 989 -18.88 -29.75 46.62
C GLY A 989 -19.01 -28.97 45.32
N ALA A 990 -17.94 -28.33 44.85
CA ALA A 990 -18.03 -27.57 43.61
C ALA A 990 -18.35 -28.46 42.42
N TYR A 991 -17.75 -29.65 42.36
CA TYR A 991 -17.94 -30.58 41.25
C TYR A 991 -18.78 -31.79 41.65
N LYS A 992 -19.72 -31.61 42.58
CA LYS A 992 -20.51 -32.74 43.05
C LYS A 992 -21.45 -33.25 41.95
N THR A 993 -21.98 -32.35 41.14
CA THR A 993 -22.86 -32.78 40.05
C THR A 993 -22.08 -33.46 38.94
N PHE A 994 -20.95 -32.88 38.54
CA PHE A 994 -20.11 -33.42 37.48
C PHE A 994 -18.67 -33.44 37.97
N PRO A 995 -18.07 -34.61 38.12
CA PRO A 995 -16.68 -34.68 38.59
C PRO A 995 -15.70 -34.16 37.54
N ALA A 996 -14.52 -33.79 38.03
CA ALA A 996 -13.44 -33.26 37.19
C ALA A 996 -12.27 -34.24 37.23
N ASP A 997 -11.70 -34.51 36.05
CA ASP A 997 -10.55 -35.40 35.94
C ASP A 997 -9.42 -34.96 36.87
N SER A 998 -9.10 -35.84 37.82
CA SER A 998 -8.16 -35.46 38.88
C SER A 998 -6.77 -35.20 38.33
N ASP A 999 -6.29 -36.06 37.42
CA ASP A 999 -4.93 -35.92 36.93
C ASP A 999 -4.76 -34.71 36.02
N GLY A 1000 -5.87 -34.14 35.55
CA GLY A 1000 -5.81 -32.99 34.66
C GLY A 1000 -5.43 -33.30 33.24
N ILE A 1001 -5.41 -34.57 32.85
CA ILE A 1001 -5.02 -34.98 31.51
C ILE A 1001 -6.26 -35.51 30.79
N LEU A 1002 -6.56 -34.96 29.63
CA LEU A 1002 -7.64 -35.49 28.79
C LEU A 1002 -7.05 -36.20 27.59
N PRO A 1003 -7.16 -37.52 27.50
CA PRO A 1003 -6.58 -38.23 26.35
C PRO A 1003 -7.53 -38.24 25.17
N LEU A 1004 -7.06 -37.78 24.02
CA LEU A 1004 -7.77 -37.91 22.75
C LEU A 1004 -7.38 -39.23 22.07
N MET A 1005 -7.65 -40.30 22.79
CA MET A 1005 -7.12 -41.63 22.47
C MET A 1005 -8.08 -42.31 21.49
N ASP A 1006 -7.99 -43.62 21.25
CA ASP A 1006 -8.90 -44.33 20.37
C ASP A 1006 -10.28 -44.42 21.00
N ASP A 1007 -11.16 -45.19 20.36
CA ASP A 1007 -12.57 -45.21 20.73
C ASP A 1007 -12.75 -45.84 22.10
N GLU A 1008 -12.98 -44.99 23.11
CA GLU A 1008 -13.42 -45.41 24.45
C GLU A 1008 -12.51 -46.49 25.05
N TRP A 1009 -11.20 -46.35 24.88
CA TRP A 1009 -10.29 -47.27 25.53
C TRP A 1009 -9.95 -46.81 26.95
N PHE A 1010 -9.48 -45.58 27.09
CA PHE A 1010 -9.13 -45.05 28.39
C PHE A 1010 -10.37 -44.77 29.22
N GLU A 1011 -10.16 -44.59 30.53
CA GLU A 1011 -11.27 -44.36 31.44
C GLU A 1011 -11.96 -43.04 31.15
N ASP A 1012 -11.19 -41.99 30.84
CA ASP A 1012 -11.72 -40.65 30.69
C ASP A 1012 -11.60 -40.12 29.27
N ASP A 1013 -11.93 -40.93 28.27
CA ASP A 1013 -11.98 -40.47 26.89
C ASP A 1013 -12.97 -39.33 26.75
N VAL A 1014 -12.62 -38.34 25.93
CA VAL A 1014 -13.42 -37.13 25.81
C VAL A 1014 -14.82 -37.45 25.27
N THR A 1015 -14.90 -38.40 24.33
CA THR A 1015 -16.19 -38.75 23.76
C THR A 1015 -17.13 -39.32 24.81
N SER A 1016 -16.64 -40.23 25.64
CA SER A 1016 -17.49 -40.81 26.68
C SER A 1016 -17.95 -39.75 27.67
N ARG A 1017 -17.05 -38.85 28.06
CA ARG A 1017 -17.41 -37.82 29.02
C ARG A 1017 -18.44 -36.86 28.44
N VAL A 1018 -18.28 -36.48 27.16
CA VAL A 1018 -19.24 -35.55 26.58
C VAL A 1018 -20.59 -36.22 26.39
N LYS A 1019 -20.59 -37.51 26.07
CA LYS A 1019 -21.86 -38.24 26.00
C LYS A 1019 -22.54 -38.28 27.37
N GLU A 1020 -21.76 -38.53 28.42
CA GLU A 1020 -22.32 -38.51 29.76
C GLU A 1020 -22.89 -37.14 30.10
N PHE A 1021 -22.18 -36.07 29.71
CA PHE A 1021 -22.65 -34.72 29.97
C PHE A 1021 -23.98 -34.45 29.26
N VAL A 1022 -24.05 -34.77 27.97
CA VAL A 1022 -25.26 -34.47 27.21
C VAL A 1022 -26.42 -35.33 27.70
N ARG A 1023 -26.12 -36.52 28.21
CA ARG A 1023 -27.16 -37.33 28.85
C ARG A 1023 -27.66 -36.67 30.13
N THR A 1024 -26.72 -36.23 30.99
CA THR A 1024 -27.10 -35.68 32.27
C THR A 1024 -27.92 -34.40 32.12
N VAL A 1025 -27.55 -33.55 31.17
CA VAL A 1025 -28.25 -32.27 31.02
C VAL A 1025 -29.68 -32.48 30.55
N TRP A 1026 -29.91 -33.41 29.60
CA TRP A 1026 -31.22 -33.53 28.98
C TRP A 1026 -31.85 -34.90 29.16
N GLY A 1027 -31.68 -35.52 30.32
CA GLY A 1027 -32.43 -36.73 30.59
C GLY A 1027 -31.94 -37.95 29.80
N GLU A 1028 -32.81 -38.97 29.78
CA GLU A 1028 -32.46 -40.28 29.22
C GLU A 1028 -33.32 -40.62 28.01
N GLU A 1029 -34.42 -39.92 27.80
CA GLU A 1029 -35.34 -40.24 26.71
C GLU A 1029 -35.03 -39.50 25.42
N HIS A 1030 -34.55 -38.25 25.51
CA HIS A 1030 -34.23 -37.47 24.33
C HIS A 1030 -32.75 -37.48 23.97
N LEU A 1031 -31.92 -38.24 24.70
CA LEU A 1031 -30.48 -38.15 24.48
C LEU A 1031 -30.08 -38.67 23.11
N GLN A 1032 -30.79 -39.68 22.60
CA GLN A 1032 -30.45 -40.25 21.30
C GLN A 1032 -30.67 -39.24 20.19
N GLU A 1033 -31.84 -38.62 20.16
CA GLU A 1033 -32.14 -37.64 19.13
C GLU A 1033 -31.30 -36.38 19.30
N ASN A 1034 -31.01 -36.00 20.55
CA ASN A 1034 -30.13 -34.84 20.77
C ASN A 1034 -28.73 -35.12 20.24
N LEU A 1035 -28.19 -36.31 20.49
CA LEU A 1035 -26.89 -36.66 19.96
C LEU A 1035 -26.89 -36.67 18.44
N GLU A 1036 -27.95 -37.22 17.84
CA GLU A 1036 -28.05 -37.22 16.39
C GLU A 1036 -28.11 -35.79 15.84
N PHE A 1037 -28.86 -34.92 16.52
CA PHE A 1037 -28.96 -33.53 16.09
C PHE A 1037 -27.60 -32.83 16.17
N ILE A 1038 -26.87 -33.06 17.27
CA ILE A 1038 -25.55 -32.45 17.41
C ILE A 1038 -24.60 -32.95 16.33
N ALA A 1039 -24.65 -34.26 16.06
CA ALA A 1039 -23.80 -34.83 15.02
C ALA A 1039 -24.13 -34.24 13.66
N GLU A 1040 -25.42 -34.08 13.36
CA GLU A 1040 -25.83 -33.48 12.10
C GLU A 1040 -25.34 -32.04 11.99
N SER A 1041 -25.48 -31.28 13.08
CA SER A 1041 -25.00 -29.90 13.07
C SER A 1041 -23.50 -29.84 12.84
N LEU A 1042 -22.74 -30.75 13.46
CA LEU A 1042 -21.30 -30.79 13.24
C LEU A 1042 -20.98 -31.12 11.78
N CYS A 1043 -21.63 -32.14 11.23
CA CYS A 1043 -21.36 -32.55 9.86
C CYS A 1043 -21.87 -31.54 8.84
N LEU A 1044 -22.68 -30.57 9.27
CA LEU A 1044 -23.24 -29.61 8.32
C LEU A 1044 -22.15 -28.69 7.77
N TYR A 1045 -21.51 -27.91 8.65
CA TYR A 1045 -20.57 -26.88 8.20
C TYR A 1045 -19.18 -27.00 8.83
N ALA A 1046 -19.05 -27.36 10.09
CA ALA A 1046 -17.74 -27.38 10.73
C ALA A 1046 -16.83 -28.44 10.12
N ILE A 1047 -17.38 -29.62 9.84
CA ILE A 1047 -16.59 -30.73 9.31
C ILE A 1047 -17.27 -31.25 8.05
N LYS A 1048 -16.47 -31.86 7.18
CA LYS A 1048 -17.00 -32.41 5.95
C LYS A 1048 -17.95 -33.57 6.26
N PRO A 1049 -19.09 -33.65 5.58
CA PRO A 1049 -20.00 -34.78 5.80
C PRO A 1049 -19.33 -36.10 5.45
N LYS A 1050 -19.72 -37.15 6.18
CA LYS A 1050 -19.16 -38.47 6.00
C LYS A 1050 -20.29 -39.48 5.77
N LYS A 1051 -19.96 -40.58 5.09
CA LYS A 1051 -20.93 -41.60 4.75
C LYS A 1051 -20.77 -42.80 5.67
N GLY A 1052 -21.90 -43.29 6.19
CA GLY A 1052 -21.88 -44.40 7.12
C GLY A 1052 -21.19 -44.09 8.43
N GLU A 1053 -21.52 -42.93 9.02
CA GLU A 1053 -20.92 -42.48 10.26
C GLU A 1053 -21.98 -42.33 11.33
N SER A 1054 -21.72 -42.93 12.50
CA SER A 1054 -22.61 -42.78 13.63
C SER A 1054 -22.36 -41.45 14.34
N ALA A 1055 -23.29 -41.08 15.22
CA ALA A 1055 -23.18 -39.79 15.92
C ALA A 1055 -21.94 -39.74 16.79
N LEU A 1056 -21.67 -40.81 17.56
CA LEU A 1056 -20.49 -40.82 18.40
C LEU A 1056 -19.22 -40.82 17.55
N GLU A 1057 -19.24 -41.52 16.42
CA GLU A 1057 -18.10 -41.45 15.51
C GLU A 1057 -17.91 -40.04 14.98
N THR A 1058 -19.00 -39.37 14.64
CA THR A 1058 -18.91 -38.00 14.15
C THR A 1058 -18.30 -37.08 15.19
N ILE A 1059 -18.77 -37.16 16.44
CA ILE A 1059 -18.26 -36.25 17.46
C ILE A 1059 -16.80 -36.59 17.79
N ARG A 1060 -16.44 -37.87 17.78
CA ARG A 1060 -15.05 -38.24 18.02
C ARG A 1060 -14.15 -37.72 16.92
N ARG A 1061 -14.59 -37.83 15.66
CA ARG A 1061 -13.79 -37.33 14.55
C ARG A 1061 -13.65 -35.81 14.62
N TYR A 1062 -14.71 -35.11 15.03
CA TYR A 1062 -14.61 -33.67 15.21
C TYR A 1062 -13.64 -33.32 16.33
N LEU A 1063 -13.65 -34.10 17.41
CA LEU A 1063 -12.74 -33.83 18.51
C LEU A 1063 -11.29 -34.07 18.11
N SER A 1064 -11.02 -35.11 17.33
CA SER A 1064 -9.67 -35.40 16.89
C SER A 1064 -9.13 -34.36 15.91
N THR A 1065 -9.93 -33.97 14.93
CA THR A 1065 -9.51 -33.02 13.91
C THR A 1065 -10.53 -31.89 13.81
N GLN A 1066 -10.04 -30.66 13.65
CA GLN A 1066 -10.84 -29.45 13.57
C GLN A 1066 -11.51 -29.08 14.88
N PHE A 1067 -10.97 -29.52 16.01
CA PHE A 1067 -11.33 -28.99 17.31
C PHE A 1067 -10.20 -28.18 17.92
N TRP A 1068 -8.98 -28.71 17.87
CA TRP A 1068 -7.82 -27.95 18.31
C TRP A 1068 -7.63 -26.69 17.50
N LYS A 1069 -7.88 -26.75 16.19
CA LYS A 1069 -7.79 -25.57 15.35
C LYS A 1069 -8.82 -24.53 15.76
N ASP A 1070 -10.06 -24.98 16.01
CA ASP A 1070 -11.11 -24.06 16.42
C ASP A 1070 -10.79 -23.41 17.77
N HIS A 1071 -10.27 -24.21 18.71
CA HIS A 1071 -9.91 -23.64 20.01
C HIS A 1071 -8.77 -22.64 19.88
N MET A 1072 -7.79 -22.93 19.02
CA MET A 1072 -6.72 -21.97 18.78
C MET A 1072 -7.26 -20.67 18.19
N LYS A 1073 -8.18 -20.79 17.22
CA LYS A 1073 -8.75 -19.59 16.61
C LYS A 1073 -9.55 -18.79 17.62
N MET A 1074 -10.25 -19.47 18.53
CA MET A 1074 -11.12 -18.78 19.48
C MET A 1074 -10.32 -17.85 20.39
N TYR A 1075 -9.16 -18.29 20.85
CA TYR A 1075 -8.37 -17.53 21.80
C TYR A 1075 -7.26 -16.71 21.15
N LYS A 1076 -7.27 -16.60 19.82
CA LYS A 1076 -6.31 -15.78 19.08
C LYS A 1076 -4.87 -16.18 19.37
N LYS A 1077 -4.55 -17.43 19.03
CA LYS A 1077 -3.19 -17.97 19.14
C LYS A 1077 -2.63 -17.92 20.55
N ARG A 1078 -3.50 -17.95 21.57
CA ARG A 1078 -3.07 -18.01 22.97
C ARG A 1078 -3.81 -19.13 23.68
N PRO A 1079 -3.51 -20.39 23.33
CA PRO A 1079 -4.29 -21.50 23.88
C PRO A 1079 -4.09 -21.66 25.38
N ILE A 1080 -5.13 -22.14 26.05
CA ILE A 1080 -5.03 -22.55 27.44
C ILE A 1080 -5.25 -24.05 27.64
N TYR A 1081 -5.79 -24.74 26.64
CA TYR A 1081 -5.88 -26.20 26.64
C TYR A 1081 -4.77 -26.75 25.75
N TRP A 1082 -3.56 -26.81 26.31
CA TRP A 1082 -2.39 -27.18 25.54
C TRP A 1082 -2.49 -28.63 25.07
N LEU A 1083 -1.98 -28.88 23.87
CA LEU A 1083 -2.09 -30.17 23.21
C LEU A 1083 -0.72 -30.80 23.03
N PHE A 1084 -0.61 -32.07 23.42
CA PHE A 1084 0.59 -32.87 23.21
C PHE A 1084 0.27 -33.98 22.22
N SER A 1085 1.08 -34.09 21.18
CA SER A 1085 0.87 -35.04 20.10
C SER A 1085 2.17 -35.76 19.79
N SER A 1086 2.06 -36.91 19.12
CA SER A 1086 3.21 -37.72 18.78
C SER A 1086 3.69 -37.53 17.34
N GLY A 1087 2.78 -37.20 16.41
CA GLY A 1087 3.18 -37.02 15.04
C GLY A 1087 2.15 -37.51 14.03
N LYS A 1088 2.62 -38.05 12.91
CA LYS A 1088 1.72 -38.50 11.86
C LYS A 1088 0.79 -39.61 12.35
N GLU A 1089 1.33 -40.57 13.10
CA GLU A 1089 0.51 -41.70 13.54
C GLU A 1089 -0.55 -41.28 14.55
N LYS A 1090 -0.33 -40.15 15.23
CA LYS A 1090 -1.22 -39.69 16.29
C LYS A 1090 -1.41 -40.76 17.36
N ALA A 1091 -0.35 -41.50 17.66
CA ALA A 1091 -0.45 -42.56 18.66
C ALA A 1091 -0.77 -41.99 20.04
N PHE A 1092 -0.20 -40.85 20.37
CA PHE A 1092 -0.39 -40.22 21.66
C PHE A 1092 -0.95 -38.81 21.46
N GLU A 1093 -2.09 -38.53 22.09
CA GLU A 1093 -2.74 -37.23 22.03
C GLU A 1093 -3.32 -36.91 23.39
N CYS A 1094 -2.97 -35.77 23.96
CA CYS A 1094 -3.44 -35.39 25.28
C CYS A 1094 -3.64 -33.88 25.35
N LEU A 1095 -4.50 -33.47 26.28
CA LEU A 1095 -4.79 -32.06 26.54
C LEU A 1095 -4.60 -31.76 28.02
N VAL A 1096 -3.89 -30.67 28.31
CA VAL A 1096 -3.57 -30.26 29.67
C VAL A 1096 -3.95 -28.80 29.85
N TYR A 1097 -4.41 -28.46 31.06
CA TYR A 1097 -4.80 -27.09 31.36
C TYR A 1097 -3.60 -26.28 31.84
N LEU A 1098 -3.45 -25.08 31.28
CA LEU A 1098 -2.29 -24.25 31.60
C LEU A 1098 -2.26 -23.86 33.07
N HIS A 1099 -3.39 -23.41 33.61
CA HIS A 1099 -3.45 -23.00 35.01
C HIS A 1099 -3.42 -24.17 35.98
N ARG A 1100 -3.58 -25.40 35.49
CA ARG A 1100 -3.56 -26.59 36.32
C ARG A 1100 -2.36 -27.48 35.98
N TYR A 1101 -1.22 -26.85 35.72
CA TYR A 1101 -0.01 -27.57 35.32
C TYR A 1101 1.01 -27.56 36.43
N ASN A 1102 1.49 -28.75 36.79
CA ASN A 1102 2.49 -28.92 37.83
C ASN A 1102 3.76 -29.51 37.21
N ASP A 1103 4.88 -29.27 37.90
CA ASP A 1103 6.17 -29.73 37.39
C ASP A 1103 6.28 -31.25 37.31
N ALA A 1104 5.57 -31.97 38.17
CA ALA A 1104 5.61 -33.43 38.18
C ALA A 1104 4.58 -34.06 37.27
N THR A 1105 3.78 -33.24 36.57
CA THR A 1105 2.75 -33.78 35.70
C THR A 1105 3.35 -34.57 34.55
N LEU A 1106 4.50 -34.12 34.04
CA LEU A 1106 5.11 -34.78 32.89
C LEU A 1106 5.43 -36.24 33.19
N SER A 1107 6.14 -36.49 34.28
CA SER A 1107 6.49 -37.87 34.63
C SER A 1107 5.24 -38.67 34.99
N ARG A 1108 4.27 -38.03 35.65
CA ARG A 1108 3.04 -38.71 36.03
C ARG A 1108 2.33 -39.25 34.79
N MET A 1109 2.11 -38.38 33.80
CA MET A 1109 1.45 -38.82 32.58
C MET A 1109 2.32 -39.73 31.75
N ARG A 1110 3.65 -39.59 31.85
CA ARG A 1110 4.55 -40.50 31.14
C ARG A 1110 4.44 -41.92 31.67
N THR A 1111 4.29 -42.08 32.98
CA THR A 1111 4.18 -43.40 33.58
C THR A 1111 2.76 -43.92 33.69
N GLU A 1112 1.74 -43.07 33.51
CA GLU A 1112 0.37 -43.50 33.67
C GLU A 1112 -0.45 -43.46 32.39
N TYR A 1113 0.07 -42.91 31.30
CA TYR A 1113 -0.67 -42.83 30.06
C TYR A 1113 0.09 -43.35 28.84
N VAL A 1114 1.38 -43.64 28.95
CA VAL A 1114 2.16 -44.01 27.78
C VAL A 1114 2.47 -45.51 27.81
N VAL A 1115 3.16 -45.96 28.85
CA VAL A 1115 3.55 -47.37 28.96
C VAL A 1115 2.34 -48.30 28.98
N PRO A 1116 1.20 -47.99 29.63
CA PRO A 1116 0.05 -48.90 29.46
C PRO A 1116 -0.44 -48.94 28.02
N LEU A 1117 -0.42 -47.80 27.34
CA LEU A 1117 -0.81 -47.78 25.93
C LEU A 1117 0.19 -48.55 25.09
N LEU A 1118 1.48 -48.46 25.41
CA LEU A 1118 2.49 -49.22 24.69
C LEU A 1118 2.28 -50.71 24.88
N ALA A 1119 1.99 -51.14 26.10
CA ALA A 1119 1.71 -52.55 26.36
C ALA A 1119 0.47 -53.01 25.61
N ARG A 1120 -0.57 -52.17 25.59
CA ARG A 1120 -1.78 -52.53 24.86
C ARG A 1120 -1.50 -52.67 23.36
N TYR A 1121 -0.69 -51.75 22.81
CA TYR A 1121 -0.33 -51.84 21.41
C TYR A 1121 0.43 -53.14 21.13
N GLN A 1122 1.37 -53.49 22.01
CA GLN A 1122 2.16 -54.71 21.81
C GLN A 1122 1.26 -55.95 21.86
N ALA A 1123 0.37 -56.01 22.84
CA ALA A 1123 -0.54 -57.14 22.94
C ALA A 1123 -1.43 -57.23 21.71
N ASN A 1124 -1.93 -56.08 21.24
CA ASN A 1124 -2.82 -56.07 20.08
C ASN A 1124 -2.09 -56.55 18.83
N ILE A 1125 -0.86 -56.08 18.61
CA ILE A 1125 -0.15 -56.50 17.41
C ILE A 1125 0.19 -57.98 17.49
N ASP A 1126 0.55 -58.47 18.69
CA ASP A 1126 0.80 -59.91 18.82
C ASP A 1126 -0.46 -60.72 18.51
N ARG A 1127 -1.61 -60.29 19.05
CA ARG A 1127 -2.85 -61.01 18.81
C ARG A 1127 -3.22 -61.01 17.33
N LEU A 1128 -3.09 -59.85 16.67
CA LEU A 1128 -3.44 -59.77 15.26
C LEU A 1128 -2.47 -60.57 14.40
N ASN A 1129 -1.21 -60.64 14.82
CA ASN A 1129 -0.25 -61.51 14.13
C ASN A 1129 -0.67 -62.96 14.25
N ASP A 1130 -1.13 -63.37 15.44
CA ASP A 1130 -1.65 -64.72 15.59
C ASP A 1130 -2.96 -64.90 14.84
N GLN A 1131 -3.79 -63.87 14.77
CA GLN A 1131 -5.11 -63.99 14.16
C GLN A 1131 -5.00 -64.13 12.65
N LEU A 1132 -6.04 -64.73 12.07
CA LEU A 1132 -6.17 -64.90 10.62
C LEU A 1132 -4.92 -65.49 10.00
N ASP A 1133 -4.40 -66.53 10.65
CA ASP A 1133 -3.26 -67.24 10.11
C ASP A 1133 -3.62 -67.93 8.80
N GLU A 1134 -2.66 -67.98 7.89
CA GLU A 1134 -2.80 -68.54 6.54
C GLU A 1134 -4.16 -68.22 5.92
N ALA A 1135 -4.57 -66.96 6.00
CA ALA A 1135 -5.84 -66.50 5.44
C ALA A 1135 -5.58 -65.74 4.15
N SER A 1136 -6.50 -65.88 3.20
CA SER A 1136 -6.33 -65.28 1.88
C SER A 1136 -7.53 -64.46 1.44
N GLY A 1137 -8.50 -64.23 2.32
CA GLY A 1137 -9.64 -63.41 1.97
C GLY A 1137 -9.33 -61.93 2.03
N GLY A 1138 -10.31 -61.12 1.65
CA GLY A 1138 -10.15 -59.67 1.74
C GLY A 1138 -9.91 -59.21 3.16
N GLU A 1139 -10.57 -59.85 4.13
CA GLU A 1139 -10.32 -59.51 5.53
C GLU A 1139 -8.88 -59.80 5.93
N ALA A 1140 -8.23 -60.78 5.29
CA ALA A 1140 -6.84 -61.06 5.60
C ALA A 1140 -5.95 -59.88 5.21
N THR A 1141 -6.12 -59.36 4.00
CA THR A 1141 -5.37 -58.19 3.56
C THR A 1141 -5.71 -56.97 4.40
N ARG A 1142 -6.98 -56.79 4.75
CA ARG A 1142 -7.37 -55.67 5.60
C ARG A 1142 -6.66 -55.74 6.95
N LEU A 1143 -6.65 -56.92 7.57
CA LEU A 1143 -5.99 -57.07 8.87
C LEU A 1143 -4.48 -56.92 8.75
N LYS A 1144 -3.88 -57.38 7.65
CA LYS A 1144 -2.45 -57.17 7.47
C LYS A 1144 -2.12 -55.68 7.35
N ARG A 1145 -2.92 -54.94 6.60
CA ARG A 1145 -2.69 -53.50 6.51
C ARG A 1145 -2.89 -52.82 7.87
N GLU A 1146 -3.93 -53.23 8.61
CA GLU A 1146 -4.17 -52.64 9.92
C GLU A 1146 -3.02 -52.92 10.88
N ARG A 1147 -2.50 -54.15 10.85
CA ARG A 1147 -1.43 -54.51 11.77
C ARG A 1147 -0.13 -53.80 11.39
N ASP A 1148 0.12 -53.59 10.09
CA ASP A 1148 1.25 -52.77 9.69
C ASP A 1148 1.10 -51.34 10.20
N SER A 1149 -0.12 -50.80 10.07
CA SER A 1149 -0.36 -49.43 10.51
C SER A 1149 -0.11 -49.28 12.02
N LEU A 1150 -0.63 -50.22 12.82
CA LEU A 1150 -0.41 -50.06 14.25
C LEU A 1150 1.00 -50.47 14.65
N ILE A 1151 1.72 -51.21 13.81
CA ILE A 1151 3.16 -51.35 14.03
C ILE A 1151 3.86 -50.01 13.91
N LYS A 1152 3.52 -49.25 12.86
CA LYS A 1152 4.07 -47.90 12.75
C LYS A 1152 3.68 -47.05 13.94
N LYS A 1153 2.42 -47.15 14.38
CA LYS A 1153 1.96 -46.40 15.54
C LYS A 1153 2.73 -46.79 16.80
N PHE A 1154 3.01 -48.08 16.97
CA PHE A 1154 3.77 -48.54 18.13
C PHE A 1154 5.18 -47.97 18.11
N SER A 1155 5.82 -47.96 16.93
CA SER A 1155 7.15 -47.38 16.84
C SER A 1155 7.15 -45.90 17.19
N GLU A 1156 6.16 -45.16 16.66
CA GLU A 1156 6.06 -43.74 16.98
C GLU A 1156 5.81 -43.53 18.47
N LEU A 1157 4.96 -44.35 19.07
CA LEU A 1157 4.69 -44.24 20.50
C LEU A 1157 5.94 -44.51 21.32
N ARG A 1158 6.76 -45.47 20.90
CA ARG A 1158 8.00 -45.77 21.62
C ARG A 1158 8.96 -44.58 21.53
N SER A 1159 9.08 -43.98 20.34
CA SER A 1159 9.95 -42.81 20.23
C SER A 1159 9.45 -41.67 21.10
N TYR A 1160 8.13 -41.44 21.11
CA TYR A 1160 7.59 -40.37 21.95
C TYR A 1160 7.80 -40.66 23.42
N ASP A 1161 7.69 -41.94 23.82
CA ASP A 1161 7.98 -42.31 25.20
C ASP A 1161 9.42 -41.99 25.56
N ASP A 1162 10.35 -42.30 24.65
CA ASP A 1162 11.75 -42.01 24.91
C ASP A 1162 11.97 -40.51 25.10
N ARG A 1163 11.42 -39.70 24.20
CA ARG A 1163 11.60 -38.26 24.32
C ARG A 1163 10.93 -37.71 25.58
N LEU A 1164 9.75 -38.22 25.90
CA LEU A 1164 9.03 -37.75 27.08
C LEU A 1164 9.77 -38.10 28.36
N ARG A 1165 10.35 -39.30 28.42
CA ARG A 1165 11.15 -39.65 29.59
C ARG A 1165 12.40 -38.80 29.66
N HIS A 1166 13.03 -38.51 28.52
CA HIS A 1166 14.20 -37.65 28.52
C HIS A 1166 13.89 -36.25 29.03
N TYR A 1167 12.72 -35.69 28.68
CA TYR A 1167 12.31 -34.39 29.20
C TYR A 1167 11.74 -34.44 30.60
N ALA A 1168 11.27 -35.59 31.07
CA ALA A 1168 10.50 -35.66 32.30
C ALA A 1168 11.39 -35.47 33.53
N ASP A 1169 12.62 -35.98 33.47
CA ASP A 1169 13.51 -35.89 34.64
C ASP A 1169 13.83 -34.43 34.98
N MET A 1170 13.71 -33.53 34.01
CA MET A 1170 14.05 -32.13 34.25
C MET A 1170 13.10 -31.51 35.26
N ARG A 1171 11.82 -31.87 35.21
CA ARG A 1171 10.79 -31.35 36.11
C ARG A 1171 10.73 -29.83 36.06
N ILE A 1172 10.66 -29.31 34.83
CA ILE A 1172 10.60 -27.87 34.63
C ILE A 1172 9.26 -27.33 35.09
N SER A 1173 9.26 -26.06 35.47
CA SER A 1173 8.04 -25.35 35.88
C SER A 1173 8.01 -24.01 35.19
N ILE A 1174 6.82 -23.57 34.79
CA ILE A 1174 6.63 -22.33 34.07
C ILE A 1174 5.84 -21.36 34.94
N ASP A 1175 5.94 -20.08 34.61
CA ASP A 1175 5.21 -19.03 35.32
C ASP A 1175 4.22 -18.38 34.36
N LEU A 1176 3.00 -18.12 34.87
CA LEU A 1176 1.96 -17.55 34.02
C LEU A 1176 2.32 -16.14 33.58
N ASP A 1177 2.96 -15.36 34.45
CA ASP A 1177 3.25 -13.97 34.12
C ASP A 1177 4.20 -13.85 32.93
N ASP A 1178 4.92 -14.94 32.64
CA ASP A 1178 5.82 -14.94 31.47
C ASP A 1178 5.03 -14.76 30.17
N GLY A 1179 3.91 -15.45 30.06
CA GLY A 1179 3.15 -15.47 28.82
C GLY A 1179 3.12 -16.84 28.20
N VAL A 1180 2.07 -17.14 27.43
CA VAL A 1180 1.93 -18.49 26.88
C VAL A 1180 2.94 -18.73 25.77
N LYS A 1181 3.39 -17.66 25.10
CA LYS A 1181 4.32 -17.81 23.99
C LYS A 1181 5.67 -18.36 24.46
N VAL A 1182 6.24 -17.72 25.48
CA VAL A 1182 7.56 -18.12 25.94
C VAL A 1182 7.51 -19.50 26.59
N ASN A 1183 6.43 -19.78 27.33
CA ASN A 1183 6.30 -21.11 27.92
C ASN A 1183 6.14 -22.19 26.86
N TYR A 1184 5.35 -21.89 25.81
CA TYR A 1184 5.21 -22.82 24.71
C TYR A 1184 6.56 -23.11 24.05
N GLY A 1185 7.37 -22.07 23.88
CA GLY A 1185 8.71 -22.27 23.36
C GLY A 1185 9.59 -23.08 24.32
N LYS A 1186 9.40 -22.89 25.62
CA LYS A 1186 10.27 -23.52 26.60
C LYS A 1186 9.97 -25.01 26.73
N PHE A 1187 8.73 -25.42 26.49
CA PHE A 1187 8.35 -26.81 26.73
C PHE A 1187 9.19 -27.77 25.89
N GLY A 1188 9.32 -27.51 24.60
CA GLY A 1188 10.12 -28.35 23.74
C GLY A 1188 9.31 -28.82 22.54
N ASP A 1189 9.80 -29.88 21.90
CA ASP A 1189 9.17 -30.43 20.71
C ASP A 1189 8.02 -31.37 21.00
N LEU A 1190 7.87 -31.81 22.26
CA LEU A 1190 6.74 -32.66 22.60
C LEU A 1190 5.40 -31.94 22.43
N LEU A 1191 5.42 -30.60 22.45
CA LEU A 1191 4.21 -29.82 22.28
C LEU A 1191 3.79 -29.79 20.82
N ALA A 1192 2.55 -29.39 20.57
CA ALA A 1192 1.95 -29.45 19.24
C ALA A 1192 1.83 -28.05 18.65
N ASP A 1193 2.23 -27.91 17.39
CA ASP A 1193 2.06 -26.68 16.62
C ASP A 1193 2.68 -25.48 17.32
N VAL A 1194 3.98 -25.53 17.58
CA VAL A 1194 4.68 -24.43 18.23
C VAL A 1194 5.12 -23.35 17.23
N LYS A 1195 5.28 -23.70 15.95
CA LYS A 1195 5.76 -22.74 14.97
C LYS A 1195 4.80 -21.56 14.82
N ALA A 1196 3.51 -21.85 14.75
CA ALA A 1196 2.53 -20.77 14.62
C ALA A 1196 2.37 -19.98 15.91
N ILE A 1197 2.41 -20.67 17.06
CA ILE A 1197 2.14 -19.99 18.33
C ILE A 1197 3.29 -19.04 18.68
N THR A 1198 4.54 -19.51 18.57
CA THR A 1198 5.70 -18.73 18.99
C THR A 1198 6.45 -18.10 17.82
N GLY A 1199 6.02 -18.34 16.59
CA GLY A 1199 6.67 -17.75 15.43
C GLY A 1199 8.13 -18.11 15.31
N ASN A 1200 8.47 -19.35 15.61
CA ASN A 1200 9.86 -19.79 15.57
C ASN A 1200 9.92 -21.30 15.38
N ALA A 1201 10.98 -21.77 14.72
CA ALA A 1201 11.11 -23.20 14.45
C ALA A 1201 11.39 -23.96 15.74
N PRO A 1202 10.88 -25.18 15.87
CA PRO A 1202 11.14 -25.98 17.07
C PRO A 1202 12.57 -26.48 17.10
N GLU A 1203 13.00 -26.88 18.29
CA GLU A 1203 14.33 -27.41 18.51
C GLU A 1203 14.24 -28.77 19.19
N VAL A 1204 15.25 -29.62 18.94
CA VAL A 1204 15.29 -30.98 19.46
C VAL A 1204 16.58 -31.18 20.23
N ILE A 1205 16.48 -31.92 21.34
CA ILE A 1205 17.64 -32.19 22.18
C ILE A 1205 17.74 -33.69 22.47
N ALA B 2 -19.14 -23.36 -6.08
CA ALA B 2 -19.36 -24.00 -4.78
C ALA B 2 -19.96 -23.01 -3.79
N MET B 3 -19.95 -23.38 -2.50
CA MET B 3 -20.48 -22.50 -1.47
C MET B 3 -19.53 -21.34 -1.18
N SER B 4 -18.25 -21.49 -1.52
CA SER B 4 -17.27 -20.44 -1.29
C SER B 4 -16.78 -19.89 -2.63
N ASN B 5 -16.66 -18.56 -2.72
CA ASN B 5 -16.12 -17.90 -3.91
C ASN B 5 -15.29 -16.71 -3.47
N MET B 6 -14.00 -16.97 -3.20
CA MET B 6 -13.04 -15.90 -2.93
C MET B 6 -11.73 -16.27 -3.61
N THR B 7 -10.89 -15.26 -3.80
CA THR B 7 -9.59 -15.44 -4.41
C THR B 7 -8.50 -15.13 -3.39
N TYR B 8 -7.26 -15.28 -3.83
CA TYR B 8 -6.13 -14.92 -2.97
C TYR B 8 -6.07 -13.42 -2.75
N ASN B 9 -6.69 -12.64 -3.64
CA ASN B 9 -6.61 -11.18 -3.53
C ASN B 9 -7.29 -10.69 -2.26
N ASN B 10 -8.45 -11.24 -1.92
CA ASN B 10 -9.14 -10.82 -0.71
C ASN B 10 -8.32 -11.15 0.55
N VAL B 11 -7.75 -12.35 0.59
CA VAL B 11 -6.93 -12.75 1.72
C VAL B 11 -5.72 -11.85 1.84
N PHE B 12 -5.10 -11.51 0.69
CA PHE B 12 -3.98 -10.59 0.70
C PHE B 12 -4.38 -9.20 1.20
N ASP B 13 -5.55 -8.71 0.80
CA ASP B 13 -5.99 -7.41 1.27
C ASP B 13 -6.18 -7.42 2.79
N HIS B 14 -6.80 -8.49 3.30
CA HIS B 14 -7.00 -8.60 4.74
C HIS B 14 -5.67 -8.64 5.47
N ALA B 15 -4.72 -9.43 4.97
CA ALA B 15 -3.42 -9.54 5.60
C ALA B 15 -2.67 -8.22 5.55
N TYR B 16 -2.80 -7.50 4.44
CA TYR B 16 -2.17 -6.19 4.31
C TYR B 16 -2.75 -5.21 5.33
N GLU B 17 -4.06 -5.27 5.54
CA GLU B 17 -4.69 -4.43 6.55
C GLU B 17 -4.14 -4.76 7.93
N MET B 18 -4.02 -6.04 8.25
CA MET B 18 -3.44 -6.44 9.53
C MET B 18 -2.00 -5.95 9.67
N LEU B 19 -1.23 -6.03 8.58
CA LEU B 19 0.16 -5.57 8.64
C LEU B 19 0.22 -4.08 8.91
N LYS B 20 -0.65 -3.30 8.28
CA LYS B 20 -0.67 -1.86 8.56
C LYS B 20 -1.03 -1.60 10.02
N GLU B 21 -2.05 -2.32 10.51
CA GLU B 21 -2.47 -2.15 11.89
C GLU B 21 -1.34 -2.48 12.86
N ASN B 22 -0.62 -3.57 12.60
CA ASN B 22 0.46 -3.99 13.49
C ASN B 22 1.70 -3.12 13.40
N ILE B 23 2.05 -2.61 12.21
CA ILE B 23 3.16 -1.67 12.15
C ILE B 23 2.79 -0.39 12.87
N ARG B 24 1.49 -0.07 12.92
CA ARG B 24 1.08 1.07 13.73
C ARG B 24 1.17 0.79 15.23
N TYR B 25 0.64 -0.34 15.71
CA TYR B 25 0.66 -0.59 17.15
C TYR B 25 2.08 -0.84 17.67
N ASP B 26 2.81 -1.75 17.04
CA ASP B 26 4.08 -2.21 17.59
C ASP B 26 5.17 -1.14 17.59
N ASP B 27 4.99 -0.06 16.82
CA ASP B 27 5.96 1.04 16.77
C ASP B 27 7.34 0.52 16.35
N ILE B 28 7.40 0.02 15.12
CA ILE B 28 8.64 -0.48 14.54
C ILE B 28 9.19 0.58 13.61
N ARG B 29 10.45 0.97 13.82
CA ARG B 29 11.07 2.04 13.04
C ARG B 29 12.16 1.56 12.10
N ASP B 30 12.79 0.42 12.38
CA ASP B 30 13.79 -0.17 11.51
C ASP B 30 13.11 -1.08 10.49
N THR B 31 13.91 -1.87 9.79
CA THR B 31 13.39 -2.85 8.84
C THR B 31 13.63 -4.29 9.31
N ASP B 32 13.85 -4.49 10.61
CA ASP B 32 14.17 -5.81 11.13
C ASP B 32 13.34 -6.22 12.33
N ASP B 33 12.56 -5.31 12.91
CA ASP B 33 11.74 -5.62 14.08
C ASP B 33 10.29 -5.89 13.70
N LEU B 34 10.01 -6.13 12.42
CA LEU B 34 8.66 -6.43 11.97
C LEU B 34 8.51 -7.86 11.45
N HIS B 35 9.51 -8.72 11.67
CA HIS B 35 9.38 -10.10 11.26
C HIS B 35 8.24 -10.80 12.01
N ASP B 36 8.10 -10.50 13.30
CA ASP B 36 6.95 -10.99 14.04
C ASP B 36 5.66 -10.44 13.47
N ALA B 37 5.67 -9.16 13.07
CA ALA B 37 4.48 -8.54 12.51
C ALA B 37 4.06 -9.22 11.22
N ILE B 38 5.00 -9.46 10.31
CA ILE B 38 4.66 -10.11 9.05
C ILE B 38 4.23 -11.55 9.31
N HIS B 39 4.86 -12.21 10.29
CA HIS B 39 4.47 -13.57 10.63
C HIS B 39 3.02 -13.63 11.08
N MET B 40 2.63 -12.75 12.01
CA MET B 40 1.25 -12.79 12.51
C MET B 40 0.26 -12.35 11.44
N ALA B 41 0.67 -11.39 10.60
CA ALA B 41 -0.22 -10.95 9.51
C ALA B 41 -0.51 -12.09 8.55
N ALA B 42 0.52 -12.86 8.20
CA ALA B 42 0.30 -14.03 7.36
C ALA B 42 -0.49 -15.11 8.08
N ASP B 43 -0.28 -15.25 9.39
CA ASP B 43 -0.93 -16.34 10.12
C ASP B 43 -2.42 -16.10 10.33
N ASN B 44 -2.82 -14.86 10.54
CA ASN B 44 -4.21 -14.54 10.84
C ASN B 44 -5.03 -14.25 9.58
N ALA B 45 -4.56 -14.69 8.42
CA ALA B 45 -5.24 -14.43 7.16
C ALA B 45 -5.77 -15.70 6.50
N VAL B 46 -5.14 -16.85 6.75
CA VAL B 46 -5.50 -18.10 6.09
C VAL B 46 -6.94 -18.48 6.46
N PRO B 47 -7.77 -18.83 5.49
CA PRO B 47 -9.13 -19.27 5.80
C PRO B 47 -9.13 -20.59 6.54
N HIS B 48 -10.23 -20.86 7.24
CA HIS B 48 -10.34 -22.04 8.09
C HIS B 48 -11.28 -23.10 7.55
N TYR B 49 -12.33 -22.70 6.84
CA TYR B 49 -13.30 -23.65 6.30
C TYR B 49 -12.72 -24.39 5.11
N TYR B 50 -13.05 -25.68 5.00
CA TYR B 50 -12.49 -26.51 3.93
C TYR B 50 -12.83 -25.97 2.55
N ALA B 51 -14.10 -25.65 2.32
CA ALA B 51 -14.53 -25.17 1.02
C ALA B 51 -13.84 -23.85 0.68
N ASP B 52 -13.69 -22.98 1.67
CA ASP B 52 -12.99 -21.71 1.45
C ASP B 52 -11.55 -21.95 1.02
N ILE B 53 -10.86 -22.87 1.69
CA ILE B 53 -9.46 -23.13 1.38
C ILE B 53 -9.34 -23.73 -0.02
N PHE B 54 -10.27 -24.62 -0.39
CA PHE B 54 -10.26 -25.16 -1.74
C PHE B 54 -10.50 -24.07 -2.78
N SER B 55 -11.43 -23.16 -2.49
CA SER B 55 -11.73 -22.09 -3.43
C SER B 55 -10.52 -21.18 -3.65
N VAL B 56 -9.84 -20.81 -2.57
CA VAL B 56 -8.66 -19.96 -2.72
C VAL B 56 -7.51 -20.75 -3.36
N MET B 57 -7.45 -22.06 -3.12
CA MET B 57 -6.46 -22.90 -3.79
C MET B 57 -6.66 -22.88 -5.30
N ALA B 58 -7.91 -22.98 -5.74
CA ALA B 58 -8.21 -23.06 -7.17
C ALA B 58 -8.12 -21.71 -7.88
N SER B 59 -7.91 -20.62 -7.16
CA SER B 59 -7.90 -19.28 -7.74
C SER B 59 -6.50 -18.89 -8.17
N GLU B 60 -6.42 -17.80 -8.92
CA GLU B 60 -5.13 -17.29 -9.41
C GLU B 60 -4.42 -16.50 -8.31
N GLY B 61 -3.12 -16.30 -8.51
CA GLY B 61 -2.34 -15.50 -7.58
C GLY B 61 -1.38 -16.33 -6.76
N ILE B 62 -1.70 -17.62 -6.59
CA ILE B 62 -0.88 -18.54 -5.84
C ILE B 62 -0.51 -19.71 -6.74
N ASP B 63 0.61 -20.36 -6.40
CA ASP B 63 1.20 -21.40 -7.24
C ASP B 63 1.08 -22.75 -6.56
N LEU B 64 0.85 -23.79 -7.35
CA LEU B 64 0.64 -25.12 -6.80
C LEU B 64 1.92 -25.67 -6.17
N GLU B 65 3.07 -25.35 -6.74
CA GLU B 65 4.33 -25.85 -6.21
C GLU B 65 4.64 -25.20 -4.86
N PHE B 66 5.43 -25.89 -4.06
CA PHE B 66 5.82 -25.41 -2.74
C PHE B 66 7.27 -24.94 -2.78
N GLU B 67 7.49 -23.71 -2.31
CA GLU B 67 8.81 -23.11 -2.43
C GLU B 67 9.82 -23.74 -1.48
N ASP B 68 9.43 -23.95 -0.22
CA ASP B 68 10.35 -24.41 0.82
C ASP B 68 9.82 -25.67 1.48
N SER B 69 10.73 -26.58 1.80
CA SER B 69 10.33 -27.82 2.46
C SER B 69 10.02 -27.61 3.94
N GLY B 70 10.64 -26.60 4.56
CA GLY B 70 10.42 -26.38 5.99
C GLY B 70 8.98 -26.01 6.31
N LEU B 71 8.33 -25.27 5.40
CA LEU B 71 6.96 -24.84 5.65
C LEU B 71 5.99 -26.02 5.62
N MET B 72 6.39 -27.12 5.01
CA MET B 72 5.50 -28.26 4.91
C MET B 72 5.33 -28.92 6.27
N PRO B 73 4.10 -29.04 6.77
CA PRO B 73 3.86 -29.79 8.00
C PRO B 73 3.96 -31.29 7.75
N ASP B 74 4.32 -32.01 8.81
CA ASP B 74 4.47 -33.45 8.73
C ASP B 74 3.21 -34.14 9.24
N THR B 75 2.13 -34.13 8.46
CA THR B 75 0.85 -34.68 8.87
C THR B 75 0.24 -35.46 7.73
N LYS B 76 -0.75 -36.30 8.07
CA LYS B 76 -1.54 -37.02 7.10
C LYS B 76 -2.70 -36.22 6.56
N ASP B 77 -2.91 -35.01 7.06
CA ASP B 77 -3.99 -34.15 6.60
C ASP B 77 -3.54 -33.32 5.40
N VAL B 78 -4.45 -33.09 4.47
CA VAL B 78 -4.10 -32.35 3.25
C VAL B 78 -4.47 -30.87 3.37
N ILE B 79 -5.58 -30.56 4.05
CA ILE B 79 -5.99 -29.17 4.16
C ILE B 79 -4.97 -28.39 4.98
N ARG B 80 -4.25 -29.08 5.86
CA ARG B 80 -3.14 -28.47 6.59
C ARG B 80 -2.05 -28.02 5.63
N ILE B 81 -1.70 -28.88 4.67
CA ILE B 81 -0.69 -28.53 3.68
C ILE B 81 -1.16 -27.36 2.82
N LEU B 82 -2.44 -27.36 2.45
CA LEU B 82 -2.96 -26.25 1.65
C LEU B 82 -2.88 -24.93 2.44
N GLN B 83 -3.23 -24.96 3.72
CA GLN B 83 -3.11 -23.77 4.56
C GLN B 83 -1.66 -23.32 4.62
N ALA B 84 -0.72 -24.26 4.74
CA ALA B 84 0.69 -23.90 4.79
C ALA B 84 1.13 -23.21 3.49
N ARG B 85 0.69 -23.72 2.35
CA ARG B 85 1.04 -23.11 1.07
C ARG B 85 0.49 -21.69 0.97
N ILE B 86 -0.77 -21.51 1.36
CA ILE B 86 -1.36 -20.17 1.34
C ILE B 86 -0.59 -19.25 2.27
N TYR B 87 -0.20 -19.76 3.44
CA TYR B 87 0.55 -18.96 4.40
C TYR B 87 1.89 -18.51 3.82
N GLU B 88 2.58 -19.42 3.13
CA GLU B 88 3.86 -19.06 2.52
C GLU B 88 3.69 -17.98 1.45
N GLN B 89 2.70 -18.15 0.58
CA GLN B 89 2.48 -17.14 -0.45
C GLN B 89 2.15 -15.79 0.17
N LEU B 90 1.28 -15.79 1.18
CA LEU B 90 0.87 -14.56 1.85
C LEU B 90 2.08 -13.87 2.47
N THR B 91 2.91 -14.62 3.19
CA THR B 91 4.03 -13.99 3.88
C THR B 91 5.05 -13.45 2.88
N ILE B 92 5.24 -14.14 1.75
CA ILE B 92 6.18 -13.64 0.74
C ILE B 92 5.71 -12.31 0.18
N ASP B 93 4.45 -12.25 -0.28
CA ASP B 93 3.97 -11.01 -0.89
C ASP B 93 3.87 -9.90 0.15
N LEU B 94 3.45 -10.23 1.36
CA LEU B 94 3.30 -9.24 2.40
C LEU B 94 4.64 -8.66 2.82
N TRP B 95 5.69 -9.49 2.90
CA TRP B 95 7.02 -8.95 3.16
C TRP B 95 7.51 -8.11 1.99
N GLU B 96 7.08 -8.45 0.77
CA GLU B 96 7.43 -7.60 -0.36
C GLU B 96 6.85 -6.19 -0.22
N ASP B 97 5.61 -6.09 0.24
CA ASP B 97 4.99 -4.77 0.39
C ASP B 97 5.30 -4.09 1.72
N ALA B 98 5.87 -4.85 2.67
CA ALA B 98 6.09 -4.32 4.01
C ALA B 98 7.08 -3.17 4.03
N GLU B 99 8.06 -3.18 3.11
CA GLU B 99 9.02 -2.09 3.08
C GLU B 99 8.35 -0.76 2.76
N ASP B 100 7.45 -0.76 1.78
CA ASP B 100 6.72 0.46 1.47
C ASP B 100 5.78 0.85 2.61
N LEU B 101 5.15 -0.13 3.25
CA LEU B 101 4.25 0.20 4.36
C LEU B 101 5.01 0.84 5.51
N LEU B 102 6.14 0.28 5.90
CA LEU B 102 6.93 0.85 6.98
C LEU B 102 7.53 2.19 6.56
N ASN B 103 7.85 2.36 5.28
CA ASN B 103 8.31 3.65 4.80
C ASN B 103 7.22 4.70 4.95
N GLU B 104 5.97 4.32 4.66
CA GLU B 104 4.84 5.23 4.90
C GLU B 104 4.73 5.60 6.37
N TYR B 105 4.86 4.60 7.26
CA TYR B 105 4.80 4.90 8.69
C TYR B 105 5.99 5.75 9.14
N LEU B 106 7.10 5.74 8.39
CA LEU B 106 8.23 6.60 8.73
C LEU B 106 7.84 8.07 8.67
N GLU B 107 6.92 8.44 7.78
CA GLU B 107 6.43 9.82 7.77
C GLU B 107 5.77 10.17 9.09
N GLU B 108 4.92 9.27 9.61
CA GLU B 108 4.27 9.51 10.89
C GLU B 108 5.28 9.60 12.03
N VAL B 109 6.26 8.69 12.03
CA VAL B 109 7.26 8.72 13.10
C VAL B 109 8.27 9.84 12.93
N GLU B 110 8.26 10.52 11.78
CA GLU B 110 9.20 11.62 11.55
C GLU B 110 8.96 12.77 12.51
N GLU B 111 7.70 13.13 12.74
CA GLU B 111 7.36 14.23 13.62
C GLU B 111 7.11 13.73 15.04
N TYR B 112 7.05 14.66 15.97
CA TYR B 112 6.96 14.33 17.39
C TYR B 112 5.58 14.55 17.98
N GLU B 113 4.68 15.24 17.28
CA GLU B 113 3.29 15.36 17.72
C GLU B 113 2.34 14.68 16.75
N GLU B 114 2.33 15.08 15.47
CA GLU B 114 1.53 14.44 14.44
C GLU B 114 2.30 14.50 13.13
N ASP B 115 2.01 13.55 12.25
CA ASP B 115 2.66 13.52 10.94
C ASP B 115 2.43 14.82 10.18
N GLU B 116 1.17 15.24 10.10
CA GLU B 116 0.83 16.49 9.42
C GLU B 116 1.02 17.71 10.29
N GLU B 117 1.13 17.54 11.61
CA GLU B 117 1.28 18.66 12.55
C GLU B 117 0.20 19.72 12.37
N ALA C 2 -16.49 -23.97 -11.21
CA ALA C 2 -16.68 -23.12 -12.38
C ALA C 2 -16.06 -23.74 -13.62
N MET C 3 -14.73 -23.84 -13.62
CA MET C 3 -14.02 -24.47 -14.73
C MET C 3 -14.21 -25.97 -14.77
N SER C 4 -14.60 -26.59 -13.66
CA SER C 4 -14.77 -28.03 -13.59
C SER C 4 -15.86 -28.36 -12.57
N ASN C 5 -16.73 -29.30 -12.92
CA ASN C 5 -17.86 -29.67 -12.07
C ASN C 5 -17.93 -31.15 -11.74
N MET C 6 -17.06 -31.99 -12.29
CA MET C 6 -17.14 -33.42 -12.04
C MET C 6 -16.81 -33.68 -10.58
N THR C 7 -17.50 -34.66 -10.00
CA THR C 7 -17.34 -35.03 -8.60
C THR C 7 -16.73 -36.42 -8.51
N TYR C 8 -16.70 -36.96 -7.30
CA TYR C 8 -16.09 -38.26 -7.09
C TYR C 8 -16.80 -39.46 -7.71
N ASN C 9 -18.13 -39.43 -7.73
CA ASN C 9 -18.88 -40.58 -8.24
C ASN C 9 -18.69 -40.78 -9.74
N ASN C 10 -18.42 -39.71 -10.48
CA ASN C 10 -18.14 -39.87 -11.91
C ASN C 10 -16.87 -40.69 -12.07
N VAL C 11 -15.83 -40.36 -11.31
CA VAL C 11 -14.59 -41.12 -11.35
C VAL C 11 -14.83 -42.55 -10.89
N PHE C 12 -15.70 -42.72 -9.88
CA PHE C 12 -16.07 -44.05 -9.43
C PHE C 12 -16.68 -44.86 -10.57
N ASP C 13 -17.60 -44.25 -11.32
CA ASP C 13 -18.25 -44.94 -12.42
C ASP C 13 -17.23 -45.34 -13.49
N HIS C 14 -16.32 -44.42 -13.82
CA HIS C 14 -15.31 -44.71 -14.83
C HIS C 14 -14.41 -45.86 -14.38
N ALA C 15 -13.98 -45.84 -13.13
CA ALA C 15 -13.13 -46.91 -12.61
C ALA C 15 -13.88 -48.23 -12.59
N TYR C 16 -15.17 -48.21 -12.25
CA TYR C 16 -15.97 -49.42 -12.25
C TYR C 16 -16.05 -50.00 -13.66
N GLU C 17 -16.23 -49.14 -14.66
CA GLU C 17 -16.28 -49.61 -16.04
C GLU C 17 -14.94 -50.21 -16.47
N MET C 18 -13.84 -49.57 -16.09
CA MET C 18 -12.53 -50.12 -16.44
C MET C 18 -12.30 -51.46 -15.76
N LEU C 19 -12.73 -51.61 -14.50
CA LEU C 19 -12.61 -52.90 -13.84
C LEU C 19 -13.45 -53.96 -14.54
N LYS C 20 -14.65 -53.58 -14.99
CA LYS C 20 -15.47 -54.51 -15.76
C LYS C 20 -14.75 -54.94 -17.03
N GLU C 21 -14.14 -54.00 -17.74
CA GLU C 21 -13.41 -54.34 -18.95
C GLU C 21 -12.24 -55.26 -18.65
N ASN C 22 -11.53 -55.01 -17.55
CA ASN C 22 -10.37 -55.83 -17.22
C ASN C 22 -10.78 -57.25 -16.83
N ILE C 23 -11.83 -57.39 -16.03
CA ILE C 23 -12.29 -58.73 -15.66
C ILE C 23 -12.86 -59.43 -16.88
N ARG C 24 -13.36 -58.67 -17.86
CA ARG C 24 -13.88 -59.28 -19.08
C ARG C 24 -12.74 -59.77 -19.98
N TYR C 25 -11.66 -59.01 -20.06
CA TYR C 25 -10.58 -59.27 -21.00
C TYR C 25 -9.52 -60.22 -20.47
N ASP C 26 -9.04 -60.01 -19.25
CA ASP C 26 -7.90 -60.76 -18.74
C ASP C 26 -8.25 -62.16 -18.26
N ASP C 27 -9.54 -62.49 -18.15
CA ASP C 27 -10.01 -63.82 -17.74
C ASP C 27 -9.45 -64.18 -16.36
N ILE C 28 -9.86 -63.38 -15.38
CA ILE C 28 -9.42 -63.55 -14.00
C ILE C 28 -10.44 -64.41 -13.26
N ARG C 29 -9.95 -65.38 -12.49
CA ARG C 29 -10.80 -66.27 -11.71
C ARG C 29 -10.27 -66.43 -10.29
N ASP C 30 -9.72 -65.34 -9.73
CA ASP C 30 -9.17 -65.38 -8.39
C ASP C 30 -9.10 -63.95 -7.86
N THR C 31 -9.28 -63.80 -6.55
CA THR C 31 -9.19 -62.49 -5.93
C THR C 31 -7.78 -61.91 -6.08
N ASP C 32 -6.76 -62.69 -5.75
CA ASP C 32 -5.39 -62.23 -5.94
C ASP C 32 -5.08 -61.97 -7.40
N ASP C 33 -5.72 -62.70 -8.31
CA ASP C 33 -5.55 -62.43 -9.73
C ASP C 33 -6.14 -61.09 -10.13
N LEU C 34 -7.27 -60.71 -9.54
CA LEU C 34 -7.88 -59.42 -9.84
C LEU C 34 -7.33 -58.28 -8.99
N HIS C 35 -6.40 -58.57 -8.07
CA HIS C 35 -5.78 -57.49 -7.32
C HIS C 35 -5.09 -56.49 -8.24
N ASP C 36 -4.31 -56.98 -9.21
CA ASP C 36 -3.68 -56.08 -10.17
C ASP C 36 -4.72 -55.37 -11.03
N ALA C 37 -5.81 -56.06 -11.35
CA ALA C 37 -6.86 -55.45 -12.17
C ALA C 37 -7.47 -54.25 -11.45
N ILE C 38 -7.85 -54.43 -10.17
CA ILE C 38 -8.44 -53.32 -9.44
C ILE C 38 -7.41 -52.22 -9.21
N HIS C 39 -6.14 -52.60 -9.01
CA HIS C 39 -5.10 -51.60 -8.85
C HIS C 39 -4.99 -50.73 -10.09
N MET C 40 -5.00 -51.34 -11.28
CA MET C 40 -4.86 -50.56 -12.50
C MET C 40 -6.12 -49.78 -12.80
N ALA C 41 -7.30 -50.32 -12.47
CA ALA C 41 -8.54 -49.59 -12.66
C ALA C 41 -8.56 -48.34 -11.80
N ALA C 42 -8.16 -48.47 -10.54
CA ALA C 42 -8.07 -47.29 -9.68
C ALA C 42 -7.00 -46.32 -10.17
N ASP C 43 -5.90 -46.83 -10.70
CA ASP C 43 -4.80 -45.97 -11.15
C ASP C 43 -5.23 -45.10 -12.32
N ASN C 44 -5.96 -45.67 -13.28
CA ASN C 44 -6.31 -44.93 -14.49
C ASN C 44 -7.24 -43.76 -14.21
N ALA C 45 -8.27 -43.97 -13.39
CA ALA C 45 -9.32 -42.97 -13.19
C ALA C 45 -8.75 -41.85 -12.34
N VAL C 46 -8.10 -40.89 -13.01
CA VAL C 46 -7.50 -39.73 -12.35
C VAL C 46 -7.91 -38.48 -13.12
N PRO C 47 -8.36 -37.42 -12.45
CA PRO C 47 -8.81 -36.23 -13.19
C PRO C 47 -7.74 -35.61 -14.08
N HIS C 48 -6.48 -35.60 -13.64
CA HIS C 48 -5.36 -35.12 -14.45
C HIS C 48 -5.56 -33.68 -14.92
N TYR C 49 -6.06 -32.81 -14.05
CA TYR C 49 -6.29 -31.41 -14.39
C TYR C 49 -6.51 -30.63 -13.11
N TYR C 50 -5.96 -29.41 -13.05
CA TYR C 50 -6.00 -28.62 -11.83
C TYR C 50 -7.43 -28.41 -11.33
N ALA C 51 -8.26 -27.77 -12.16
CA ALA C 51 -9.64 -27.52 -11.75
C ALA C 51 -10.41 -28.81 -11.54
N ASP C 52 -10.12 -29.83 -12.35
CA ASP C 52 -10.80 -31.12 -12.18
C ASP C 52 -10.48 -31.75 -10.84
N ILE C 53 -9.20 -31.79 -10.47
CA ILE C 53 -8.82 -32.38 -9.18
C ILE C 53 -9.39 -31.55 -8.05
N PHE C 54 -9.37 -30.22 -8.18
CA PHE C 54 -9.90 -29.37 -7.12
C PHE C 54 -11.41 -29.59 -6.93
N SER C 55 -12.16 -29.69 -8.02
CA SER C 55 -13.60 -29.93 -7.90
C SER C 55 -13.88 -31.32 -7.33
N VAL C 56 -13.14 -32.33 -7.77
CA VAL C 56 -13.32 -33.67 -7.24
C VAL C 56 -13.04 -33.69 -5.74
N MET C 57 -12.00 -32.97 -5.30
CA MET C 57 -11.72 -32.86 -3.87
C MET C 57 -12.82 -32.14 -3.12
N ALA C 58 -13.37 -31.07 -3.69
CA ALA C 58 -14.43 -30.31 -3.03
C ALA C 58 -15.74 -31.06 -2.99
N SER C 59 -15.89 -32.12 -3.78
CA SER C 59 -17.10 -32.91 -3.77
C SER C 59 -17.17 -33.80 -2.53
N GLU C 60 -18.30 -34.45 -2.35
CA GLU C 60 -18.56 -35.33 -1.22
C GLU C 60 -18.26 -36.77 -1.61
N GLY C 61 -18.39 -37.67 -0.63
CA GLY C 61 -18.17 -39.08 -0.84
C GLY C 61 -16.73 -39.52 -0.79
N ILE C 62 -15.79 -38.62 -0.48
CA ILE C 62 -14.39 -38.96 -0.40
C ILE C 62 -13.83 -38.37 0.89
N ASP C 63 -13.07 -39.19 1.63
CA ASP C 63 -12.47 -38.73 2.87
C ASP C 63 -11.38 -37.70 2.58
N LEU C 64 -11.25 -36.73 3.48
CA LEU C 64 -10.29 -35.65 3.35
C LEU C 64 -8.97 -35.95 4.05
N GLU C 65 -8.83 -37.14 4.63
CA GLU C 65 -7.63 -37.52 5.35
C GLU C 65 -7.18 -38.90 4.91
N PHE C 66 -5.86 -39.07 4.80
CA PHE C 66 -5.30 -40.35 4.38
C PHE C 66 -5.51 -41.41 5.43
N GLU C 67 -5.60 -42.67 4.99
CA GLU C 67 -5.65 -43.80 5.91
C GLU C 67 -4.32 -44.50 6.03
N ASP C 68 -3.43 -44.38 5.04
CA ASP C 68 -2.13 -45.03 5.05
C ASP C 68 -1.05 -43.97 4.86
N SER C 69 0.00 -44.04 5.68
CA SER C 69 1.11 -43.10 5.54
C SER C 69 2.05 -43.47 4.41
N GLY C 70 2.05 -44.72 3.97
CA GLY C 70 2.92 -45.11 2.87
C GLY C 70 2.52 -44.50 1.55
N LEU C 71 1.24 -44.18 1.39
CA LEU C 71 0.76 -43.61 0.14
C LEU C 71 1.29 -42.20 -0.09
N MET C 72 1.88 -41.59 0.93
CA MET C 72 2.47 -40.25 0.83
C MET C 72 3.42 -40.15 -0.36
N PRO C 73 3.11 -39.32 -1.35
CA PRO C 73 4.09 -39.02 -2.39
C PRO C 73 5.01 -37.89 -1.93
N ASP C 74 6.31 -38.16 -1.92
CA ASP C 74 7.28 -37.19 -1.42
C ASP C 74 7.64 -36.24 -2.56
N THR C 75 6.90 -35.14 -2.64
CA THR C 75 7.14 -34.13 -3.67
C THR C 75 6.55 -32.81 -3.19
N LYS C 76 7.02 -31.73 -3.80
CA LYS C 76 6.55 -30.39 -3.46
C LYS C 76 5.47 -29.93 -4.44
N ASP C 77 4.41 -30.74 -4.55
CA ASP C 77 3.29 -30.43 -5.42
C ASP C 77 2.02 -30.92 -4.75
N VAL C 78 1.04 -30.03 -4.58
CA VAL C 78 -0.22 -30.40 -3.94
C VAL C 78 -1.00 -31.37 -4.81
N ILE C 79 -0.91 -31.20 -6.14
CA ILE C 79 -1.71 -32.01 -7.05
C ILE C 79 -1.34 -33.47 -6.94
N ARG C 80 -0.06 -33.77 -6.73
CA ARG C 80 0.37 -35.16 -6.57
C ARG C 80 -0.26 -35.78 -5.33
N ILE C 81 -0.29 -35.05 -4.22
CA ILE C 81 -0.88 -35.56 -2.99
C ILE C 81 -2.37 -35.79 -3.16
N LEU C 82 -3.06 -34.84 -3.79
CA LEU C 82 -4.49 -34.98 -4.02
C LEU C 82 -4.78 -36.18 -4.91
N GLN C 83 -3.98 -36.36 -5.96
CA GLN C 83 -4.14 -37.51 -6.83
C GLN C 83 -3.92 -38.81 -6.06
N ALA C 84 -2.93 -38.82 -5.16
CA ALA C 84 -2.69 -40.01 -4.36
C ALA C 84 -3.88 -40.33 -3.47
N ARG C 85 -4.48 -39.31 -2.85
CA ARG C 85 -5.65 -39.55 -2.02
C ARG C 85 -6.81 -40.10 -2.84
N ILE C 86 -7.04 -39.52 -4.02
CA ILE C 86 -8.13 -39.99 -4.87
C ILE C 86 -7.89 -41.43 -5.28
N TYR C 87 -6.65 -41.75 -5.65
CA TYR C 87 -6.32 -43.12 -6.06
C TYR C 87 -6.51 -44.09 -4.91
N GLU C 88 -6.12 -43.70 -3.70
CA GLU C 88 -6.29 -44.57 -2.54
C GLU C 88 -7.77 -44.84 -2.27
N GLN C 89 -8.60 -43.79 -2.32
CA GLN C 89 -10.02 -43.97 -2.11
C GLN C 89 -10.64 -44.88 -3.16
N LEU C 90 -10.24 -44.69 -4.42
CA LEU C 90 -10.74 -45.54 -5.49
C LEU C 90 -10.32 -47.00 -5.28
N THR C 91 -9.07 -47.19 -4.84
CA THR C 91 -8.60 -48.54 -4.57
C THR C 91 -9.42 -49.21 -3.47
N ILE C 92 -9.71 -48.47 -2.40
CA ILE C 92 -10.49 -49.03 -1.31
C ILE C 92 -11.89 -49.41 -1.79
N ASP C 93 -12.53 -48.50 -2.53
CA ASP C 93 -13.89 -48.78 -2.99
C ASP C 93 -13.92 -49.96 -3.96
N LEU C 94 -12.98 -50.03 -4.90
CA LEU C 94 -12.95 -51.12 -5.86
C LEU C 94 -12.67 -52.44 -5.16
N TRP C 95 -11.80 -52.44 -4.15
CA TRP C 95 -11.60 -53.65 -3.36
C TRP C 95 -12.89 -54.06 -2.67
N GLU C 96 -13.64 -53.09 -2.16
CA GLU C 96 -14.90 -53.40 -1.51
C GLU C 96 -15.91 -54.00 -2.48
N ASP C 97 -15.84 -53.60 -3.75
CA ASP C 97 -16.83 -54.08 -4.72
C ASP C 97 -16.18 -54.86 -5.86
N ALA C 98 -15.29 -55.78 -5.54
CA ALA C 98 -14.57 -56.55 -6.55
C ALA C 98 -15.13 -57.94 -6.77
N GLU C 99 -15.60 -58.61 -5.72
CA GLU C 99 -15.97 -60.02 -5.85
C GLU C 99 -17.23 -60.22 -6.68
N ASP C 100 -18.10 -59.21 -6.74
CA ASP C 100 -19.32 -59.34 -7.53
C ASP C 100 -19.00 -59.48 -9.01
N LEU C 101 -18.05 -58.69 -9.51
CA LEU C 101 -17.66 -58.80 -10.91
C LEU C 101 -16.97 -60.13 -11.18
N LEU C 102 -16.17 -60.59 -10.22
CA LEU C 102 -15.57 -61.93 -10.32
C LEU C 102 -16.65 -63.00 -10.50
N ASN C 103 -17.67 -62.95 -9.64
CA ASN C 103 -18.74 -63.93 -9.67
C ASN C 103 -19.48 -63.86 -11.00
N GLU C 104 -19.77 -62.64 -11.46
CA GLU C 104 -20.50 -62.50 -12.72
C GLU C 104 -19.69 -63.06 -13.88
N TYR C 105 -18.38 -62.80 -13.91
CA TYR C 105 -17.57 -63.28 -15.03
C TYR C 105 -17.48 -64.79 -15.05
N LEU C 106 -17.32 -65.42 -13.87
CA LEU C 106 -17.29 -66.88 -13.86
C LEU C 106 -18.67 -67.50 -14.12
N GLU C 107 -19.76 -66.78 -13.83
CA GLU C 107 -21.07 -67.30 -14.20
C GLU C 107 -21.35 -67.20 -15.69
N GLU C 108 -20.93 -66.12 -16.34
CA GLU C 108 -21.06 -66.02 -17.79
C GLU C 108 -20.02 -66.85 -18.53
N VAL C 109 -18.98 -67.30 -17.83
CA VAL C 109 -17.94 -68.15 -18.41
C VAL C 109 -18.09 -69.59 -17.95
N GLU C 110 -19.03 -69.88 -17.04
CA GLU C 110 -19.17 -71.20 -16.44
C GLU C 110 -19.36 -72.27 -17.52
N GLU C 111 -18.68 -73.41 -17.31
CA GLU C 111 -18.67 -74.54 -18.27
C GLU C 111 -18.14 -73.99 -19.59
N TYR C 112 -18.75 -74.29 -20.73
CA TYR C 112 -18.32 -73.73 -22.00
C TYR C 112 -19.09 -72.45 -22.26
N GLU C 113 -18.36 -71.34 -22.43
CA GLU C 113 -18.90 -69.98 -22.41
C GLU C 113 -20.06 -69.83 -21.44
N GLU C 114 -21.26 -69.53 -21.95
CA GLU C 114 -22.42 -69.27 -21.10
C GLU C 114 -23.14 -70.58 -20.80
N ASP C 115 -22.50 -71.42 -20.01
CA ASP C 115 -23.10 -72.64 -19.46
C ASP C 115 -23.61 -73.56 -20.59
N GLU C 116 -22.67 -74.06 -21.37
CA GLU C 116 -22.97 -74.94 -22.49
C GLU C 116 -22.44 -76.35 -22.30
N GLU C 117 -21.15 -76.51 -22.03
CA GLU C 117 -20.57 -77.83 -21.84
C GLU C 117 -19.85 -77.92 -20.49
#